data_8ISK
#
_entry.id   8ISK
#
_cell.length_a   1.00
_cell.length_b   1.00
_cell.length_c   1.00
_cell.angle_alpha   90.00
_cell.angle_beta   90.00
_cell.angle_gamma   90.00
#
_symmetry.space_group_name_H-M   'P 1'
#
loop_
_entity.id
_entity.type
_entity.pdbx_description
1 polymer Phytochrome
2 non-polymer '3-[5-[[(3~{R},4~{R})-3-ethyl-4-methyl-5-oxidanylidene-3,4-dihydropyrrol-2-yl]methyl]-2-[[5-[(4-ethyl-3-methyl-5-oxidanylidene-pyrrol-2-yl)methyl]-3-(3-hydroxy-3-oxopropyl)-4-methyl-1~{H}-pyrrol-2-yl]methyl]-4-methyl-1~{H}-pyrrol-3-yl]propanoic acid'
#
_entity_poly.entity_id   1
_entity_poly.type   'polypeptide(L)'
_entity_poly.pdbx_seq_one_letter_code
;MSSLRPAQSSSSSSRTRQSSQARILAQTTLDAELNAEYEESGDSFDYSKLVEAQRSTPPEQQGRSGKVIAYLQHIQRGKL
IQPFGCLLALDEKSFRVIAFSENAPEMLTTVSHAVPNVDDPPKLGIGTNVRSLFTDPGATALQKALGFADVSLLNPILVQ
CKTSGKPFYAIVHRATGCLVVDFEPVKPTEFPATAAGALQSYKLAAKAISKIQSLPGGSMQALCNTVVKEVFDLTGYDRV
MAYKFHEDEHGEVFAEITKPGIEPYLGLHYPATDIPQAARFLFMKNKVRMICDCRARSVKIIEDEALSIDISLCGSTLRA
PHSCHLQYMENMNSIASLVMAVVVNENEDDDEPESEQPPQQQKRKKLWGLIVCHHESPRYVPFPLRYACEFLAQVFAVHV
NKEFELEKQIREKSILRMQTMLSDMLFKESSPLSIVSGSPNIMDLVKCDGAALLYGDKVWRLQTAPTESQIRDIAFWLSE
VHGDSTGLSTDSLQDAGYPGAASLGDMICGMAVAKITSKDILFWFRSHTAAEIKWGGAKHDPSDEDDSRRMHPRLSFKAF
LEVVKMKSLPWSDYEMDAIHSLQLILRGTLNDALKPAQSSGLDNQIGDLKLDGLAELQAVTSEMVRLMETATVPILAVDG
NGLVNGWNQKVADLSGLRVDEAIGRHILTLVEDSSVPIVQRMLYLALQGREEKEVRFELKTHGSKRDDGPVILVVNACAS
RDMHDHVVGVCFVAQDMTVHKLVMDKFTRVEGDYRAIIHNPNPLIPPIFGADQFGWCSEWNAAMTKLTGWHRDEVIDRML
LGEVFDSSNASCLLKSKDAFVRLCIIINSALAGEEAEKAPIGFFDRDGKYIECLLSVNRKVNADGVVTGVFCFIHVPSDD
LQHALHVQQASEQTALRRLKAFSYMRHAIDKPLSGMLYSRETLKGTDLDEEQMRQVRVADNCHRQLNKILADLDQDNITD
KSSCLDLDMAEFVLQDVVVSAVSQVLIGCQGKGIRVACNLPERSMKQKVYGDGIRLQQILSDFLFVSVKFSPAGGSVDIS
SKLTKNSIGENLHLIDFELRIKHQGAGVPAEILSQMYGEDNREQSEEGLSLLVSRNLLRLMNGDIRHLREAGMSTFILTA
ELAAA
;
_entity_poly.pdbx_strand_id   A,B
#
loop_
_chem_comp.id
_chem_comp.type
_chem_comp.name
_chem_comp.formula
O6E non-polymer '3-[5-[[(3~{R},4~{R})-3-ethyl-4-methyl-5-oxidanylidene-3,4-dihydropyrrol-2-yl]methyl]-2-[[5-[(4-ethyl-3-methyl-5-oxidanylidene-pyrrol-2-yl)methyl]-3-(3-hydroxy-3-oxopropyl)-4-methyl-1~{H}-pyrrol-2-yl]methyl]-4-methyl-1~{H}-pyrrol-3-yl]propanoic acid' 'C33 H38 N4 O6'
#
# COMPACT_ATOMS: atom_id res chain seq x y z
N GLN A 73 -17.28 -31.80 -42.97
CA GLN A 73 -17.98 -33.06 -43.16
C GLN A 73 -17.00 -34.22 -43.35
N HIS A 74 -16.09 -34.06 -44.30
CA HIS A 74 -15.04 -35.05 -44.55
C HIS A 74 -13.72 -34.66 -43.90
N ILE A 75 -13.80 -34.01 -42.74
CA ILE A 75 -12.62 -33.52 -42.02
C ILE A 75 -11.80 -34.68 -41.47
N GLN A 76 -12.35 -35.89 -41.52
CA GLN A 76 -11.66 -37.06 -41.00
C GLN A 76 -11.69 -38.19 -42.03
N ARG A 77 -12.54 -38.07 -43.05
CA ARG A 77 -12.68 -39.13 -44.04
C ARG A 77 -11.50 -39.13 -45.01
N GLY A 78 -10.97 -37.96 -45.33
CA GLY A 78 -9.89 -37.86 -46.30
C GLY A 78 -8.62 -38.57 -45.90
N LYS A 79 -8.22 -39.57 -46.67
CA LYS A 79 -7.01 -40.35 -46.41
C LYS A 79 -5.80 -39.78 -47.17
N LEU A 80 -5.57 -38.49 -47.03
CA LEU A 80 -4.49 -37.80 -47.73
C LEU A 80 -3.64 -37.02 -46.74
N ILE A 81 -2.33 -37.02 -46.98
CA ILE A 81 -1.36 -36.35 -46.11
C ILE A 81 -0.39 -35.57 -46.98
N GLN A 82 0.01 -34.40 -46.49
CA GLN A 82 1.00 -33.59 -47.20
C GLN A 82 2.37 -34.23 -47.06
N PRO A 83 3.05 -34.55 -48.17
CA PRO A 83 4.30 -35.32 -48.06
C PRO A 83 5.48 -34.51 -47.55
N PHE A 84 5.47 -34.21 -46.24
CA PHE A 84 6.66 -33.71 -45.57
C PHE A 84 7.00 -34.54 -44.34
N GLY A 85 6.33 -35.68 -44.15
CA GLY A 85 6.62 -36.57 -43.05
C GLY A 85 5.87 -37.87 -43.21
N CYS A 86 6.30 -38.86 -42.43
CA CYS A 86 5.68 -40.17 -42.48
C CYS A 86 4.65 -40.34 -41.36
N LEU A 87 3.75 -41.30 -41.55
CA LEU A 87 2.68 -41.55 -40.59
C LEU A 87 2.45 -43.06 -40.47
N LEU A 88 2.31 -43.53 -39.23
CA LEU A 88 1.99 -44.93 -38.97
C LEU A 88 0.82 -45.00 -37.99
N ALA A 89 0.07 -46.09 -38.07
CA ALA A 89 -1.04 -46.35 -37.16
C ALA A 89 -0.70 -47.55 -36.28
N LEU A 90 -1.10 -47.48 -35.01
CA LEU A 90 -0.72 -48.46 -34.01
C LEU A 90 -1.96 -48.93 -33.26
N ASP A 91 -2.02 -50.23 -33.01
CA ASP A 91 -3.12 -50.82 -32.26
C ASP A 91 -3.08 -50.36 -30.81
N GLU A 92 -4.26 -50.31 -30.20
CA GLU A 92 -4.36 -49.86 -28.81
C GLU A 92 -3.66 -50.82 -27.86
N LYS A 93 -3.81 -52.12 -28.07
CA LYS A 93 -3.27 -53.14 -27.17
C LYS A 93 -2.06 -53.86 -27.73
N SER A 94 -2.15 -54.38 -28.95
CA SER A 94 -1.04 -55.15 -29.51
C SER A 94 0.18 -54.29 -29.81
N PHE A 95 0.02 -52.97 -29.88
CA PHE A 95 1.12 -52.05 -30.20
C PHE A 95 1.79 -52.43 -31.52
N ARG A 96 0.98 -52.81 -32.50
CA ARG A 96 1.45 -53.25 -33.81
C ARG A 96 0.92 -52.31 -34.88
N VAL A 97 1.65 -52.22 -35.98
CA VAL A 97 1.31 -51.32 -37.07
C VAL A 97 0.17 -51.90 -37.90
N ILE A 98 -0.82 -51.08 -38.23
CA ILE A 98 -1.93 -51.49 -39.08
C ILE A 98 -1.83 -50.79 -40.42
N ALA A 99 -1.62 -49.46 -40.40
CA ALA A 99 -1.63 -48.66 -41.62
C ALA A 99 -0.36 -47.83 -41.68
N PHE A 100 0.10 -47.59 -42.90
CA PHE A 100 1.33 -46.85 -43.14
C PHE A 100 1.15 -45.96 -44.36
N SER A 101 1.93 -44.88 -44.40
CA SER A 101 1.91 -43.98 -45.54
C SER A 101 2.70 -44.58 -46.71
N GLU A 102 2.35 -44.14 -47.92
CA GLU A 102 2.98 -44.68 -49.11
C GLU A 102 4.47 -44.36 -49.13
N ASN A 103 4.85 -43.16 -48.67
CA ASN A 103 6.25 -42.76 -48.64
C ASN A 103 7.00 -43.24 -47.40
N ALA A 104 6.29 -43.83 -46.44
CA ALA A 104 6.95 -44.32 -45.23
C ALA A 104 7.98 -45.41 -45.49
N PRO A 105 7.71 -46.44 -46.29
CA PRO A 105 8.73 -47.49 -46.50
C PRO A 105 10.03 -46.94 -47.10
N GLU A 106 9.95 -45.94 -47.97
CA GLU A 106 11.17 -45.40 -48.56
C GLU A 106 11.95 -44.55 -47.57
N MET A 107 11.25 -43.78 -46.73
CA MET A 107 11.91 -42.87 -45.80
C MET A 107 12.29 -43.54 -44.49
N LEU A 108 11.82 -44.76 -44.22
CA LEU A 108 12.12 -45.41 -42.96
C LEU A 108 12.95 -46.68 -43.07
N THR A 109 12.98 -47.33 -44.24
CA THR A 109 13.68 -48.59 -44.40
C THR A 109 14.88 -48.51 -45.33
N THR A 110 14.69 -48.01 -46.55
CA THR A 110 15.77 -47.95 -47.53
C THR A 110 16.62 -46.70 -47.33
N LYS A 123 10.92 -55.51 -44.66
CA LYS A 123 10.01 -54.67 -45.41
C LYS A 123 8.95 -54.05 -44.51
N LEU A 124 8.51 -52.84 -44.86
CA LEU A 124 7.48 -52.14 -44.08
C LEU A 124 6.09 -52.47 -44.64
N GLY A 125 5.69 -53.71 -44.40
CA GLY A 125 4.31 -54.11 -44.66
C GLY A 125 3.50 -53.98 -43.39
N ILE A 126 3.00 -55.09 -42.87
CA ILE A 126 2.43 -55.14 -41.52
C ILE A 126 3.54 -55.67 -40.62
N GLY A 127 4.36 -54.74 -40.11
CA GLY A 127 5.47 -55.13 -39.28
C GLY A 127 5.04 -55.64 -37.92
N THR A 128 5.97 -56.33 -37.26
CA THR A 128 5.66 -56.92 -35.96
C THR A 128 5.77 -55.89 -34.84
N ASN A 129 6.78 -55.02 -34.89
CA ASN A 129 6.97 -54.00 -33.87
C ASN A 129 7.76 -52.84 -34.44
N VAL A 130 7.51 -51.65 -33.90
CA VAL A 130 8.26 -50.46 -34.30
C VAL A 130 9.57 -50.31 -33.55
N ARG A 131 9.78 -51.07 -32.48
CA ARG A 131 11.02 -50.99 -31.72
C ARG A 131 12.22 -51.41 -32.58
N SER A 132 12.05 -52.47 -33.37
CA SER A 132 13.13 -52.97 -34.22
C SER A 132 13.50 -51.98 -35.33
N LEU A 133 12.65 -50.99 -35.59
CA LEU A 133 12.96 -50.02 -36.64
C LEU A 133 14.01 -49.01 -36.18
N PHE A 134 14.01 -48.67 -34.90
CA PHE A 134 14.88 -47.63 -34.35
C PHE A 134 15.88 -48.23 -33.37
N THR A 135 16.95 -47.47 -33.11
CA THR A 135 17.96 -47.90 -32.16
C THR A 135 17.37 -47.94 -30.74
N ASP A 136 18.13 -48.59 -29.84
CA ASP A 136 17.63 -48.82 -28.45
C ASP A 136 17.09 -47.55 -27.77
N PRO A 137 17.88 -46.50 -27.48
CA PRO A 137 17.37 -45.36 -26.71
C PRO A 137 16.02 -44.88 -27.26
N GLY A 138 15.97 -44.53 -28.55
CA GLY A 138 14.75 -44.00 -29.12
C GLY A 138 13.60 -45.01 -29.06
N ALA A 139 13.89 -46.28 -29.37
CA ALA A 139 12.85 -47.30 -29.30
C ALA A 139 12.31 -47.46 -27.88
N THR A 140 13.21 -47.47 -26.89
CA THR A 140 12.77 -47.56 -25.50
C THR A 140 11.92 -46.36 -25.11
N ALA A 141 12.35 -45.15 -25.49
CA ALA A 141 11.58 -43.97 -25.17
C ALA A 141 10.21 -44.00 -25.82
N LEU A 142 10.14 -44.43 -27.08
CA LEU A 142 8.87 -44.51 -27.78
C LEU A 142 7.94 -45.53 -27.14
N GLN A 143 8.48 -46.70 -26.77
CA GLN A 143 7.65 -47.70 -26.10
C GLN A 143 7.14 -47.19 -24.76
N LYS A 144 8.00 -46.51 -24.00
CA LYS A 144 7.56 -45.94 -22.73
C LYS A 144 6.45 -44.91 -22.94
N ALA A 145 6.65 -44.00 -23.91
CA ALA A 145 5.66 -42.96 -24.17
C ALA A 145 4.33 -43.57 -24.60
N LEU A 146 4.37 -44.61 -25.44
CA LEU A 146 3.15 -45.33 -25.78
C LEU A 146 2.55 -46.00 -24.55
N GLY A 147 3.37 -46.34 -23.57
CA GLY A 147 2.86 -46.96 -22.36
C GLY A 147 1.98 -46.04 -21.53
N PHE A 148 2.34 -44.77 -21.43
CA PHE A 148 1.62 -43.85 -20.56
C PHE A 148 0.18 -43.66 -21.02
N ALA A 149 -0.71 -43.45 -20.05
CA ALA A 149 -2.10 -43.15 -20.36
C ALA A 149 -2.22 -41.83 -21.11
N ASP A 150 -1.48 -40.81 -20.67
CA ASP A 150 -1.43 -39.52 -21.35
C ASP A 150 -0.16 -39.45 -22.18
N VAL A 151 -0.31 -39.11 -23.46
CA VAL A 151 0.80 -39.11 -24.40
C VAL A 151 1.18 -37.70 -24.84
N SER A 152 0.28 -36.72 -24.73
CA SER A 152 0.56 -35.37 -25.17
C SER A 152 1.66 -34.69 -24.36
N LEU A 153 2.05 -35.25 -23.22
CA LEU A 153 3.09 -34.65 -22.39
C LEU A 153 4.49 -34.94 -22.89
N LEU A 154 4.65 -35.83 -23.86
CA LEU A 154 5.95 -36.24 -24.38
C LEU A 154 5.94 -36.23 -25.90
N ASN A 155 5.37 -35.20 -26.51
CA ASN A 155 5.20 -35.17 -27.95
C ASN A 155 6.52 -35.19 -28.72
N PRO A 156 7.53 -34.34 -28.42
CA PRO A 156 8.78 -34.40 -29.17
C PRO A 156 9.66 -35.54 -28.68
N ILE A 157 9.77 -36.59 -29.50
CA ILE A 157 10.61 -37.75 -29.21
C ILE A 157 11.58 -37.91 -30.35
N LEU A 158 12.84 -37.51 -30.14
CA LEU A 158 13.88 -37.63 -31.15
C LEU A 158 14.26 -39.10 -31.28
N VAL A 159 14.17 -39.63 -32.50
CA VAL A 159 14.50 -41.02 -32.78
C VAL A 159 15.44 -41.09 -33.97
N GLN A 160 16.12 -42.23 -34.08
CA GLN A 160 17.08 -42.48 -35.15
C GLN A 160 16.76 -43.82 -35.80
N CYS A 161 16.95 -43.90 -37.12
CA CYS A 161 16.77 -45.14 -37.85
C CYS A 161 18.13 -45.82 -38.03
N LYS A 162 18.18 -47.11 -37.74
CA LYS A 162 19.46 -47.82 -37.73
C LYS A 162 20.11 -47.88 -39.11
N THR A 163 19.36 -47.63 -40.19
CA THR A 163 19.93 -47.72 -41.52
C THR A 163 21.01 -46.66 -41.74
N SER A 164 20.69 -45.39 -41.46
CA SER A 164 21.66 -44.32 -41.65
C SER A 164 21.62 -43.25 -40.57
N GLY A 165 20.89 -43.48 -39.48
CA GLY A 165 20.83 -42.50 -38.40
C GLY A 165 20.19 -41.18 -38.79
N LYS A 166 19.09 -41.23 -39.55
CA LYS A 166 18.37 -40.02 -39.90
C LYS A 166 17.51 -39.57 -38.73
N PRO A 167 17.68 -38.35 -38.22
CA PRO A 167 16.94 -37.92 -37.01
C PRO A 167 15.50 -37.56 -37.36
N PHE A 168 14.55 -38.15 -36.63
CA PHE A 168 13.14 -37.92 -36.83
C PHE A 168 12.49 -37.47 -35.52
N TYR A 169 11.72 -36.38 -35.59
CA TYR A 169 10.79 -36.07 -34.52
C TYR A 169 9.60 -37.01 -34.59
N ALA A 170 9.29 -37.65 -33.47
CA ALA A 170 8.23 -38.65 -33.40
C ALA A 170 7.15 -38.13 -32.46
N ILE A 171 6.04 -37.69 -33.03
CA ILE A 171 4.91 -37.15 -32.27
C ILE A 171 3.81 -38.20 -32.26
N VAL A 172 3.28 -38.48 -31.07
CA VAL A 172 2.31 -39.56 -30.89
C VAL A 172 1.00 -38.96 -30.43
N HIS A 173 -0.08 -39.28 -31.15
CA HIS A 173 -1.44 -38.90 -30.78
C HIS A 173 -2.23 -40.16 -30.48
N ARG A 174 -3.20 -40.04 -29.57
CA ARG A 174 -4.03 -41.17 -29.14
C ARG A 174 -5.48 -40.78 -29.30
N ALA A 175 -6.17 -41.39 -30.27
CA ALA A 175 -7.55 -41.00 -30.54
C ALA A 175 -8.31 -42.16 -31.16
N THR A 176 -9.62 -42.19 -30.91
CA THR A 176 -10.54 -43.17 -31.50
C THR A 176 -10.08 -44.59 -31.25
N GLY A 177 -9.51 -44.85 -30.08
CA GLY A 177 -9.04 -46.17 -29.74
C GLY A 177 -7.82 -46.64 -30.48
N CYS A 178 -7.07 -45.75 -31.12
CA CYS A 178 -5.89 -46.12 -31.86
C CYS A 178 -4.82 -45.06 -31.67
N LEU A 179 -3.56 -45.47 -31.86
CA LEU A 179 -2.43 -44.55 -31.80
C LEU A 179 -2.03 -44.16 -33.21
N VAL A 180 -1.61 -42.91 -33.38
CA VAL A 180 -1.10 -42.43 -34.66
C VAL A 180 0.22 -41.73 -34.40
N VAL A 181 1.27 -42.18 -35.09
CA VAL A 181 2.62 -41.65 -34.89
C VAL A 181 3.05 -40.94 -36.16
N ASP A 182 3.49 -39.69 -36.01
CA ASP A 182 3.97 -38.88 -37.11
C ASP A 182 5.47 -38.69 -36.96
N PHE A 183 6.20 -38.88 -38.04
CA PHE A 183 7.66 -38.76 -38.07
C PHE A 183 8.00 -37.61 -39.01
N GLU A 184 8.48 -36.52 -38.45
CA GLU A 184 8.90 -35.36 -39.23
C GLU A 184 10.41 -35.30 -39.27
N PRO A 185 11.03 -35.16 -40.44
CA PRO A 185 12.49 -35.14 -40.49
C PRO A 185 13.07 -33.98 -39.72
N VAL A 186 14.19 -34.23 -39.06
CA VAL A 186 14.93 -33.21 -38.33
C VAL A 186 16.01 -32.70 -39.27
N LYS A 187 15.89 -31.44 -39.69
CA LYS A 187 16.79 -30.89 -40.69
C LYS A 187 18.22 -30.85 -40.15
N PRO A 188 19.22 -31.19 -40.97
CA PRO A 188 20.61 -31.15 -40.48
C PRO A 188 21.13 -29.75 -40.20
N THR A 189 20.34 -28.71 -40.48
CA THR A 189 20.75 -27.36 -40.11
C THR A 189 21.02 -27.26 -38.62
N GLU A 190 20.01 -27.54 -37.80
CA GLU A 190 20.17 -27.69 -36.37
C GLU A 190 20.26 -29.17 -36.02
N PHE A 191 21.40 -29.76 -36.33
CA PHE A 191 21.60 -31.17 -35.97
C PHE A 191 21.56 -31.42 -34.46
N PRO A 192 22.18 -30.59 -33.59
CA PRO A 192 21.99 -30.83 -32.15
C PRO A 192 20.79 -30.05 -31.61
N ALA A 193 19.59 -30.51 -31.96
CA ALA A 193 18.37 -29.82 -31.55
C ALA A 193 18.24 -29.80 -30.02
N THR A 194 18.46 -30.96 -29.39
CA THR A 194 18.55 -31.09 -27.94
C THR A 194 17.33 -30.54 -27.20
N ALA A 195 16.19 -30.37 -27.90
CA ALA A 195 14.98 -29.92 -27.22
C ALA A 195 14.29 -31.08 -26.51
N ALA A 196 13.77 -32.05 -27.28
CA ALA A 196 13.27 -33.32 -26.78
C ALA A 196 12.35 -33.19 -25.57
N GLY A 197 11.59 -32.10 -25.48
CA GLY A 197 10.70 -31.93 -24.34
C GLY A 197 9.91 -30.64 -24.47
N ALA A 198 8.94 -30.50 -23.57
CA ALA A 198 8.09 -29.32 -23.50
C ALA A 198 8.68 -28.22 -22.62
N LEU A 199 9.98 -28.27 -22.35
CA LEU A 199 10.66 -27.27 -21.56
C LEU A 199 11.54 -26.33 -22.39
N GLN A 200 12.27 -26.87 -23.36
CA GLN A 200 13.05 -26.01 -24.26
C GLN A 200 12.14 -25.22 -25.19
N SER A 201 10.96 -25.76 -25.51
CA SER A 201 10.02 -25.04 -26.34
C SER A 201 9.63 -23.72 -25.70
N TYR A 202 9.40 -23.71 -24.37
CA TYR A 202 9.14 -22.46 -23.68
C TYR A 202 10.34 -21.52 -23.80
N LYS A 203 11.54 -22.01 -23.47
CA LYS A 203 12.70 -21.13 -23.43
C LYS A 203 13.03 -20.57 -24.81
N LEU A 204 12.49 -21.18 -25.87
CA LEU A 204 12.58 -20.54 -27.18
C LEU A 204 11.83 -19.21 -27.24
N ALA A 205 10.86 -19.00 -26.35
CA ALA A 205 9.96 -17.85 -26.41
C ALA A 205 9.79 -17.22 -25.03
N ALA A 206 10.90 -16.94 -24.34
CA ALA A 206 10.84 -16.29 -23.04
C ALA A 206 10.88 -14.78 -23.15
N LYS A 207 11.65 -14.24 -24.09
CA LYS A 207 11.77 -12.79 -24.23
C LYS A 207 10.44 -12.16 -24.67
N ALA A 208 9.71 -12.83 -25.55
CA ALA A 208 8.40 -12.32 -25.96
C ALA A 208 7.44 -12.29 -24.78
N ILE A 209 7.44 -13.34 -23.96
CA ILE A 209 6.58 -13.37 -22.78
C ILE A 209 6.96 -12.25 -21.82
N SER A 210 8.26 -12.01 -21.64
CA SER A 210 8.69 -10.90 -20.78
C SER A 210 8.23 -9.56 -21.34
N LYS A 211 8.25 -9.43 -22.68
CA LYS A 211 7.78 -8.19 -23.30
C LYS A 211 6.28 -7.98 -23.06
N ILE A 212 5.49 -9.04 -23.23
CA ILE A 212 4.05 -8.92 -23.06
C ILE A 212 3.68 -8.63 -21.61
N GLN A 213 4.41 -9.19 -20.66
CA GLN A 213 4.05 -9.06 -19.25
C GLN A 213 4.37 -7.69 -18.67
N SER A 214 5.07 -6.82 -19.40
CA SER A 214 5.43 -5.50 -18.90
C SER A 214 4.54 -4.38 -19.44
N LEU A 215 3.68 -4.66 -20.40
CA LEU A 215 2.85 -3.61 -20.99
C LEU A 215 1.82 -3.10 -19.97
N PRO A 216 1.65 -1.79 -19.84
CA PRO A 216 0.53 -1.29 -19.04
C PRO A 216 -0.80 -1.65 -19.69
N GLY A 217 -1.80 -1.92 -18.85
CA GLY A 217 -3.07 -2.39 -19.35
C GLY A 217 -3.99 -1.27 -19.82
N GLY A 218 -5.14 -1.70 -20.34
CA GLY A 218 -6.18 -0.80 -20.78
C GLY A 218 -6.27 -0.58 -22.28
N SER A 219 -5.20 -0.91 -23.02
CA SER A 219 -5.16 -0.70 -24.47
C SER A 219 -5.06 -2.05 -25.16
N MET A 220 -6.08 -2.41 -25.93
CA MET A 220 -6.06 -3.67 -26.66
C MET A 220 -5.16 -3.60 -27.89
N GLN A 221 -5.14 -2.45 -28.55
CA GLN A 221 -4.38 -2.31 -29.80
C GLN A 221 -2.90 -2.49 -29.55
N ALA A 222 -2.37 -1.93 -28.46
CA ALA A 222 -0.95 -2.09 -28.15
C ALA A 222 -0.61 -3.55 -27.89
N LEU A 223 -1.48 -4.27 -27.16
CA LEU A 223 -1.25 -5.68 -26.91
C LEU A 223 -1.25 -6.48 -28.22
N CYS A 224 -2.20 -6.20 -29.11
CA CYS A 224 -2.24 -6.89 -30.39
C CYS A 224 -0.99 -6.61 -31.22
N ASN A 225 -0.55 -5.34 -31.24
CA ASN A 225 0.65 -4.98 -31.98
C ASN A 225 1.87 -5.71 -31.43
N THR A 226 2.02 -5.73 -30.10
CA THR A 226 3.16 -6.40 -29.49
C THR A 226 3.15 -7.89 -29.77
N VAL A 227 1.98 -8.52 -29.63
CA VAL A 227 1.89 -9.96 -29.85
C VAL A 227 2.23 -10.31 -31.30
N VAL A 228 1.68 -9.54 -32.25
CA VAL A 228 1.93 -9.84 -33.65
C VAL A 228 3.39 -9.58 -34.01
N LYS A 229 4.00 -8.56 -33.42
CA LYS A 229 5.41 -8.30 -33.67
C LYS A 229 6.30 -9.41 -33.13
N GLU A 230 6.01 -9.88 -31.91
CA GLU A 230 6.80 -10.97 -31.35
C GLU A 230 6.63 -12.25 -32.16
N VAL A 231 5.41 -12.54 -32.63
CA VAL A 231 5.20 -13.72 -33.45
C VAL A 231 5.97 -13.59 -34.77
N PHE A 232 5.95 -12.40 -35.37
CA PHE A 232 6.70 -12.17 -36.59
C PHE A 232 8.20 -12.38 -36.38
N ASP A 233 8.72 -11.88 -35.26
CA ASP A 233 10.14 -12.08 -34.96
C ASP A 233 10.46 -13.56 -34.74
N LEU A 234 9.57 -14.28 -34.06
CA LEU A 234 9.82 -15.68 -33.74
C LEU A 234 9.80 -16.55 -34.98
N THR A 235 8.66 -16.59 -35.68
CA THR A 235 8.53 -17.51 -36.81
C THR A 235 9.38 -17.07 -37.99
N GLY A 236 9.40 -15.78 -38.29
CA GLY A 236 10.10 -15.27 -39.46
C GLY A 236 9.30 -15.29 -40.73
N TYR A 237 7.98 -15.45 -40.65
CA TYR A 237 7.15 -15.43 -41.84
C TYR A 237 7.07 -14.03 -42.42
N ASP A 238 6.77 -13.96 -43.72
CA ASP A 238 6.66 -12.65 -44.38
C ASP A 238 5.51 -11.83 -43.83
N ARG A 239 4.34 -12.44 -43.68
CA ARG A 239 3.12 -11.72 -43.33
C ARG A 239 2.49 -12.33 -42.09
N VAL A 240 2.05 -11.49 -41.15
CA VAL A 240 1.36 -11.95 -39.95
C VAL A 240 0.23 -11.00 -39.65
N MET A 241 -0.89 -11.54 -39.18
CA MET A 241 -2.00 -10.71 -38.74
C MET A 241 -2.67 -11.32 -37.53
N ALA A 242 -3.38 -10.46 -36.79
CA ALA A 242 -4.35 -10.89 -35.80
C ALA A 242 -5.75 -10.73 -36.42
N TYR A 243 -6.51 -11.81 -36.43
CA TYR A 243 -7.81 -11.85 -37.08
C TYR A 243 -8.88 -11.94 -36.00
N LYS A 244 -9.67 -10.87 -35.86
CA LYS A 244 -10.61 -10.72 -34.76
C LYS A 244 -12.02 -11.03 -35.24
N PHE A 245 -12.76 -11.83 -34.47
CA PHE A 245 -14.14 -12.16 -34.78
C PHE A 245 -15.08 -11.21 -34.06
N HIS A 246 -16.02 -10.62 -34.80
CA HIS A 246 -17.01 -9.72 -34.22
C HIS A 246 -18.22 -10.52 -33.77
N GLU A 247 -19.26 -9.82 -33.32
CA GLU A 247 -20.46 -10.51 -32.84
C GLU A 247 -21.22 -11.18 -33.99
N ASP A 248 -21.22 -10.55 -35.16
CA ASP A 248 -21.86 -11.11 -36.34
C ASP A 248 -20.96 -12.06 -37.13
N GLU A 249 -19.89 -12.55 -36.50
CA GLU A 249 -18.97 -13.54 -37.04
C GLU A 249 -18.19 -13.04 -38.26
N HIS A 250 -18.34 -11.77 -38.63
CA HIS A 250 -17.53 -11.22 -39.71
C HIS A 250 -16.17 -10.81 -39.15
N GLY A 251 -15.12 -11.19 -39.85
CA GLY A 251 -13.76 -11.06 -39.33
C GLY A 251 -13.09 -9.78 -39.79
N GLU A 252 -12.38 -9.14 -38.87
CA GLU A 252 -11.65 -7.92 -39.14
C GLU A 252 -10.17 -8.11 -38.81
N VAL A 253 -9.31 -7.64 -39.69
CA VAL A 253 -7.86 -7.73 -39.49
C VAL A 253 -7.48 -6.65 -38.49
N PHE A 254 -7.34 -7.03 -37.21
CA PHE A 254 -7.13 -6.04 -36.16
C PHE A 254 -5.72 -5.46 -36.21
N ALA A 255 -4.73 -6.29 -36.55
CA ALA A 255 -3.35 -5.84 -36.63
C ALA A 255 -2.63 -6.65 -37.71
N GLU A 256 -1.45 -6.18 -38.09
CA GLU A 256 -0.69 -6.83 -39.15
C GLU A 256 0.73 -6.29 -39.14
N ILE A 257 1.70 -7.16 -39.42
CA ILE A 257 3.09 -6.79 -39.61
C ILE A 257 3.61 -7.49 -40.85
N THR A 258 4.17 -6.74 -41.78
CA THR A 258 4.63 -7.26 -43.06
C THR A 258 6.01 -6.74 -43.38
N LYS A 259 6.77 -7.55 -44.13
CA LYS A 259 8.04 -7.09 -44.67
C LYS A 259 7.78 -6.09 -45.79
N PRO A 260 8.75 -5.19 -46.06
CA PRO A 260 8.54 -4.20 -47.11
C PRO A 260 8.29 -4.85 -48.47
N GLY A 261 7.40 -4.24 -49.24
CA GLY A 261 7.04 -4.76 -50.54
C GLY A 261 5.80 -5.62 -50.58
N ILE A 262 5.07 -5.74 -49.47
CA ILE A 262 3.88 -6.57 -49.37
C ILE A 262 2.68 -5.64 -49.17
N GLU A 263 1.61 -5.88 -49.93
CA GLU A 263 0.42 -5.04 -49.85
C GLU A 263 -0.25 -5.17 -48.49
N PRO A 264 -0.46 -4.07 -47.77
CA PRO A 264 -1.10 -4.17 -46.45
C PRO A 264 -2.59 -4.43 -46.55
N TYR A 265 -3.11 -5.15 -45.55
CA TYR A 265 -4.53 -5.52 -45.48
C TYR A 265 -5.17 -5.07 -44.18
N LEU A 266 -4.59 -4.09 -43.48
CA LEU A 266 -5.09 -3.66 -42.19
C LEU A 266 -6.47 -3.04 -42.32
N GLY A 267 -7.39 -3.44 -41.44
CA GLY A 267 -8.70 -2.84 -41.36
C GLY A 267 -9.70 -3.31 -42.40
N LEU A 268 -9.32 -4.20 -43.30
CA LEU A 268 -10.22 -4.66 -44.34
C LEU A 268 -11.13 -5.76 -43.79
N HIS A 269 -12.43 -5.47 -43.71
CA HIS A 269 -13.38 -6.43 -43.17
C HIS A 269 -13.66 -7.53 -44.18
N TYR A 270 -14.07 -8.69 -43.67
CA TYR A 270 -14.31 -9.88 -44.48
C TYR A 270 -15.65 -10.50 -44.11
N PRO A 271 -16.30 -11.19 -45.06
CA PRO A 271 -17.60 -11.80 -44.76
C PRO A 271 -17.48 -12.92 -43.74
N ALA A 272 -18.60 -13.17 -43.04
CA ALA A 272 -18.64 -14.20 -42.02
C ALA A 272 -18.66 -15.61 -42.59
N THR A 273 -18.84 -15.77 -43.90
CA THR A 273 -18.87 -17.09 -44.52
C THR A 273 -17.50 -17.57 -44.98
N ASP A 274 -16.45 -16.79 -44.74
CA ASP A 274 -15.11 -17.22 -45.12
C ASP A 274 -14.62 -18.37 -44.24
N ILE A 275 -15.01 -18.38 -42.99
CA ILE A 275 -14.60 -19.39 -42.02
C ILE A 275 -15.82 -20.24 -41.67
N PRO A 276 -15.93 -21.45 -42.18
CA PRO A 276 -17.01 -22.35 -41.75
C PRO A 276 -16.83 -22.75 -40.30
N GLN A 277 -17.96 -23.13 -39.68
CA GLN A 277 -17.95 -23.49 -38.26
C GLN A 277 -17.12 -24.73 -37.99
N ALA A 278 -16.90 -25.58 -38.99
CA ALA A 278 -16.04 -26.75 -38.80
C ALA A 278 -14.62 -26.34 -38.48
N ALA A 279 -14.11 -25.30 -39.16
CA ALA A 279 -12.77 -24.80 -38.86
C ALA A 279 -12.69 -24.27 -37.44
N ARG A 280 -13.72 -23.55 -36.99
CA ARG A 280 -13.72 -23.04 -35.62
C ARG A 280 -13.75 -24.18 -34.61
N PHE A 281 -14.55 -25.22 -34.88
CA PHE A 281 -14.57 -26.38 -34.00
C PHE A 281 -13.20 -27.05 -33.95
N LEU A 282 -12.55 -27.21 -35.10
CA LEU A 282 -11.23 -27.81 -35.14
C LEU A 282 -10.22 -26.97 -34.34
N PHE A 283 -10.28 -25.65 -34.49
CA PHE A 283 -9.37 -24.77 -33.78
C PHE A 283 -9.64 -24.77 -32.27
N MET A 284 -10.89 -25.00 -31.88
CA MET A 284 -11.17 -25.22 -30.46
C MET A 284 -10.69 -26.59 -30.01
N LYS A 285 -10.52 -27.53 -30.94
CA LYS A 285 -9.94 -28.82 -30.62
C LYS A 285 -8.42 -28.82 -30.82
N ASN A 286 -7.96 -28.53 -32.03
CA ASN A 286 -6.54 -28.46 -32.35
C ASN A 286 -6.13 -27.00 -32.47
N LYS A 287 -5.15 -26.59 -31.67
CA LYS A 287 -4.78 -25.19 -31.55
C LYS A 287 -3.75 -24.73 -32.56
N VAL A 288 -3.33 -25.62 -33.47
CA VAL A 288 -2.31 -25.28 -34.46
C VAL A 288 -2.67 -25.95 -35.78
N ARG A 289 -2.54 -25.20 -36.88
CA ARG A 289 -2.68 -25.78 -38.21
C ARG A 289 -1.57 -25.22 -39.09
N MET A 290 -0.81 -26.11 -39.72
CA MET A 290 0.38 -25.72 -40.45
C MET A 290 0.39 -26.40 -41.83
N ILE A 291 0.71 -25.62 -42.86
CA ILE A 291 0.81 -26.12 -44.23
C ILE A 291 2.11 -25.60 -44.82
N CYS A 292 3.01 -26.53 -45.18
CA CYS A 292 4.28 -26.18 -45.80
C CYS A 292 4.09 -25.64 -47.21
N ASP A 293 3.24 -26.31 -48.00
CA ASP A 293 3.09 -25.96 -49.41
C ASP A 293 1.69 -26.38 -49.85
N CYS A 294 0.99 -25.45 -50.52
CA CYS A 294 -0.38 -25.70 -50.94
C CYS A 294 -0.49 -26.32 -52.32
N ARG A 295 0.61 -26.51 -53.03
CA ARG A 295 0.58 -27.04 -54.39
C ARG A 295 1.11 -28.46 -54.50
N ALA A 296 1.94 -28.92 -53.56
CA ALA A 296 2.51 -30.25 -53.65
C ALA A 296 1.43 -31.32 -53.57
N ARG A 297 1.55 -32.32 -54.43
CA ARG A 297 0.57 -33.41 -54.46
C ARG A 297 0.67 -34.24 -53.18
N SER A 298 -0.47 -34.70 -52.71
CA SER A 298 -0.54 -35.53 -51.51
C SER A 298 -0.45 -37.01 -51.86
N VAL A 299 -0.13 -37.81 -50.85
CA VAL A 299 -0.05 -39.27 -50.99
C VAL A 299 -1.06 -39.90 -50.03
N LYS A 300 -1.42 -41.14 -50.32
CA LYS A 300 -2.41 -41.86 -49.54
C LYS A 300 -1.73 -42.83 -48.58
N ILE A 301 -2.54 -43.51 -47.76
CA ILE A 301 -2.05 -44.48 -46.80
C ILE A 301 -2.67 -45.84 -47.12
N ILE A 302 -1.86 -46.88 -47.02
CA ILE A 302 -2.29 -48.24 -47.28
C ILE A 302 -2.93 -48.78 -46.00
N GLU A 303 -4.23 -49.03 -46.05
CA GLU A 303 -4.97 -49.56 -44.92
C GLU A 303 -4.94 -51.09 -44.93
N ASP A 304 -5.03 -51.68 -43.75
CA ASP A 304 -5.05 -53.13 -43.64
C ASP A 304 -6.35 -53.68 -44.21
N GLU A 305 -6.23 -54.68 -45.07
CA GLU A 305 -7.41 -55.29 -45.69
C GLU A 305 -8.29 -55.97 -44.64
N ALA A 306 -7.66 -56.63 -43.67
CA ALA A 306 -8.43 -57.31 -42.64
C ALA A 306 -9.22 -56.34 -41.77
N LEU A 307 -8.60 -55.21 -41.41
CA LEU A 307 -9.26 -54.25 -40.54
C LEU A 307 -10.42 -53.57 -41.26
N SER A 308 -11.50 -53.34 -40.51
CA SER A 308 -12.68 -52.65 -41.04
C SER A 308 -12.97 -51.35 -40.31
N ILE A 309 -12.02 -50.81 -39.57
CA ILE A 309 -12.19 -49.58 -38.81
C ILE A 309 -11.28 -48.52 -39.39
N ASP A 310 -11.85 -47.37 -39.77
CA ASP A 310 -11.07 -46.29 -40.34
C ASP A 310 -10.16 -45.65 -39.29
N ILE A 311 -9.00 -45.17 -39.74
CA ILE A 311 -8.05 -44.52 -38.85
C ILE A 311 -8.64 -43.22 -38.31
N SER A 312 -9.27 -42.43 -39.18
CA SER A 312 -9.83 -41.13 -38.82
C SER A 312 -8.76 -40.19 -38.27
N LEU A 313 -7.82 -39.84 -39.15
CA LEU A 313 -6.67 -39.01 -38.79
C LEU A 313 -7.05 -37.52 -38.73
N CYS A 314 -8.10 -37.25 -37.94
CA CYS A 314 -8.54 -35.87 -37.77
C CYS A 314 -7.61 -35.10 -36.83
N GLY A 315 -7.11 -35.76 -35.79
CA GLY A 315 -6.27 -35.11 -34.81
C GLY A 315 -4.80 -35.05 -35.14
N SER A 316 -4.40 -35.56 -36.30
CA SER A 316 -2.99 -35.54 -36.69
C SER A 316 -2.64 -34.23 -37.37
N THR A 317 -1.37 -33.86 -37.27
CA THR A 317 -0.87 -32.62 -37.86
C THR A 317 -0.47 -32.78 -39.32
N LEU A 318 -0.60 -33.98 -39.88
CA LEU A 318 -0.23 -34.25 -41.26
C LEU A 318 -1.44 -34.28 -42.19
N ARG A 319 -2.60 -33.83 -41.71
CA ARG A 319 -3.81 -33.88 -42.53
C ARG A 319 -3.67 -32.97 -43.75
N ALA A 320 -4.19 -33.45 -44.87
CA ALA A 320 -4.10 -32.70 -46.12
C ALA A 320 -5.07 -31.52 -46.12
N PRO A 321 -4.75 -30.46 -46.86
CA PRO A 321 -5.68 -29.32 -46.94
C PRO A 321 -6.94 -29.66 -47.72
N HIS A 322 -8.00 -28.92 -47.42
CA HIS A 322 -9.27 -29.07 -48.11
C HIS A 322 -9.23 -28.25 -49.40
N SER A 323 -9.94 -28.73 -50.42
CA SER A 323 -9.85 -28.15 -51.76
C SER A 323 -10.23 -26.67 -51.78
N CYS A 324 -11.39 -26.33 -51.21
CA CYS A 324 -11.80 -24.94 -51.14
C CYS A 324 -10.84 -24.12 -50.28
N HIS A 325 -10.28 -24.75 -49.25
CA HIS A 325 -9.21 -24.09 -48.50
C HIS A 325 -8.02 -23.80 -49.40
N LEU A 326 -7.69 -24.72 -50.31
CA LEU A 326 -6.60 -24.49 -51.24
C LEU A 326 -6.91 -23.32 -52.16
N GLN A 327 -8.16 -23.24 -52.64
CA GLN A 327 -8.55 -22.15 -53.52
C GLN A 327 -8.48 -20.81 -52.81
N TYR A 328 -8.96 -20.74 -51.56
CA TYR A 328 -8.91 -19.48 -50.83
C TYR A 328 -7.48 -19.16 -50.40
N MET A 329 -6.64 -20.17 -50.23
CA MET A 329 -5.23 -19.95 -49.95
C MET A 329 -4.54 -19.28 -51.14
N GLU A 330 -4.72 -19.84 -52.34
CA GLU A 330 -4.15 -19.21 -53.52
C GLU A 330 -4.81 -17.89 -53.84
N ASN A 331 -6.06 -17.67 -53.39
CA ASN A 331 -6.69 -16.37 -53.54
C ASN A 331 -5.96 -15.30 -52.73
N MET A 332 -5.51 -15.65 -51.53
CA MET A 332 -4.84 -14.71 -50.64
C MET A 332 -3.37 -14.51 -50.98
N ASN A 333 -2.89 -15.10 -52.08
CA ASN A 333 -1.49 -14.99 -52.50
C ASN A 333 -0.53 -15.52 -51.44
N SER A 334 -0.96 -16.51 -50.67
CA SER A 334 -0.12 -17.19 -49.70
C SER A 334 0.07 -18.63 -50.12
N ILE A 335 1.29 -19.14 -49.96
CA ILE A 335 1.62 -20.47 -50.45
C ILE A 335 1.88 -21.41 -49.26
N ALA A 336 2.26 -20.82 -48.13
CA ALA A 336 2.51 -21.57 -46.90
C ALA A 336 1.85 -20.82 -45.75
N SER A 337 1.38 -21.56 -44.75
CA SER A 337 0.64 -20.91 -43.67
C SER A 337 0.81 -21.66 -42.37
N LEU A 338 0.49 -20.96 -41.28
CA LEU A 338 0.50 -21.55 -39.94
C LEU A 338 -0.35 -20.66 -39.05
N VAL A 339 -1.44 -21.21 -38.52
CA VAL A 339 -2.42 -20.44 -37.77
C VAL A 339 -2.65 -21.09 -36.42
N MET A 340 -2.97 -20.24 -35.44
CA MET A 340 -3.16 -20.64 -34.04
C MET A 340 -4.37 -19.92 -33.48
N ALA A 341 -5.16 -20.63 -32.69
CA ALA A 341 -6.42 -20.10 -32.18
C ALA A 341 -6.23 -19.38 -30.86
N VAL A 342 -7.01 -18.32 -30.65
CA VAL A 342 -7.04 -17.59 -29.40
C VAL A 342 -8.38 -17.88 -28.73
N VAL A 343 -8.33 -18.52 -27.56
CA VAL A 343 -9.52 -18.95 -26.84
C VAL A 343 -9.58 -18.17 -25.53
N VAL A 344 -10.66 -17.40 -25.35
CA VAL A 344 -10.85 -16.61 -24.14
C VAL A 344 -12.20 -16.96 -23.54
N ASN A 345 -12.31 -16.85 -22.22
CA ASN A 345 -13.56 -17.17 -21.55
C ASN A 345 -14.61 -16.12 -21.87
N GLU A 346 -15.81 -16.56 -22.22
CA GLU A 346 -16.89 -15.68 -22.61
C GLU A 346 -17.85 -15.46 -21.45
N ASN A 347 -18.31 -14.22 -21.31
CA ASN A 347 -19.18 -13.85 -20.21
C ASN A 347 -20.46 -13.19 -20.72
N LYS A 363 -15.85 -23.44 -17.11
CA LYS A 363 -16.38 -22.20 -17.63
C LYS A 363 -16.46 -22.24 -19.16
N ARG A 364 -17.36 -21.45 -19.73
CA ARG A 364 -17.53 -21.44 -21.17
C ARG A 364 -16.49 -20.54 -21.83
N LYS A 365 -16.00 -20.98 -22.99
CA LYS A 365 -14.93 -20.30 -23.70
C LYS A 365 -15.31 -20.14 -25.17
N LYS A 366 -14.78 -19.08 -25.80
CA LYS A 366 -15.09 -18.76 -27.17
C LYS A 366 -13.83 -18.33 -27.89
N LEU A 367 -13.92 -18.26 -29.22
CA LEU A 367 -12.78 -18.00 -30.09
C LEU A 367 -12.72 -16.50 -30.40
N TRP A 368 -11.78 -15.80 -29.76
CA TRP A 368 -11.59 -14.38 -30.04
C TRP A 368 -11.13 -14.17 -31.47
N GLY A 369 -10.25 -15.04 -31.96
CA GLY A 369 -9.73 -14.88 -33.31
C GLY A 369 -8.56 -15.82 -33.54
N LEU A 370 -7.82 -15.51 -34.61
CA LEU A 370 -6.67 -16.31 -35.02
C LEU A 370 -5.44 -15.41 -35.10
N ILE A 371 -4.28 -16.05 -35.16
CA ILE A 371 -3.02 -15.37 -35.42
C ILE A 371 -2.47 -16.02 -36.69
N VAL A 372 -2.72 -15.39 -37.84
CA VAL A 372 -2.51 -16.01 -39.14
C VAL A 372 -1.17 -15.58 -39.70
N CYS A 373 -0.34 -16.55 -40.06
CA CYS A 373 0.96 -16.32 -40.67
C CYS A 373 0.96 -16.83 -42.11
N HIS A 374 1.52 -16.02 -43.01
CA HIS A 374 1.52 -16.29 -44.44
C HIS A 374 2.91 -16.06 -45.01
N HIS A 375 3.24 -16.85 -46.02
CA HIS A 375 4.52 -16.75 -46.72
C HIS A 375 4.27 -16.81 -48.22
N GLU A 376 5.22 -16.27 -48.98
CA GLU A 376 5.14 -16.30 -50.44
C GLU A 376 5.85 -17.50 -51.05
N SER A 377 6.75 -18.13 -50.30
CA SER A 377 7.45 -19.33 -50.73
C SER A 377 7.28 -20.39 -49.64
N PRO A 378 7.33 -21.67 -50.02
CA PRO A 378 7.11 -22.73 -49.02
C PRO A 378 8.12 -22.66 -47.88
N ARG A 379 7.64 -22.86 -46.67
CA ARG A 379 8.45 -22.71 -45.47
C ARG A 379 8.16 -23.86 -44.52
N TYR A 380 9.17 -24.23 -43.73
CA TYR A 380 9.07 -25.29 -42.75
C TYR A 380 9.43 -24.76 -41.37
N VAL A 381 8.69 -25.20 -40.36
CA VAL A 381 8.94 -24.82 -38.97
C VAL A 381 9.01 -26.09 -38.13
N PRO A 382 10.05 -26.27 -37.32
CA PRO A 382 10.12 -27.45 -36.47
C PRO A 382 9.17 -27.36 -35.28
N PHE A 383 8.86 -28.54 -34.74
CA PHE A 383 7.83 -28.63 -33.70
C PHE A 383 8.08 -27.75 -32.47
N PRO A 384 9.30 -27.66 -31.91
CA PRO A 384 9.48 -26.80 -30.73
C PRO A 384 9.08 -25.35 -30.96
N LEU A 385 9.35 -24.79 -32.14
CA LEU A 385 8.93 -23.43 -32.43
C LEU A 385 7.41 -23.33 -32.50
N ARG A 386 6.75 -24.34 -33.06
CA ARG A 386 5.30 -24.36 -33.10
C ARG A 386 4.72 -24.35 -31.68
N TYR A 387 5.29 -25.18 -30.79
CA TYR A 387 4.82 -25.20 -29.41
C TYR A 387 5.09 -23.88 -28.71
N ALA A 388 6.24 -23.27 -28.97
CA ALA A 388 6.55 -21.96 -28.36
C ALA A 388 5.54 -20.92 -28.77
N CYS A 389 5.21 -20.87 -30.07
CA CYS A 389 4.26 -19.87 -30.54
C CYS A 389 2.85 -20.15 -30.02
N GLU A 390 2.47 -21.43 -29.90
CA GLU A 390 1.17 -21.75 -29.30
C GLU A 390 1.11 -21.31 -27.84
N PHE A 391 2.20 -21.50 -27.10
CA PHE A 391 2.22 -21.03 -25.71
C PHE A 391 2.15 -19.50 -25.64
N LEU A 392 2.80 -18.82 -26.59
CA LEU A 392 2.68 -17.37 -26.67
C LEU A 392 1.24 -16.94 -26.93
N ALA A 393 0.54 -17.67 -27.81
CA ALA A 393 -0.87 -17.39 -28.05
C ALA A 393 -1.70 -17.61 -26.79
N GLN A 394 -1.37 -18.65 -26.02
CA GLN A 394 -2.07 -18.87 -24.74
C GLN A 394 -1.82 -17.71 -23.78
N VAL A 395 -0.60 -17.19 -23.75
CA VAL A 395 -0.29 -16.05 -22.88
C VAL A 395 -1.09 -14.82 -23.31
N PHE A 396 -1.18 -14.59 -24.62
CA PHE A 396 -1.98 -13.48 -25.12
C PHE A 396 -3.46 -13.63 -24.74
N ALA A 397 -3.99 -14.85 -24.86
CA ALA A 397 -5.36 -15.09 -24.46
C ALA A 397 -5.56 -14.87 -22.98
N VAL A 398 -4.55 -15.20 -22.17
CA VAL A 398 -4.61 -14.92 -20.73
C VAL A 398 -4.68 -13.43 -20.48
N HIS A 399 -3.85 -12.65 -21.20
CA HIS A 399 -3.80 -11.21 -20.96
C HIS A 399 -5.04 -10.48 -21.48
N VAL A 400 -5.80 -11.08 -22.39
CA VAL A 400 -7.01 -10.42 -22.88
C VAL A 400 -8.05 -10.27 -21.77
N ASN A 401 -8.13 -11.24 -20.85
CA ASN A 401 -9.22 -11.27 -19.88
C ASN A 401 -9.15 -10.11 -18.89
N LYS A 402 -7.95 -9.71 -18.48
CA LYS A 402 -7.85 -8.59 -17.55
C LYS A 402 -8.21 -7.27 -18.21
N GLU A 403 -7.91 -7.13 -19.51
CA GLU A 403 -8.43 -5.99 -20.26
C GLU A 403 -9.95 -6.02 -20.34
N PHE A 404 -10.53 -7.22 -20.35
CA PHE A 404 -11.99 -7.32 -20.27
C PHE A 404 -12.50 -6.86 -18.91
N GLU A 405 -11.77 -7.18 -17.84
CA GLU A 405 -12.23 -6.86 -16.48
C GLU A 405 -12.10 -5.35 -16.19
N LEU A 406 -11.08 -4.71 -16.75
CA LEU A 406 -10.88 -3.28 -16.50
C LEU A 406 -12.09 -2.47 -16.95
N GLU A 407 -12.70 -2.85 -18.07
CA GLU A 407 -13.88 -2.15 -18.57
C GLU A 407 -15.05 -2.26 -17.59
N LYS A 408 -15.23 -3.45 -17.01
CA LYS A 408 -16.27 -3.62 -16.01
C LYS A 408 -16.03 -2.73 -14.80
N GLN A 409 -14.77 -2.66 -14.34
CA GLN A 409 -14.46 -1.79 -13.21
C GLN A 409 -14.75 -0.33 -13.53
N ILE A 410 -14.40 0.10 -14.75
CA ILE A 410 -14.67 1.48 -15.17
C ILE A 410 -16.16 1.76 -15.19
N ARG A 411 -16.94 0.80 -15.71
CA ARG A 411 -18.39 0.96 -15.76
C ARG A 411 -18.97 1.10 -14.35
N GLU A 412 -18.52 0.27 -13.41
CA GLU A 412 -19.02 0.35 -12.04
C GLU A 412 -18.67 1.69 -11.41
N LYS A 413 -17.44 2.18 -11.65
CA LYS A 413 -17.06 3.48 -11.10
C LYS A 413 -17.91 4.61 -11.68
N SER A 414 -18.23 4.53 -12.98
CA SER A 414 -19.10 5.54 -13.57
C SER A 414 -20.49 5.51 -12.94
N ILE A 415 -21.02 4.30 -12.69
CA ILE A 415 -22.32 4.19 -12.03
C ILE A 415 -22.27 4.82 -10.65
N LEU A 416 -21.19 4.56 -9.90
CA LEU A 416 -21.05 5.16 -8.57
C LEU A 416 -21.01 6.68 -8.66
N ARG A 417 -20.27 7.22 -9.62
CA ARG A 417 -20.17 8.67 -9.76
C ARG A 417 -21.53 9.30 -10.07
N MET A 418 -22.31 8.66 -10.95
CA MET A 418 -23.62 9.23 -11.25
C MET A 418 -24.57 9.11 -10.08
N GLN A 419 -24.47 8.04 -9.29
CA GLN A 419 -25.26 7.97 -8.06
C GLN A 419 -24.90 9.11 -7.11
N THR A 420 -23.61 9.41 -7.01
CA THR A 420 -23.17 10.54 -6.18
C THR A 420 -23.75 11.86 -6.70
N MET A 421 -23.75 12.03 -8.02
CA MET A 421 -24.33 13.25 -8.60
C MET A 421 -25.83 13.35 -8.29
N LEU A 422 -26.55 12.23 -8.38
CA LEU A 422 -27.97 12.24 -8.05
C LEU A 422 -28.20 12.61 -6.59
N SER A 423 -27.40 12.04 -5.69
CA SER A 423 -27.53 12.39 -4.27
C SER A 423 -27.25 13.87 -4.04
N ASP A 424 -26.23 14.40 -4.71
CA ASP A 424 -25.94 15.83 -4.58
C ASP A 424 -27.10 16.68 -5.10
N MET A 425 -27.69 16.28 -6.23
CA MET A 425 -28.83 17.02 -6.76
C MET A 425 -30.00 17.02 -5.80
N LEU A 426 -30.21 15.90 -5.10
CA LEU A 426 -31.25 15.87 -4.07
C LEU A 426 -30.87 16.63 -2.81
N PHE A 427 -29.58 16.80 -2.54
CA PHE A 427 -29.16 17.45 -1.31
C PHE A 427 -29.63 18.90 -1.25
N LYS A 428 -29.49 19.64 -2.35
CA LYS A 428 -30.00 20.99 -2.47
C LYS A 428 -31.23 20.98 -3.36
N GLU A 429 -32.34 21.50 -2.83
CA GLU A 429 -33.61 21.48 -3.57
C GLU A 429 -33.43 22.11 -4.94
N SER A 430 -33.56 21.30 -5.98
CA SER A 430 -33.25 21.72 -7.35
C SER A 430 -34.56 21.92 -8.10
N SER A 431 -34.85 23.17 -8.44
CA SER A 431 -36.00 23.47 -9.28
C SER A 431 -35.69 23.13 -10.73
N PRO A 432 -36.72 22.94 -11.57
CA PRO A 432 -36.45 22.70 -12.99
C PRO A 432 -35.66 23.81 -13.65
N LEU A 433 -35.78 25.05 -13.16
CA LEU A 433 -35.02 26.16 -13.70
C LEU A 433 -33.61 26.26 -13.14
N SER A 434 -33.25 25.40 -12.19
CA SER A 434 -31.91 25.47 -11.60
C SER A 434 -30.89 24.63 -12.37
N ILE A 435 -31.34 23.62 -13.11
CA ILE A 435 -30.41 22.72 -13.77
C ILE A 435 -29.93 23.24 -15.11
N VAL A 436 -30.56 24.27 -15.68
CA VAL A 436 -30.11 24.80 -16.96
C VAL A 436 -28.78 25.53 -16.81
N SER A 437 -28.61 26.29 -15.72
CA SER A 437 -27.44 27.14 -15.57
C SER A 437 -26.55 26.77 -14.38
N GLY A 438 -27.00 25.89 -13.49
CA GLY A 438 -26.22 25.55 -12.32
C GLY A 438 -25.02 24.68 -12.64
N SER A 439 -24.23 24.41 -11.61
CA SER A 439 -23.05 23.56 -11.76
C SER A 439 -23.41 22.15 -12.20
N PRO A 440 -24.36 21.44 -11.57
CA PRO A 440 -24.73 20.10 -12.10
C PRO A 440 -25.82 20.21 -13.16
N ASN A 441 -25.45 20.69 -14.33
CA ASN A 441 -26.42 20.85 -15.41
C ASN A 441 -26.76 19.49 -16.02
N ILE A 442 -27.79 19.49 -16.87
CA ILE A 442 -28.28 18.24 -17.45
C ILE A 442 -27.35 17.67 -18.51
N MET A 443 -26.24 18.33 -18.79
CA MET A 443 -25.26 17.77 -19.73
C MET A 443 -24.51 16.60 -19.13
N ASP A 444 -24.12 16.70 -17.87
CA ASP A 444 -23.25 15.70 -17.27
C ASP A 444 -24.00 14.43 -16.84
N LEU A 445 -25.33 14.48 -16.78
CA LEU A 445 -26.08 13.29 -16.37
C LEU A 445 -25.88 12.14 -17.35
N VAL A 446 -25.94 12.44 -18.64
CA VAL A 446 -25.78 11.43 -19.69
C VAL A 446 -25.04 12.09 -20.86
N LYS A 447 -24.13 11.34 -21.48
CA LYS A 447 -23.34 11.87 -22.58
C LYS A 447 -24.23 12.35 -23.71
N CYS A 448 -23.96 13.55 -24.19
CA CYS A 448 -24.76 14.16 -25.26
C CYS A 448 -23.97 15.33 -25.84
N ASP A 449 -24.56 15.95 -26.86
CA ASP A 449 -23.98 17.13 -27.48
C ASP A 449 -24.82 18.39 -27.30
N GLY A 450 -26.08 18.26 -26.88
CA GLY A 450 -26.90 19.43 -26.62
C GLY A 450 -28.04 19.07 -25.70
N ALA A 451 -28.67 20.11 -25.15
CA ALA A 451 -29.77 19.91 -24.21
C ALA A 451 -30.78 21.04 -24.37
N ALA A 452 -32.00 20.77 -23.89
CA ALA A 452 -33.05 21.78 -23.97
C ALA A 452 -34.07 21.51 -22.87
N LEU A 453 -34.83 22.56 -22.55
CA LEU A 453 -35.86 22.48 -21.52
C LEU A 453 -37.01 23.41 -21.92
N LEU A 454 -38.23 22.96 -21.67
CA LEU A 454 -39.44 23.73 -21.96
C LEU A 454 -40.28 23.79 -20.70
N TYR A 455 -40.20 24.93 -20.00
CA TYR A 455 -40.93 25.12 -18.75
C TYR A 455 -41.60 26.49 -18.76
N GLY A 456 -42.84 26.54 -18.32
CA GLY A 456 -43.59 27.78 -18.24
C GLY A 456 -43.68 28.49 -19.58
N ASP A 457 -44.01 27.73 -20.62
CA ASP A 457 -44.03 28.19 -22.01
C ASP A 457 -42.78 28.99 -22.36
N LYS A 458 -41.66 28.66 -21.73
CA LYS A 458 -40.37 29.26 -22.02
C LYS A 458 -39.37 28.16 -22.37
N VAL A 459 -38.57 28.42 -23.41
CA VAL A 459 -37.64 27.45 -23.95
C VAL A 459 -36.22 27.89 -23.63
N TRP A 460 -35.43 26.99 -23.06
CA TRP A 460 -34.01 27.20 -22.81
C TRP A 460 -33.22 26.14 -23.58
N ARG A 461 -32.12 26.56 -24.19
CA ARG A 461 -31.27 25.65 -24.94
C ARG A 461 -29.84 25.73 -24.44
N LEU A 462 -29.11 24.62 -24.56
CA LEU A 462 -27.73 24.53 -24.14
C LEU A 462 -26.95 23.77 -25.21
N GLN A 463 -25.82 24.35 -25.61
CA GLN A 463 -24.93 23.77 -26.63
C GLN A 463 -25.72 23.64 -27.94
N THR A 464 -25.40 22.64 -28.74
CA THR A 464 -26.00 22.49 -30.07
C THR A 464 -27.41 21.93 -29.95
N ALA A 465 -28.39 22.67 -30.44
CA ALA A 465 -29.78 22.27 -30.40
C ALA A 465 -30.55 23.05 -31.47
N PRO A 466 -31.69 22.53 -31.92
CA PRO A 466 -32.48 23.26 -32.94
C PRO A 466 -33.02 24.57 -32.38
N THR A 467 -33.65 25.33 -33.27
CA THR A 467 -34.22 26.61 -32.90
C THR A 467 -35.52 26.40 -32.12
N GLU A 468 -36.06 27.53 -31.62
CA GLU A 468 -37.24 27.47 -30.76
C GLU A 468 -38.44 26.88 -31.50
N SER A 469 -38.66 27.30 -32.75
CA SER A 469 -39.79 26.78 -33.51
C SER A 469 -39.66 25.29 -33.75
N GLN A 470 -38.45 24.81 -34.04
CA GLN A 470 -38.24 23.39 -34.22
C GLN A 470 -38.52 22.64 -32.92
N ILE A 471 -38.13 23.21 -31.78
CA ILE A 471 -38.43 22.59 -30.50
C ILE A 471 -39.93 22.50 -30.29
N ARG A 472 -40.66 23.56 -30.63
CA ARG A 472 -42.12 23.53 -30.52
C ARG A 472 -42.71 22.43 -31.39
N ASP A 473 -42.21 22.29 -32.62
CA ASP A 473 -42.74 21.28 -33.53
C ASP A 473 -42.44 19.87 -33.04
N ILE A 474 -41.25 19.63 -32.52
CA ILE A 474 -40.93 18.31 -31.97
C ILE A 474 -41.80 18.02 -30.76
N ALA A 475 -42.03 19.03 -29.91
CA ALA A 475 -42.91 18.82 -28.76
C ALA A 475 -44.32 18.48 -29.21
N PHE A 476 -44.82 19.18 -30.23
CA PHE A 476 -46.17 18.90 -30.72
C PHE A 476 -46.26 17.49 -31.29
N TRP A 477 -45.26 17.08 -32.08
CA TRP A 477 -45.30 15.74 -32.66
C TRP A 477 -45.20 14.66 -31.59
N LEU A 478 -44.36 14.89 -30.57
CA LEU A 478 -44.28 13.95 -29.46
C LEU A 478 -45.61 13.84 -28.72
N SER A 479 -46.28 14.97 -28.49
CA SER A 479 -47.57 14.94 -27.82
C SER A 479 -48.62 14.24 -28.66
N GLU A 480 -48.59 14.42 -29.98
CA GLU A 480 -49.64 13.87 -30.84
C GLU A 480 -49.43 12.38 -31.10
N VAL A 481 -48.29 12.02 -31.68
CA VAL A 481 -48.07 10.63 -32.10
C VAL A 481 -48.04 9.69 -30.89
N HIS A 482 -47.25 10.04 -29.87
CA HIS A 482 -47.12 9.23 -28.67
C HIS A 482 -47.62 10.05 -27.48
N GLY A 483 -48.92 10.03 -27.26
CA GLY A 483 -49.50 10.73 -26.12
C GLY A 483 -49.47 9.91 -24.86
N ASP A 484 -49.50 8.58 -24.99
CA ASP A 484 -49.45 7.71 -23.82
C ASP A 484 -48.07 7.69 -23.18
N SER A 485 -47.02 7.78 -24.01
CA SER A 485 -45.66 7.67 -23.49
C SER A 485 -45.25 8.92 -22.73
N THR A 486 -44.48 8.74 -21.66
CA THR A 486 -43.92 9.84 -20.89
C THR A 486 -42.41 9.87 -20.94
N GLY A 487 -41.78 8.99 -21.74
CA GLY A 487 -40.35 8.98 -21.92
C GLY A 487 -39.97 8.24 -23.18
N LEU A 488 -39.11 8.84 -24.00
CA LEU A 488 -38.83 8.27 -25.31
C LEU A 488 -37.38 8.55 -25.69
N SER A 489 -36.82 7.68 -26.52
CA SER A 489 -35.46 7.84 -26.98
C SER A 489 -35.32 7.20 -28.35
N THR A 490 -34.86 7.98 -29.33
CA THR A 490 -34.63 7.52 -30.69
C THR A 490 -33.19 7.76 -31.09
N ASP A 491 -32.52 6.71 -31.56
CA ASP A 491 -31.19 6.87 -32.13
C ASP A 491 -31.23 7.66 -33.43
N SER A 492 -32.35 7.59 -34.14
CA SER A 492 -32.53 8.25 -35.43
C SER A 492 -33.83 9.04 -35.41
N LEU A 493 -33.88 10.12 -36.20
CA LEU A 493 -35.04 10.98 -36.24
C LEU A 493 -35.71 11.06 -37.61
N GLN A 494 -34.98 10.81 -38.70
CA GLN A 494 -35.58 10.85 -40.02
C GLN A 494 -36.61 9.74 -40.20
N ASP A 495 -36.24 8.50 -39.85
CA ASP A 495 -37.13 7.36 -39.99
C ASP A 495 -37.88 7.03 -38.71
N ALA A 496 -37.77 7.89 -37.69
CA ALA A 496 -38.47 7.66 -36.43
C ALA A 496 -39.97 7.87 -36.53
N GLY A 497 -40.46 8.38 -37.66
CA GLY A 497 -41.86 8.71 -37.82
C GLY A 497 -42.20 10.16 -37.61
N TYR A 498 -41.21 11.05 -37.62
CA TYR A 498 -41.43 12.47 -37.39
C TYR A 498 -41.40 13.19 -38.73
N PRO A 499 -42.52 13.74 -39.20
CA PRO A 499 -42.51 14.50 -40.46
C PRO A 499 -41.67 15.76 -40.29
N GLY A 500 -40.56 15.83 -41.02
CA GLY A 500 -39.63 16.93 -40.88
C GLY A 500 -38.23 16.46 -40.56
N ALA A 501 -37.40 17.36 -40.04
CA ALA A 501 -36.01 17.12 -39.65
C ALA A 501 -35.12 16.71 -40.82
N ALA A 502 -35.63 16.71 -42.05
CA ALA A 502 -34.81 16.37 -43.20
C ALA A 502 -34.12 17.62 -43.75
N SER A 503 -34.90 18.62 -44.15
CA SER A 503 -34.33 19.88 -44.60
C SER A 503 -33.85 20.74 -43.43
N LEU A 504 -34.31 20.44 -42.22
CA LEU A 504 -33.81 21.16 -41.05
C LEU A 504 -32.32 20.90 -40.82
N GLY A 505 -31.90 19.64 -41.00
CA GLY A 505 -30.50 19.30 -40.85
C GLY A 505 -30.01 19.38 -39.41
N ASP A 506 -29.20 20.39 -39.12
CA ASP A 506 -28.61 20.68 -37.82
C ASP A 506 -27.61 19.62 -37.37
N MET A 507 -27.35 18.59 -38.18
CA MET A 507 -26.37 17.54 -37.87
C MET A 507 -26.69 16.87 -36.54
N ILE A 508 -27.97 16.54 -36.34
CA ILE A 508 -28.43 15.85 -35.13
C ILE A 508 -29.23 14.62 -35.55
N CYS A 509 -28.99 13.50 -34.86
CA CYS A 509 -29.79 12.30 -35.07
C CYS A 509 -30.47 11.80 -33.81
N GLY A 510 -29.73 11.66 -32.71
CA GLY A 510 -30.31 11.06 -31.52
C GLY A 510 -31.04 12.06 -30.64
N MET A 511 -32.15 11.60 -30.06
CA MET A 511 -32.94 12.46 -29.18
C MET A 511 -33.55 11.65 -28.05
N ALA A 512 -33.36 12.13 -26.82
CA ALA A 512 -34.01 11.55 -25.65
C ALA A 512 -34.86 12.62 -24.98
N VAL A 513 -36.10 12.26 -24.66
CA VAL A 513 -37.06 13.18 -24.06
C VAL A 513 -37.68 12.52 -22.84
N ALA A 514 -37.71 13.24 -21.73
CA ALA A 514 -38.38 12.80 -20.50
C ALA A 514 -39.46 13.79 -20.13
N LYS A 515 -40.61 13.28 -19.72
CA LYS A 515 -41.79 14.10 -19.40
C LYS A 515 -42.00 14.06 -17.89
N ILE A 516 -41.59 15.14 -17.22
CA ILE A 516 -41.75 15.22 -15.77
C ILE A 516 -43.21 15.37 -15.39
N THR A 517 -43.95 16.19 -16.13
CA THR A 517 -45.34 16.50 -15.82
C THR A 517 -46.15 16.44 -17.12
N SER A 518 -47.38 16.93 -17.07
CA SER A 518 -48.28 16.79 -18.21
C SER A 518 -47.76 17.53 -19.44
N LYS A 519 -47.21 18.73 -19.27
CA LYS A 519 -46.94 19.61 -20.40
C LYS A 519 -45.55 20.24 -20.37
N ASP A 520 -44.59 19.62 -19.69
CA ASP A 520 -43.22 20.13 -19.67
C ASP A 520 -42.25 18.97 -19.76
N ILE A 521 -41.21 19.12 -20.60
CA ILE A 521 -40.31 18.03 -20.94
C ILE A 521 -38.86 18.52 -20.87
N LEU A 522 -37.96 17.56 -20.66
CA LEU A 522 -36.53 17.79 -20.81
C LEU A 522 -36.09 17.34 -22.20
N PHE A 523 -34.82 17.57 -22.54
CA PHE A 523 -34.33 17.15 -23.84
C PHE A 523 -32.86 16.76 -23.74
N TRP A 524 -32.45 15.88 -24.66
CA TRP A 524 -31.05 15.49 -24.78
C TRP A 524 -30.81 15.19 -26.26
N PHE A 525 -30.07 16.08 -26.93
CA PHE A 525 -29.80 15.96 -28.35
C PHE A 525 -28.39 15.42 -28.56
N ARG A 526 -28.25 14.45 -29.45
CA ARG A 526 -27.00 13.77 -29.71
C ARG A 526 -26.68 13.86 -31.20
N SER A 527 -25.50 14.39 -31.52
CA SER A 527 -25.08 14.55 -32.90
C SER A 527 -24.53 13.25 -33.45
N HIS A 528 -24.77 13.03 -34.74
CA HIS A 528 -24.34 11.79 -35.37
C HIS A 528 -22.83 11.76 -35.54
N THR A 529 -22.28 10.54 -35.53
CA THR A 529 -20.86 10.30 -35.73
C THR A 529 -20.63 9.66 -37.08
N ALA A 530 -19.63 10.15 -37.80
CA ALA A 530 -19.28 9.63 -39.13
C ALA A 530 -18.79 8.21 -38.98
N ALA A 531 -19.58 7.25 -39.45
CA ALA A 531 -19.25 5.83 -39.35
C ALA A 531 -19.11 5.25 -40.75
N GLU A 532 -18.03 4.51 -40.96
CA GLU A 532 -17.78 3.87 -42.25
C GLU A 532 -16.92 2.63 -42.04
N ILE A 533 -17.22 1.60 -42.83
CA ILE A 533 -16.45 0.37 -42.83
C ILE A 533 -16.01 0.07 -44.26
N LYS A 534 -14.89 -0.63 -44.39
CA LYS A 534 -14.33 -0.94 -45.69
C LYS A 534 -14.17 -2.45 -45.83
N TRP A 535 -14.65 -2.99 -46.93
CA TRP A 535 -14.69 -4.43 -47.17
C TRP A 535 -13.67 -4.76 -48.26
N GLY A 536 -12.62 -5.48 -47.87
CA GLY A 536 -11.62 -5.90 -48.84
C GLY A 536 -12.15 -6.92 -49.83
N GLY A 537 -12.95 -7.85 -49.35
CA GLY A 537 -13.52 -8.88 -50.21
C GLY A 537 -14.57 -9.72 -49.51
N ALA A 559 -11.95 -3.59 -53.67
CA ALA A 559 -12.56 -3.38 -52.37
C ALA A 559 -13.75 -2.43 -52.47
N PHE A 560 -14.59 -2.42 -51.43
CA PHE A 560 -15.77 -1.56 -51.40
C PHE A 560 -15.87 -0.93 -50.01
N LEU A 561 -16.90 -0.11 -49.82
CA LEU A 561 -17.09 0.53 -48.52
C LEU A 561 -18.58 0.71 -48.26
N GLU A 562 -18.93 0.72 -46.98
CA GLU A 562 -20.29 1.00 -46.52
C GLU A 562 -20.23 2.15 -45.53
N VAL A 563 -20.95 3.23 -45.83
CA VAL A 563 -20.92 4.45 -45.04
C VAL A 563 -22.32 4.69 -44.48
N VAL A 564 -22.39 5.02 -43.20
CA VAL A 564 -23.63 5.43 -42.55
C VAL A 564 -23.40 6.78 -41.88
N LYS A 565 -24.21 7.77 -42.24
CA LYS A 565 -24.07 9.12 -41.72
C LYS A 565 -25.35 9.59 -41.02
N MET A 566 -26.24 8.66 -40.66
CA MET A 566 -27.52 9.01 -40.10
C MET A 566 -27.83 8.31 -38.78
N LYS A 567 -26.91 7.51 -38.24
CA LYS A 567 -27.11 6.82 -36.98
C LYS A 567 -26.10 7.32 -35.96
N SER A 568 -26.58 7.55 -34.74
CA SER A 568 -25.74 8.01 -33.64
C SER A 568 -25.42 6.85 -32.71
N LEU A 569 -24.77 7.16 -31.59
CA LEU A 569 -24.52 6.14 -30.58
C LEU A 569 -25.84 5.68 -29.97
N PRO A 570 -25.97 4.39 -29.66
CA PRO A 570 -27.23 3.91 -29.08
C PRO A 570 -27.41 4.40 -27.64
N TRP A 571 -28.67 4.40 -27.22
CA TRP A 571 -29.04 4.77 -25.85
C TRP A 571 -28.94 3.53 -24.97
N SER A 572 -27.93 3.51 -24.10
CA SER A 572 -27.75 2.40 -23.18
C SER A 572 -28.89 2.36 -22.17
N ASP A 573 -29.12 1.17 -21.61
CA ASP A 573 -30.18 1.00 -20.62
C ASP A 573 -29.90 1.84 -19.38
N TYR A 574 -28.63 1.89 -18.96
CA TYR A 574 -28.24 2.67 -17.78
C TYR A 574 -28.31 4.18 -18.05
N GLU A 575 -28.01 4.59 -19.28
CA GLU A 575 -28.14 6.00 -19.65
C GLU A 575 -29.60 6.45 -19.68
N MET A 576 -30.54 5.53 -19.86
CA MET A 576 -31.96 5.83 -19.71
C MET A 576 -32.41 5.69 -18.27
N ASP A 577 -31.73 4.83 -17.51
CA ASP A 577 -31.98 4.68 -16.09
C ASP A 577 -31.73 5.99 -15.38
N ALA A 578 -30.64 6.68 -15.76
CA ALA A 578 -30.33 7.99 -15.21
C ALA A 578 -31.42 9.01 -15.52
N ILE A 579 -31.92 9.01 -16.76
CA ILE A 579 -32.96 9.96 -17.14
C ILE A 579 -34.23 9.71 -16.36
N HIS A 580 -34.59 8.44 -16.16
CA HIS A 580 -35.75 8.11 -15.36
C HIS A 580 -35.59 8.59 -13.93
N SER A 581 -34.40 8.41 -13.36
CA SER A 581 -34.15 8.88 -11.99
C SER A 581 -34.29 10.40 -11.90
N LEU A 582 -33.72 11.13 -12.86
CA LEU A 582 -33.81 12.58 -12.84
C LEU A 582 -35.25 13.05 -12.97
N GLN A 583 -36.02 12.39 -13.85
CA GLN A 583 -37.44 12.72 -13.99
C GLN A 583 -38.18 12.49 -12.67
N LEU A 584 -37.89 11.36 -12.00
CA LEU A 584 -38.52 11.11 -10.72
C LEU A 584 -38.17 12.18 -9.69
N ILE A 585 -36.90 12.57 -9.63
CA ILE A 585 -36.47 13.55 -8.65
C ILE A 585 -37.15 14.90 -8.90
N LEU A 586 -37.18 15.33 -10.17
CA LEU A 586 -37.79 16.62 -10.48
C LEU A 586 -39.30 16.59 -10.23
N ARG A 587 -39.97 15.50 -10.59
CA ARG A 587 -41.40 15.40 -10.34
C ARG A 587 -41.70 15.41 -8.85
N GLY A 588 -40.88 14.71 -8.05
CA GLY A 588 -41.09 14.69 -6.62
C GLY A 588 -40.86 16.05 -5.98
N THR A 589 -39.81 16.77 -6.40
CA THR A 589 -39.55 18.08 -5.83
C THR A 589 -40.57 19.12 -6.29
N LEU A 590 -41.19 18.93 -7.45
CA LEU A 590 -42.27 19.83 -7.86
C LEU A 590 -43.57 19.52 -7.12
N ASN A 591 -43.83 18.24 -6.87
CA ASN A 591 -45.07 17.84 -6.20
C ASN A 591 -45.04 18.19 -4.72
N ASP A 745 -47.35 5.61 -9.98
CA ASP A 745 -48.35 6.15 -10.89
C ASP A 745 -48.31 5.42 -12.23
N LYS A 746 -48.09 6.17 -13.31
CA LYS A 746 -48.01 5.63 -14.65
C LYS A 746 -46.56 5.67 -15.11
N PHE A 747 -46.03 4.53 -15.55
CA PHE A 747 -44.62 4.41 -15.94
C PHE A 747 -44.55 3.64 -17.25
N THR A 748 -44.50 4.37 -18.36
CA THR A 748 -44.28 3.79 -19.68
C THR A 748 -43.19 4.58 -20.37
N ARG A 749 -42.21 3.87 -20.93
CA ARG A 749 -41.04 4.54 -21.52
C ARG A 749 -40.60 3.72 -22.73
N VAL A 750 -41.02 4.14 -23.91
CA VAL A 750 -40.62 3.48 -25.14
C VAL A 750 -39.22 3.93 -25.51
N GLU A 751 -38.31 2.96 -25.65
CA GLU A 751 -36.95 3.22 -26.09
C GLU A 751 -36.63 2.61 -27.45
N GLY A 752 -37.66 2.23 -28.20
CA GLY A 752 -37.48 1.81 -29.58
C GLY A 752 -37.66 3.00 -30.51
N ASP A 753 -36.79 3.08 -31.51
CA ASP A 753 -36.74 4.24 -32.38
C ASP A 753 -38.06 4.45 -33.13
N TYR A 754 -38.40 3.51 -34.02
CA TYR A 754 -39.64 3.62 -34.79
C TYR A 754 -40.45 2.33 -34.76
N ARG A 755 -39.77 1.18 -34.68
CA ARG A 755 -40.44 -0.11 -34.74
C ARG A 755 -40.59 -0.78 -33.38
N ALA A 756 -39.53 -0.85 -32.59
CA ALA A 756 -39.54 -1.61 -31.34
C ALA A 756 -40.22 -0.82 -30.23
N ILE A 757 -40.69 -1.56 -29.23
CA ILE A 757 -41.31 -0.98 -28.03
C ILE A 757 -40.95 -1.85 -26.84
N ILE A 758 -40.12 -1.34 -25.94
CA ILE A 758 -39.81 -1.98 -24.67
C ILE A 758 -39.81 -0.92 -23.57
N HIS A 759 -39.94 -1.35 -22.33
CA HIS A 759 -40.26 -0.45 -21.23
C HIS A 759 -39.56 -0.95 -19.96
N ASN A 760 -40.06 -0.48 -18.81
CA ASN A 760 -39.65 -0.87 -17.46
C ASN A 760 -38.21 -0.52 -17.09
N PRO A 761 -37.89 0.76 -16.93
CA PRO A 761 -36.61 1.14 -16.32
C PRO A 761 -36.75 1.34 -14.81
N ASN A 762 -35.60 1.41 -14.15
CA ASN A 762 -35.49 1.51 -12.70
C ASN A 762 -35.18 2.93 -12.25
N PRO A 763 -35.28 3.22 -10.94
CA PRO A 763 -34.77 4.50 -10.43
C PRO A 763 -33.26 4.57 -10.25
N LEU A 764 -32.68 3.54 -9.65
CA LEU A 764 -31.33 3.57 -9.09
C LEU A 764 -31.02 4.89 -8.38
N ILE A 765 -31.81 5.17 -7.35
CA ILE A 765 -31.52 6.30 -6.46
C ILE A 765 -30.88 5.73 -5.20
N PRO A 766 -29.79 6.33 -4.71
CA PRO A 766 -29.08 5.71 -3.59
C PRO A 766 -29.89 5.78 -2.31
N PRO A 767 -29.64 4.89 -1.35
CA PRO A 767 -30.38 4.93 -0.09
C PRO A 767 -29.96 6.13 0.75
N ILE A 768 -30.94 6.93 1.16
CA ILE A 768 -30.70 8.21 1.81
C ILE A 768 -31.42 8.23 3.16
N PHE A 769 -30.75 8.78 4.17
CA PHE A 769 -31.41 9.05 5.44
C PHE A 769 -30.82 10.32 6.04
N GLY A 770 -31.39 10.77 7.14
CA GLY A 770 -30.95 12.00 7.76
C GLY A 770 -31.39 12.08 9.21
N ALA A 771 -30.62 12.85 9.97
CA ALA A 771 -30.86 13.07 11.38
C ALA A 771 -30.99 14.56 11.66
N ASP A 772 -31.89 14.91 12.57
CA ASP A 772 -32.10 16.30 12.95
C ASP A 772 -30.90 16.82 13.73
N GLN A 773 -30.95 18.11 14.10
CA GLN A 773 -29.87 18.71 14.88
C GLN A 773 -29.77 18.14 16.28
N PHE A 774 -30.84 17.51 16.77
CA PHE A 774 -30.85 16.89 18.10
C PHE A 774 -30.60 15.40 18.05
N GLY A 775 -30.29 14.85 16.88
CA GLY A 775 -30.05 13.43 16.71
C GLY A 775 -31.26 12.61 16.34
N TRP A 776 -32.45 13.21 16.34
CA TRP A 776 -33.64 12.48 15.95
C TRP A 776 -33.62 12.18 14.46
N CYS A 777 -33.98 10.95 14.10
CA CYS A 777 -34.07 10.59 12.69
C CYS A 777 -35.25 11.33 12.04
N SER A 778 -35.02 11.87 10.85
CA SER A 778 -36.04 12.68 10.20
C SER A 778 -36.21 12.40 8.72
N GLU A 779 -35.61 11.34 8.19
CA GLU A 779 -35.74 10.99 6.78
C GLU A 779 -35.31 9.55 6.59
N TRP A 780 -36.12 8.78 5.86
CA TRP A 780 -35.83 7.37 5.59
C TRP A 780 -36.31 7.08 4.17
N ASN A 781 -35.37 6.95 3.25
CA ASN A 781 -35.70 6.78 1.84
C ASN A 781 -36.29 5.38 1.59
N ALA A 782 -36.99 5.28 0.45
CA ALA A 782 -37.55 3.98 0.05
C ALA A 782 -36.44 3.00 -0.31
N ALA A 783 -35.37 3.47 -0.96
CA ALA A 783 -34.24 2.60 -1.24
C ALA A 783 -33.60 2.10 0.04
N MET A 784 -33.55 2.94 1.07
CA MET A 784 -33.06 2.50 2.38
C MET A 784 -33.98 1.44 2.96
N THR A 785 -35.30 1.62 2.78
CA THR A 785 -36.26 0.61 3.22
C THR A 785 -36.01 -0.73 2.54
N LYS A 786 -35.76 -0.71 1.23
CA LYS A 786 -35.45 -1.95 0.52
C LYS A 786 -34.13 -2.55 1.01
N LEU A 787 -33.13 -1.70 1.26
CA LEU A 787 -31.80 -2.19 1.64
C LEU A 787 -31.82 -2.84 3.01
N THR A 788 -32.45 -2.19 3.99
CA THR A 788 -32.41 -2.69 5.37
C THR A 788 -33.58 -3.60 5.69
N GLY A 789 -34.76 -3.34 5.13
CA GLY A 789 -35.94 -4.12 5.41
C GLY A 789 -36.90 -3.46 6.37
N TRP A 790 -36.48 -2.42 7.08
CA TRP A 790 -37.36 -1.71 8.00
C TRP A 790 -38.26 -0.77 7.20
N HIS A 791 -39.16 -0.08 7.90
CA HIS A 791 -40.09 0.84 7.26
C HIS A 791 -39.95 2.22 7.90
N ARG A 792 -40.33 3.25 7.13
CA ARG A 792 -40.14 4.62 7.58
C ARG A 792 -40.92 4.90 8.87
N ASP A 793 -42.11 4.32 9.00
CA ASP A 793 -42.94 4.60 10.16
C ASP A 793 -42.42 3.92 11.43
N GLU A 794 -41.64 2.85 11.30
CA GLU A 794 -41.07 2.16 12.45
C GLU A 794 -39.73 2.76 12.91
N VAL A 795 -39.16 3.68 12.14
CA VAL A 795 -37.84 4.21 12.45
C VAL A 795 -37.81 5.71 12.65
N ILE A 796 -38.84 6.45 12.22
CA ILE A 796 -38.78 7.90 12.32
C ILE A 796 -39.00 8.35 13.77
N ASP A 797 -38.55 9.57 14.06
CA ASP A 797 -38.70 10.19 15.38
C ASP A 797 -38.09 9.31 16.48
N ARG A 798 -36.93 8.75 16.21
CA ARG A 798 -36.18 7.99 17.21
C ARG A 798 -34.72 8.39 17.12
N MET A 799 -34.02 8.27 18.26
CA MET A 799 -32.61 8.66 18.30
C MET A 799 -31.81 7.82 17.32
N LEU A 800 -31.02 8.49 16.48
CA LEU A 800 -30.27 7.79 15.45
C LEU A 800 -29.14 6.96 16.06
N LEU A 801 -28.49 7.47 17.09
CA LEU A 801 -27.38 6.78 17.75
C LEU A 801 -27.85 6.30 19.11
N GLY A 802 -28.28 5.03 19.17
CA GLY A 802 -28.74 4.46 20.41
C GLY A 802 -30.00 3.63 20.28
N GLU A 803 -30.87 4.00 19.35
CA GLU A 803 -32.13 3.30 19.13
C GLU A 803 -32.25 2.70 17.74
N VAL A 804 -31.64 3.32 16.73
CA VAL A 804 -31.68 2.78 15.38
C VAL A 804 -30.37 2.08 15.03
N PHE A 805 -29.25 2.77 15.18
CA PHE A 805 -27.92 2.23 14.91
C PHE A 805 -27.18 2.14 16.24
N ASP A 806 -27.30 0.99 16.92
CA ASP A 806 -26.68 0.80 18.21
C ASP A 806 -26.18 -0.64 18.27
N SER A 807 -25.11 -0.84 19.03
CA SER A 807 -24.42 -2.13 19.07
C SER A 807 -25.08 -3.15 19.99
N SER A 808 -26.04 -2.75 20.83
CA SER A 808 -26.60 -3.67 21.83
C SER A 808 -28.06 -3.97 21.57
N ASN A 809 -28.93 -2.96 21.52
CA ASN A 809 -30.38 -3.17 21.39
C ASN A 809 -30.93 -2.07 20.49
N ALA A 810 -31.09 -2.40 19.20
CA ALA A 810 -31.55 -1.42 18.23
C ALA A 810 -32.13 -2.15 17.04
N SER A 811 -32.61 -1.39 16.06
CA SER A 811 -33.21 -1.97 14.86
C SER A 811 -32.15 -2.61 13.97
N CYS A 812 -31.05 -1.91 13.74
CA CYS A 812 -29.97 -2.38 12.87
C CYS A 812 -28.69 -2.42 13.69
N LEU A 813 -28.42 -3.58 14.30
CA LEU A 813 -27.26 -3.73 15.17
C LEU A 813 -25.97 -3.63 14.37
N LEU A 814 -24.94 -3.08 15.01
CA LEU A 814 -23.61 -2.99 14.44
C LEU A 814 -22.79 -4.22 14.83
N LYS A 815 -21.54 -4.26 14.38
CA LYS A 815 -20.69 -5.42 14.66
C LYS A 815 -20.24 -5.43 16.12
N SER A 816 -19.74 -4.31 16.62
CA SER A 816 -19.21 -4.25 17.98
C SER A 816 -19.16 -2.80 18.42
N LYS A 817 -18.78 -2.61 19.70
CA LYS A 817 -18.76 -1.28 20.29
C LYS A 817 -17.76 -0.36 19.58
N ASP A 818 -16.67 -0.91 19.05
CA ASP A 818 -15.71 -0.09 18.32
C ASP A 818 -16.36 0.55 17.10
N ALA A 819 -17.15 -0.22 16.36
CA ALA A 819 -17.83 0.33 15.19
C ALA A 819 -18.83 1.41 15.58
N PHE A 820 -19.53 1.22 16.70
CA PHE A 820 -20.46 2.24 17.17
C PHE A 820 -19.74 3.51 17.55
N VAL A 821 -18.58 3.40 18.20
CA VAL A 821 -17.80 4.58 18.54
C VAL A 821 -17.32 5.29 17.29
N ARG A 822 -16.86 4.53 16.30
CA ARG A 822 -16.42 5.13 15.04
C ARG A 822 -17.56 5.84 14.32
N LEU A 823 -18.75 5.24 14.32
CA LEU A 823 -19.91 5.87 13.70
C LEU A 823 -20.32 7.14 14.43
N CYS A 824 -20.27 7.11 15.77
CA CYS A 824 -20.54 8.32 16.54
C CYS A 824 -19.54 9.43 16.22
N ILE A 825 -18.26 9.07 16.12
CA ILE A 825 -17.24 10.05 15.75
C ILE A 825 -17.54 10.62 14.36
N ILE A 826 -17.91 9.76 13.40
CA ILE A 826 -18.17 10.20 12.04
C ILE A 826 -19.33 11.19 12.03
N ILE A 827 -20.44 10.83 12.68
CA ILE A 827 -21.63 11.69 12.66
C ILE A 827 -21.37 13.01 13.37
N ASN A 828 -20.69 12.96 14.52
CA ASN A 828 -20.45 14.19 15.28
C ASN A 828 -19.48 15.10 14.54
N SER A 829 -18.46 14.53 13.89
CA SER A 829 -17.54 15.34 13.09
C SER A 829 -18.26 15.93 11.88
N ALA A 830 -19.17 15.18 11.27
CA ALA A 830 -19.96 15.73 10.16
C ALA A 830 -20.82 16.90 10.61
N LEU A 831 -21.43 16.79 11.80
CA LEU A 831 -22.23 17.89 12.33
C LEU A 831 -21.40 19.11 12.68
N ALA A 832 -20.08 19.00 12.75
CA ALA A 832 -19.22 20.10 13.18
C ALA A 832 -18.69 20.93 12.02
N GLY A 833 -18.95 20.55 10.78
CA GLY A 833 -18.54 21.33 9.63
C GLY A 833 -17.54 20.66 8.71
N GLU A 834 -17.09 19.45 9.02
CA GLU A 834 -16.20 18.70 8.14
C GLU A 834 -16.91 17.43 7.70
N GLU A 835 -16.93 17.19 6.39
CA GLU A 835 -17.73 16.13 5.80
C GLU A 835 -16.85 14.94 5.45
N ALA A 836 -17.40 13.73 5.65
CA ALA A 836 -16.70 12.49 5.33
C ALA A 836 -17.29 11.88 4.06
N GLU A 837 -16.42 11.31 3.23
CA GLU A 837 -16.83 10.69 1.97
C GLU A 837 -16.28 9.27 1.89
N LYS A 838 -17.15 8.33 1.54
CA LYS A 838 -16.79 6.93 1.34
C LYS A 838 -16.02 6.36 2.53
N ALA A 839 -16.65 6.40 3.70
CA ALA A 839 -16.10 5.75 4.89
C ALA A 839 -16.73 4.37 5.04
N PRO A 840 -15.95 3.30 5.09
CA PRO A 840 -16.56 1.96 5.13
C PRO A 840 -17.27 1.70 6.46
N ILE A 841 -18.47 1.13 6.38
CA ILE A 841 -19.26 0.72 7.53
C ILE A 841 -19.88 -0.63 7.23
N GLY A 842 -20.49 -1.22 8.26
CA GLY A 842 -21.18 -2.49 8.09
C GLY A 842 -22.15 -2.70 9.23
N PHE A 843 -23.25 -3.40 8.92
CA PHE A 843 -24.30 -3.62 9.91
C PHE A 843 -25.14 -4.83 9.53
N PHE A 844 -25.92 -5.30 10.49
CA PHE A 844 -26.85 -6.40 10.28
C PHE A 844 -28.22 -5.85 9.91
N ASP A 845 -28.84 -6.42 8.89
CA ASP A 845 -30.16 -5.98 8.44
C ASP A 845 -31.22 -6.62 9.34
N ARG A 846 -32.49 -6.52 8.93
CA ARG A 846 -33.57 -7.10 9.70
C ARG A 846 -33.49 -8.62 9.72
N ASP A 847 -32.99 -9.24 8.67
CA ASP A 847 -32.96 -10.69 8.55
C ASP A 847 -31.65 -11.31 9.05
N GLY A 848 -30.75 -10.52 9.63
CA GLY A 848 -29.52 -11.05 10.15
C GLY A 848 -28.40 -11.19 9.14
N LYS A 849 -28.53 -10.58 7.97
CA LYS A 849 -27.51 -10.66 6.94
C LYS A 849 -26.56 -9.48 7.05
N TYR A 850 -25.26 -9.77 7.14
CA TYR A 850 -24.27 -8.71 7.23
C TYR A 850 -24.18 -7.95 5.91
N ILE A 851 -24.15 -6.62 6.00
CA ILE A 851 -24.05 -5.75 4.85
C ILE A 851 -22.89 -4.79 5.09
N GLU A 852 -21.96 -4.74 4.13
CA GLU A 852 -20.81 -3.86 4.18
C GLU A 852 -20.92 -2.84 3.05
N CYS A 853 -20.81 -1.56 3.39
CA CYS A 853 -21.08 -0.50 2.43
C CYS A 853 -20.21 0.70 2.79
N LEU A 854 -20.44 1.82 2.09
CA LEU A 854 -19.72 3.06 2.31
C LEU A 854 -20.70 4.16 2.64
N LEU A 855 -20.36 4.96 3.66
CA LEU A 855 -21.21 6.04 4.14
C LEU A 855 -20.54 7.38 3.83
N SER A 856 -21.36 8.37 3.49
CA SER A 856 -20.89 9.73 3.22
C SER A 856 -21.89 10.71 3.80
N VAL A 857 -21.41 11.59 4.68
CA VAL A 857 -22.26 12.51 5.43
C VAL A 857 -21.93 13.93 5.00
N ASN A 858 -22.96 14.74 4.77
CA ASN A 858 -22.82 16.15 4.43
C ASN A 858 -23.64 16.98 5.39
N ARG A 859 -23.03 18.01 5.97
CA ARG A 859 -23.73 18.87 6.91
C ARG A 859 -24.84 19.63 6.19
N LYS A 860 -25.95 19.87 6.90
CA LYS A 860 -27.10 20.56 6.35
C LYS A 860 -27.29 21.86 7.13
N VAL A 861 -27.12 22.99 6.44
CA VAL A 861 -27.12 24.31 7.06
C VAL A 861 -28.25 25.14 6.46
N ASN A 862 -29.00 25.82 7.33
CA ASN A 862 -30.07 26.69 6.89
C ASN A 862 -29.51 27.95 6.25
N ALA A 863 -30.40 28.73 5.63
CA ALA A 863 -30.00 29.97 4.98
C ALA A 863 -29.60 31.06 5.97
N ASP A 864 -29.90 30.89 7.25
CA ASP A 864 -29.55 31.86 8.28
C ASP A 864 -28.18 31.60 8.91
N GLY A 865 -27.51 30.53 8.52
CA GLY A 865 -26.21 30.20 9.10
C GLY A 865 -26.25 29.23 10.26
N VAL A 866 -27.40 28.62 10.53
CA VAL A 866 -27.56 27.68 11.64
C VAL A 866 -27.75 26.29 11.06
N VAL A 867 -26.95 25.33 11.51
CA VAL A 867 -27.08 23.96 11.04
C VAL A 867 -28.38 23.36 11.58
N THR A 868 -28.92 22.37 10.85
CA THR A 868 -30.18 21.75 11.23
C THR A 868 -30.17 20.24 11.11
N GLY A 869 -29.01 19.62 11.00
CA GLY A 869 -28.93 18.17 10.97
C GLY A 869 -27.89 17.71 9.97
N VAL A 870 -28.01 16.44 9.59
CA VAL A 870 -27.10 15.82 8.64
C VAL A 870 -27.89 15.23 7.49
N PHE A 871 -27.18 14.65 6.52
CA PHE A 871 -27.79 14.09 5.32
C PHE A 871 -26.84 13.02 4.79
N CYS A 872 -27.16 11.76 5.04
CA CYS A 872 -26.29 10.65 4.72
C CYS A 872 -26.87 9.83 3.56
N PHE A 873 -25.97 9.29 2.73
CA PHE A 873 -26.34 8.37 1.66
C PHE A 873 -25.25 7.30 1.56
N ILE A 874 -25.64 6.14 1.07
CA ILE A 874 -24.83 4.92 1.18
C ILE A 874 -24.60 4.33 -0.20
N HIS A 875 -23.33 4.09 -0.54
CA HIS A 875 -22.96 3.34 -1.72
C HIS A 875 -22.77 1.86 -1.37
N VAL A 876 -23.08 1.00 -2.33
CA VAL A 876 -22.89 -0.44 -2.15
C VAL A 876 -22.08 -0.98 -3.33
N PRO A 877 -20.76 -0.79 -3.35
CA PRO A 877 -19.95 -1.32 -4.44
C PRO A 877 -19.80 -2.83 -4.35
N SER A 878 -19.45 -3.42 -5.49
CA SER A 878 -19.15 -4.85 -5.53
C SER A 878 -17.81 -5.13 -4.85
N ASP A 879 -17.58 -6.41 -4.56
CA ASP A 879 -16.42 -6.79 -3.75
C ASP A 879 -15.10 -6.41 -4.41
N ASP A 880 -14.97 -6.66 -5.72
CA ASP A 880 -13.73 -6.33 -6.41
C ASP A 880 -13.48 -4.83 -6.42
N LEU A 881 -14.52 -4.05 -6.72
CA LEU A 881 -14.37 -2.60 -6.71
C LEU A 881 -14.07 -2.08 -5.31
N GLN A 882 -14.69 -2.68 -4.30
CA GLN A 882 -14.39 -2.29 -2.92
C GLN A 882 -12.93 -2.57 -2.58
N HIS A 883 -12.41 -3.72 -3.02
CA HIS A 883 -11.02 -4.06 -2.76
C HIS A 883 -10.08 -3.07 -3.44
N ALA A 884 -10.37 -2.73 -4.70
CA ALA A 884 -9.54 -1.76 -5.41
C ALA A 884 -9.60 -0.39 -4.77
N LEU A 885 -10.79 0.04 -4.34
CA LEU A 885 -10.93 1.33 -3.67
C LEU A 885 -10.14 1.36 -2.37
N HIS A 886 -10.22 0.28 -1.59
CA HIS A 886 -9.45 0.19 -0.36
C HIS A 886 -7.96 0.27 -0.63
N VAL A 887 -7.49 -0.44 -1.67
CA VAL A 887 -6.06 -0.43 -2.00
C VAL A 887 -5.62 0.99 -2.36
N GLN A 888 -6.37 1.66 -3.23
CA GLN A 888 -5.99 3.01 -3.65
C GLN A 888 -6.02 3.99 -2.48
N GLN A 889 -7.04 3.89 -1.64
CA GLN A 889 -7.16 4.80 -0.50
C GLN A 889 -6.01 4.59 0.48
N ALA A 890 -5.60 3.34 0.69
CA ALA A 890 -4.45 3.08 1.55
C ALA A 890 -3.15 3.55 0.91
N SER A 891 -3.05 3.47 -0.42
CA SER A 891 -1.80 3.80 -1.09
C SER A 891 -1.55 5.29 -1.19
N GLU A 892 -2.60 6.11 -1.35
CA GLU A 892 -2.40 7.53 -1.61
C GLU A 892 -1.71 8.25 -0.44
N GLN A 893 -1.93 7.77 0.79
CA GLN A 893 -1.41 8.47 1.97
C GLN A 893 0.12 8.50 1.97
N THR A 894 0.75 7.37 1.62
CA THR A 894 2.21 7.31 1.63
C THR A 894 2.81 8.32 0.66
N ALA A 895 2.21 8.43 -0.54
CA ALA A 895 2.68 9.41 -1.50
C ALA A 895 2.50 10.83 -0.96
N LEU A 896 1.37 11.09 -0.30
CA LEU A 896 1.14 12.42 0.25
C LEU A 896 2.20 12.79 1.28
N ARG A 897 2.46 11.91 2.24
CA ARG A 897 3.47 12.21 3.26
C ARG A 897 4.88 12.29 2.68
N ARG A 898 5.22 11.43 1.72
CA ARG A 898 6.52 11.52 1.08
C ARG A 898 6.69 12.86 0.37
N LEU A 899 5.65 13.31 -0.34
CA LEU A 899 5.72 14.60 -1.01
C LEU A 899 5.90 15.73 0.01
N LYS A 900 5.17 15.68 1.13
CA LYS A 900 5.30 16.72 2.14
C LYS A 900 6.73 16.78 2.70
N ALA A 901 7.27 15.61 3.06
CA ALA A 901 8.62 15.57 3.63
C ALA A 901 9.65 16.06 2.62
N PHE A 902 9.53 15.64 1.36
CA PHE A 902 10.50 16.04 0.35
C PHE A 902 10.39 17.54 0.03
N SER A 903 9.18 18.10 0.07
CA SER A 903 9.05 19.54 -0.10
C SER A 903 9.70 20.30 1.05
N TYR A 904 9.52 19.81 2.28
CA TYR A 904 10.22 20.41 3.42
C TYR A 904 11.73 20.39 3.19
N MET A 905 12.25 19.24 2.77
CA MET A 905 13.68 19.11 2.52
C MET A 905 14.15 20.06 1.42
N ARG A 906 13.38 20.17 0.34
CA ARG A 906 13.75 21.05 -0.76
C ARG A 906 13.83 22.49 -0.29
N HIS A 907 12.84 22.95 0.50
CA HIS A 907 12.92 24.31 1.01
C HIS A 907 14.08 24.49 1.97
N ALA A 908 14.28 23.53 2.88
CA ALA A 908 15.27 23.68 3.93
C ALA A 908 16.70 23.53 3.44
N ILE A 909 16.91 23.07 2.20
CA ILE A 909 18.25 23.09 1.63
C ILE A 909 18.78 24.52 1.54
N ASP A 910 17.89 25.50 1.35
CA ASP A 910 18.31 26.82 0.87
C ASP A 910 19.25 27.51 1.83
N LYS A 911 18.97 27.44 3.14
CA LYS A 911 19.61 28.33 4.11
C LYS A 911 21.14 28.30 4.09
N PRO A 912 21.82 27.14 4.15
CA PRO A 912 23.30 27.18 4.22
C PRO A 912 23.99 27.47 2.90
N LEU A 913 23.36 27.21 1.75
CA LEU A 913 23.99 27.57 0.48
C LEU A 913 24.16 29.08 0.35
N SER A 914 23.21 29.86 0.88
CA SER A 914 23.39 31.31 0.91
C SER A 914 24.63 31.69 1.71
N GLY A 915 24.83 31.05 2.87
CA GLY A 915 26.01 31.33 3.66
C GLY A 915 27.29 30.93 2.96
N MET A 916 27.28 29.77 2.29
CA MET A 916 28.47 29.34 1.57
C MET A 916 28.79 30.27 0.41
N LEU A 917 27.77 30.73 -0.32
CA LEU A 917 27.99 31.70 -1.38
C LEU A 917 28.57 33.00 -0.82
N TYR A 918 28.03 33.46 0.31
CA TYR A 918 28.57 34.65 0.96
C TYR A 918 30.05 34.45 1.28
N SER A 919 30.38 33.35 1.95
CA SER A 919 31.75 33.12 2.39
C SER A 919 32.70 33.01 1.20
N ARG A 920 32.28 32.33 0.14
CA ARG A 920 33.11 32.24 -1.06
C ARG A 920 33.29 33.61 -1.69
N GLU A 921 32.26 34.45 -1.65
CA GLU A 921 32.40 35.81 -2.17
C GLU A 921 33.41 36.60 -1.35
N THR A 922 33.41 36.43 -0.02
CA THR A 922 34.44 37.07 0.80
C THR A 922 35.84 36.56 0.43
N LEU A 923 35.97 35.24 0.29
CA LEU A 923 37.27 34.67 -0.06
C LEU A 923 37.78 35.21 -1.39
N LYS A 924 36.90 35.31 -2.38
CA LYS A 924 37.29 35.88 -3.67
C LYS A 924 37.64 37.35 -3.52
N GLY A 925 36.89 38.06 -2.66
CA GLY A 925 37.14 39.49 -2.43
C GLY A 925 38.48 39.72 -1.76
N THR A 926 38.82 38.87 -0.80
CA THR A 926 40.09 38.99 -0.10
C THR A 926 41.26 38.75 -1.04
N ASP A 927 42.36 39.44 -0.75
CA ASP A 927 43.58 39.32 -1.60
C ASP A 927 44.04 37.87 -1.60
N LEU A 928 44.23 37.31 -2.80
CA LEU A 928 44.67 35.93 -2.91
C LEU A 928 45.59 35.80 -4.13
N ASP A 929 46.45 34.79 -4.03
CA ASP A 929 47.40 34.52 -5.14
C ASP A 929 46.63 34.02 -6.36
N GLU A 930 47.29 34.03 -7.50
CA GLU A 930 46.65 33.61 -8.76
C GLU A 930 46.45 32.10 -8.82
N GLU A 931 47.30 31.32 -8.17
CA GLU A 931 47.19 29.87 -8.26
C GLU A 931 45.88 29.37 -7.64
N GLN A 932 45.34 30.09 -6.66
CA GLN A 932 44.05 29.76 -6.09
C GLN A 932 42.89 30.48 -6.76
N MET A 933 43.17 31.37 -7.71
CA MET A 933 42.08 31.96 -8.49
C MET A 933 41.33 30.89 -9.26
N ARG A 934 42.07 29.99 -9.92
CA ARG A 934 41.44 28.88 -10.61
C ARG A 934 40.70 27.95 -9.65
N GLN A 935 41.22 27.79 -8.43
CA GLN A 935 40.57 26.93 -7.45
C GLN A 935 39.24 27.52 -7.00
N VAL A 936 39.24 28.82 -6.69
CA VAL A 936 37.99 29.49 -6.31
C VAL A 936 37.01 29.48 -7.47
N ARG A 937 37.50 29.66 -8.70
CA ARG A 937 36.63 29.60 -9.86
C ARG A 937 36.02 28.20 -10.02
N VAL A 938 36.82 27.16 -9.79
CA VAL A 938 36.30 25.80 -9.86
C VAL A 938 35.23 25.57 -8.80
N ALA A 939 35.49 26.04 -7.59
CA ALA A 939 34.45 25.92 -6.54
C ALA A 939 33.17 26.61 -7.03
N ASP A 940 33.28 27.87 -7.43
CA ASP A 940 32.09 28.61 -7.82
C ASP A 940 31.36 27.94 -8.98
N ASN A 941 32.09 27.40 -9.94
CA ASN A 941 31.47 26.65 -11.03
C ASN A 941 30.73 25.43 -10.50
N CYS A 942 31.33 24.72 -9.55
CA CYS A 942 30.67 23.58 -8.95
C CYS A 942 29.40 24.00 -8.21
N HIS A 943 29.46 25.13 -7.50
CA HIS A 943 28.29 25.60 -6.76
C HIS A 943 27.16 26.01 -7.69
N ARG A 944 27.47 26.73 -8.77
CA ARG A 944 26.42 27.09 -9.71
C ARG A 944 25.89 25.87 -10.45
N GLN A 945 26.74 24.88 -10.72
CA GLN A 945 26.25 23.62 -11.25
C GLN A 945 25.26 22.97 -10.29
N LEU A 946 25.58 22.99 -8.99
CA LEU A 946 24.65 22.48 -8.00
C LEU A 946 23.34 23.26 -8.02
N ASN A 947 23.42 24.57 -8.19
CA ASN A 947 22.22 25.40 -8.31
C ASN A 947 21.40 25.00 -9.53
N LYS A 948 22.05 24.49 -10.57
CA LYS A 948 21.33 24.14 -11.80
C LYS A 948 20.28 23.06 -11.55
N ILE A 949 20.65 21.96 -10.87
CA ILE A 949 19.69 20.88 -10.69
C ILE A 949 18.54 21.32 -9.81
N LEU A 950 18.81 22.12 -8.78
CA LEU A 950 17.74 22.64 -7.94
C LEU A 950 16.79 23.52 -8.76
N ALA A 951 17.33 24.30 -9.69
CA ALA A 951 16.52 25.10 -10.60
C ALA A 951 15.86 24.24 -11.68
N ASP A 952 16.06 22.92 -11.68
CA ASP A 952 15.44 22.03 -12.66
C ASP A 952 14.11 21.47 -12.18
N LEU A 953 13.36 22.25 -11.40
CA LEU A 953 12.01 21.85 -11.00
C LEU A 953 11.02 22.08 -12.14
N ASP A 954 11.55 22.36 -13.33
CA ASP A 954 10.70 22.70 -14.46
C ASP A 954 9.99 21.46 -15.00
N GLN A 955 8.78 21.22 -14.47
CA GLN A 955 7.85 20.17 -14.89
C GLN A 955 8.53 18.87 -15.30
N ASP A 956 9.35 18.29 -14.43
CA ASP A 956 9.95 16.99 -14.68
C ASP A 956 10.67 16.96 -16.03
N ASN A 957 11.80 17.66 -16.12
CA ASN A 957 12.47 18.06 -17.36
C ASN A 957 12.33 17.04 -18.49
N ILE A 958 11.96 17.54 -19.67
CA ILE A 958 11.47 16.69 -20.76
C ILE A 958 12.52 15.67 -21.17
N THR A 959 13.79 16.06 -21.16
CA THR A 959 14.96 15.27 -21.56
C THR A 959 14.68 14.61 -22.92
N ASP A 960 15.31 13.48 -23.20
CA ASP A 960 15.25 12.81 -24.50
C ASP A 960 15.88 13.68 -25.58
N LYS A 961 15.64 13.38 -26.84
CA LYS A 961 16.25 14.14 -27.92
C LYS A 961 15.75 15.59 -27.92
N SER A 962 14.45 15.79 -27.69
CA SER A 962 13.88 17.13 -27.67
C SER A 962 14.47 17.96 -26.54
N SER A 963 14.20 17.55 -25.29
CA SER A 963 14.78 18.18 -24.10
C SER A 963 14.59 19.69 -24.09
N CYS A 964 15.45 20.38 -23.34
CA CYS A 964 15.45 21.84 -23.27
C CYS A 964 16.67 22.36 -24.02
N LEU A 965 16.43 22.98 -25.18
CA LEU A 965 17.48 23.50 -26.04
C LEU A 965 18.04 24.84 -25.54
N ASP A 966 17.64 25.28 -24.36
CA ASP A 966 18.04 26.56 -23.79
C ASP A 966 19.42 26.52 -23.13
N LEU A 967 20.27 25.58 -23.56
CA LEU A 967 21.62 25.43 -23.03
C LEU A 967 22.36 26.77 -23.01
N ASP A 968 23.13 26.98 -21.94
CA ASP A 968 23.88 28.22 -21.75
C ASP A 968 24.88 28.45 -22.87
N MET A 969 24.68 29.52 -23.65
CA MET A 969 25.54 29.83 -24.79
C MET A 969 26.47 30.96 -24.40
N ALA A 970 27.73 30.62 -24.10
CA ALA A 970 28.72 31.61 -23.70
C ALA A 970 30.11 31.04 -23.87
N GLU A 971 31.09 31.94 -23.92
CA GLU A 971 32.49 31.53 -23.98
C GLU A 971 32.97 31.04 -22.62
N PHE A 972 34.00 30.19 -22.65
CA PHE A 972 34.55 29.59 -21.45
C PHE A 972 35.90 28.96 -21.80
N VAL A 973 36.47 28.21 -20.85
CA VAL A 973 37.66 27.41 -21.07
C VAL A 973 37.34 25.97 -20.73
N LEU A 974 37.56 25.07 -21.70
CA LEU A 974 37.23 23.66 -21.50
C LEU A 974 38.11 23.02 -20.42
N GLN A 975 39.34 23.50 -20.26
CA GLN A 975 40.24 22.92 -19.26
C GLN A 975 39.67 23.09 -17.85
N ASP A 976 39.11 24.26 -17.56
CA ASP A 976 38.52 24.48 -16.24
C ASP A 976 37.33 23.56 -16.01
N VAL A 977 36.51 23.35 -17.05
CA VAL A 977 35.37 22.45 -16.94
C VAL A 977 35.83 21.03 -16.63
N VAL A 978 36.85 20.56 -17.35
CA VAL A 978 37.36 19.21 -17.12
C VAL A 978 37.99 19.10 -15.74
N VAL A 979 38.69 20.15 -15.29
CA VAL A 979 39.29 20.14 -13.96
C VAL A 979 38.21 20.05 -12.89
N SER A 980 37.13 20.81 -13.04
CA SER A 980 36.02 20.73 -12.10
C SER A 980 35.40 19.34 -12.10
N ALA A 981 35.22 18.75 -13.29
CA ALA A 981 34.65 17.41 -13.37
C ALA A 981 35.55 16.39 -12.67
N VAL A 982 36.86 16.52 -12.84
CA VAL A 982 37.80 15.61 -12.19
C VAL A 982 37.75 15.78 -10.68
N SER A 983 37.71 17.04 -10.21
CA SER A 983 37.68 17.28 -8.77
C SER A 983 36.37 16.82 -8.15
N GLN A 984 35.31 16.72 -8.94
CA GLN A 984 34.05 16.20 -8.42
C GLN A 984 34.15 14.74 -7.97
N VAL A 985 35.14 14.00 -8.47
CA VAL A 985 35.31 12.58 -8.13
C VAL A 985 36.68 12.28 -7.57
N LEU A 986 37.57 13.28 -7.46
CA LEU A 986 38.88 13.06 -6.88
C LEU A 986 38.80 12.50 -5.46
N ILE A 987 37.76 12.87 -4.70
CA ILE A 987 37.63 12.36 -3.34
C ILE A 987 37.42 10.85 -3.36
N GLY A 988 36.51 10.38 -4.21
CA GLY A 988 36.31 8.95 -4.34
C GLY A 988 37.53 8.23 -4.89
N CYS A 989 38.22 8.87 -5.82
CA CYS A 989 39.45 8.28 -6.37
C CYS A 989 40.49 8.09 -5.28
N GLN A 990 40.65 9.10 -4.41
CA GLN A 990 41.57 8.97 -3.27
C GLN A 990 41.09 7.89 -2.31
N GLY A 991 39.79 7.86 -2.05
CA GLY A 991 39.26 6.82 -1.14
C GLY A 991 39.62 5.44 -1.63
N LYS A 992 39.34 5.16 -2.90
CA LYS A 992 39.60 3.83 -3.46
C LYS A 992 41.05 3.65 -3.90
N GLY A 993 41.88 4.67 -3.78
CA GLY A 993 43.27 4.57 -4.21
C GLY A 993 43.43 4.34 -5.69
N ILE A 994 42.66 5.06 -6.51
CA ILE A 994 42.72 4.94 -7.96
C ILE A 994 43.59 6.05 -8.51
N ARG A 995 44.52 5.71 -9.40
CA ARG A 995 45.40 6.68 -10.02
C ARG A 995 44.78 7.18 -11.32
N VAL A 996 44.68 8.50 -11.45
CA VAL A 996 44.05 9.15 -12.60
C VAL A 996 45.13 9.88 -13.39
N ALA A 997 45.20 9.58 -14.69
CA ALA A 997 46.13 10.25 -15.60
C ALA A 997 45.31 11.01 -16.62
N CYS A 998 45.72 12.25 -16.90
CA CYS A 998 45.03 13.13 -17.84
C CYS A 998 46.05 13.57 -18.89
N ASN A 999 46.05 12.90 -20.03
CA ASN A 999 46.98 13.22 -21.12
C ASN A 999 46.25 14.12 -22.12
N LEU A 1000 46.18 15.40 -21.79
CA LEU A 1000 45.51 16.39 -22.62
C LEU A 1000 46.52 17.40 -23.15
N PRO A 1001 46.58 17.63 -24.46
CA PRO A 1001 47.54 18.61 -25.00
C PRO A 1001 47.22 20.00 -24.49
N GLU A 1002 48.26 20.67 -23.95
CA GLU A 1002 48.04 21.97 -23.31
C GLU A 1002 47.55 23.01 -24.31
N ARG A 1003 48.14 23.04 -25.50
CA ARG A 1003 47.75 24.04 -26.49
C ARG A 1003 46.31 23.84 -26.94
N SER A 1004 45.92 22.59 -27.20
CA SER A 1004 44.57 22.31 -27.67
C SER A 1004 43.53 22.40 -26.56
N MET A 1005 43.90 21.99 -25.34
CA MET A 1005 42.93 21.95 -24.25
C MET A 1005 42.55 23.35 -23.79
N LYS A 1006 43.46 24.31 -23.88
CA LYS A 1006 43.25 25.66 -23.38
C LYS A 1006 42.66 26.60 -24.41
N GLN A 1007 42.43 26.14 -25.64
CA GLN A 1007 41.88 27.00 -26.67
C GLN A 1007 40.44 27.39 -26.35
N LYS A 1008 40.12 28.67 -26.51
CA LYS A 1008 38.78 29.15 -26.22
C LYS A 1008 37.79 28.63 -27.27
N VAL A 1009 36.59 28.29 -26.80
CA VAL A 1009 35.51 27.81 -27.66
C VAL A 1009 34.19 28.43 -27.20
N TYR A 1010 33.16 28.26 -28.03
CA TYR A 1010 31.84 28.83 -27.79
C TYR A 1010 30.83 27.70 -27.64
N GLY A 1011 29.95 27.82 -26.66
CA GLY A 1011 28.92 26.82 -26.42
C GLY A 1011 28.48 26.74 -24.98
N ASP A 1012 28.27 25.52 -24.49
CA ASP A 1012 27.87 25.27 -23.10
C ASP A 1012 28.94 24.41 -22.42
N GLY A 1013 29.35 24.83 -21.23
CA GLY A 1013 30.37 24.11 -20.49
C GLY A 1013 29.88 23.58 -19.15
N ILE A 1014 28.82 24.19 -18.61
CA ILE A 1014 28.29 23.75 -17.33
C ILE A 1014 27.71 22.35 -17.45
N ARG A 1015 26.89 22.10 -18.48
CA ARG A 1015 26.32 20.78 -18.67
C ARG A 1015 27.39 19.75 -19.01
N LEU A 1016 28.42 20.17 -19.78
CA LEU A 1016 29.52 19.27 -20.09
C LEU A 1016 30.26 18.83 -18.83
N GLN A 1017 30.33 19.70 -17.83
CA GLN A 1017 30.94 19.31 -16.56
C GLN A 1017 30.21 18.12 -15.95
N GLN A 1018 28.88 18.18 -15.90
CA GLN A 1018 28.10 17.06 -15.39
C GLN A 1018 28.27 15.83 -16.28
N ILE A 1019 28.32 16.03 -17.59
CA ILE A 1019 28.43 14.91 -18.53
C ILE A 1019 29.74 14.15 -18.28
N LEU A 1020 30.80 14.88 -17.98
CA LEU A 1020 32.10 14.19 -17.77
C LEU A 1020 32.16 13.68 -16.33
N SER A 1021 31.47 14.35 -15.39
CA SER A 1021 31.61 14.00 -13.98
C SER A 1021 30.84 12.74 -13.63
N ASP A 1022 29.60 12.60 -14.12
CA ASP A 1022 28.84 11.40 -13.78
C ASP A 1022 29.42 10.16 -14.45
N PHE A 1023 29.95 10.29 -15.67
CA PHE A 1023 30.66 9.18 -16.30
C PHE A 1023 31.90 8.80 -15.51
N LEU A 1024 32.65 9.80 -15.03
CA LEU A 1024 33.81 9.51 -14.18
C LEU A 1024 33.38 8.78 -12.91
N PHE A 1025 32.28 9.23 -12.30
CA PHE A 1025 31.81 8.60 -11.08
C PHE A 1025 31.40 7.15 -11.31
N VAL A 1026 30.67 6.88 -12.40
CA VAL A 1026 30.22 5.51 -12.64
C VAL A 1026 31.40 4.62 -13.02
N SER A 1027 32.43 5.19 -13.67
CA SER A 1027 33.64 4.41 -13.91
C SER A 1027 34.37 4.10 -12.60
N VAL A 1028 34.44 5.08 -11.70
CA VAL A 1028 35.14 4.89 -10.43
C VAL A 1028 34.42 3.88 -9.55
N LYS A 1029 33.08 3.87 -9.60
CA LYS A 1029 32.29 3.04 -8.69
C LYS A 1029 32.63 1.56 -8.84
N PHE A 1030 32.78 1.09 -10.08
CA PHE A 1030 33.08 -0.30 -10.36
C PHE A 1030 34.58 -0.55 -10.51
N SER A 1031 35.40 0.45 -10.25
CA SER A 1031 36.85 0.30 -10.39
C SER A 1031 37.39 -0.59 -9.27
N PRO A 1032 38.12 -1.65 -9.60
CA PRO A 1032 38.75 -2.46 -8.55
C PRO A 1032 39.88 -1.69 -7.85
N ALA A 1033 40.18 -2.13 -6.64
CA ALA A 1033 41.22 -1.49 -5.85
C ALA A 1033 42.56 -1.56 -6.58
N GLY A 1034 43.27 -0.42 -6.62
CA GLY A 1034 44.52 -0.33 -7.33
C GLY A 1034 44.41 -0.07 -8.81
N GLY A 1035 43.20 0.12 -9.33
CA GLY A 1035 43.03 0.37 -10.75
C GLY A 1035 43.47 1.76 -11.16
N SER A 1036 43.47 1.99 -12.46
CA SER A 1036 43.89 3.26 -13.04
C SER A 1036 42.88 3.73 -14.07
N VAL A 1037 42.74 5.05 -14.17
CA VAL A 1037 41.85 5.69 -15.12
C VAL A 1037 42.70 6.60 -16.01
N ASP A 1038 42.49 6.51 -17.32
CA ASP A 1038 43.23 7.33 -18.29
C ASP A 1038 42.25 8.17 -19.08
N ILE A 1039 42.48 9.48 -19.13
CA ILE A 1039 41.59 10.42 -19.80
C ILE A 1039 42.39 11.17 -20.85
N SER A 1040 41.94 11.10 -22.11
CA SER A 1040 42.58 11.79 -23.21
C SER A 1040 41.54 12.62 -23.96
N SER A 1041 41.99 13.75 -24.51
CA SER A 1041 41.13 14.66 -25.24
C SER A 1041 41.76 14.99 -26.60
N LYS A 1042 40.94 14.97 -27.63
CA LYS A 1042 41.37 15.26 -28.99
C LYS A 1042 40.45 16.31 -29.61
N LEU A 1043 41.04 17.23 -30.36
CA LEU A 1043 40.31 18.31 -31.01
C LEU A 1043 40.49 18.18 -32.51
N THR A 1044 39.37 18.15 -33.24
CA THR A 1044 39.38 18.06 -34.70
C THR A 1044 38.86 19.37 -35.27
N LYS A 1045 39.67 20.00 -36.12
CA LYS A 1045 39.27 21.26 -36.75
C LYS A 1045 38.70 21.02 -38.14
N HIS A 1053 34.78 28.66 -36.97
CA HIS A 1053 35.43 27.35 -36.91
C HIS A 1053 34.67 26.41 -36.00
N LEU A 1054 34.62 25.13 -36.37
CA LEU A 1054 33.94 24.11 -35.60
C LEU A 1054 34.96 23.09 -35.11
N ILE A 1055 34.93 22.78 -33.82
CA ILE A 1055 35.84 21.85 -33.19
C ILE A 1055 35.05 20.62 -32.74
N ASP A 1056 35.47 19.45 -33.22
CA ASP A 1056 34.95 18.19 -32.72
C ASP A 1056 35.80 17.74 -31.54
N PHE A 1057 35.17 17.62 -30.37
CA PHE A 1057 35.86 17.25 -29.14
C PHE A 1057 35.61 15.77 -28.88
N GLU A 1058 36.69 15.00 -28.74
CA GLU A 1058 36.62 13.57 -28.49
C GLU A 1058 37.32 13.28 -27.16
N LEU A 1059 36.57 12.75 -26.21
CA LEU A 1059 37.09 12.42 -24.88
C LEU A 1059 37.08 10.90 -24.72
N ARG A 1060 38.25 10.33 -24.45
CA ARG A 1060 38.37 8.89 -24.22
C ARG A 1060 38.76 8.66 -22.76
N ILE A 1061 37.93 7.88 -22.06
CA ILE A 1061 38.18 7.53 -20.67
C ILE A 1061 38.26 6.02 -20.59
N LYS A 1062 39.43 5.50 -20.24
CA LYS A 1062 39.69 4.07 -20.24
C LYS A 1062 40.03 3.61 -18.82
N HIS A 1063 39.43 2.50 -18.41
CA HIS A 1063 39.75 1.93 -17.07
C HIS A 1063 39.84 0.41 -17.23
N GLN A 1064 40.70 -0.23 -16.44
CA GLN A 1064 40.91 -1.70 -16.56
C GLN A 1064 39.78 -2.44 -15.83
N GLY A 1065 40.01 -3.70 -15.47
CA GLY A 1065 38.98 -4.49 -14.74
C GLY A 1065 37.76 -4.77 -15.60
N ALA A 1066 36.76 -5.43 -15.04
CA ALA A 1066 35.55 -5.80 -15.81
C ALA A 1066 34.90 -4.55 -16.38
N GLY A 1067 34.66 -3.55 -15.53
CA GLY A 1067 34.00 -2.34 -15.96
C GLY A 1067 32.53 -2.29 -15.57
N VAL A 1068 31.78 -1.50 -16.33
CA VAL A 1068 30.35 -1.32 -16.06
C VAL A 1068 29.61 -2.62 -16.33
N PRO A 1069 28.68 -3.03 -15.48
CA PRO A 1069 27.91 -4.24 -15.75
C PRO A 1069 27.04 -4.09 -16.98
N ALA A 1070 26.71 -5.24 -17.58
CA ALA A 1070 25.95 -5.24 -18.83
C ALA A 1070 24.57 -4.62 -18.66
N GLU A 1071 23.96 -4.74 -17.49
CA GLU A 1071 22.65 -4.16 -17.27
C GLU A 1071 22.69 -2.64 -17.37
N ILE A 1072 23.64 -2.02 -16.67
CA ILE A 1072 23.77 -0.56 -16.71
C ILE A 1072 24.22 -0.12 -18.10
N LEU A 1073 25.09 -0.91 -18.74
CA LEU A 1073 25.53 -0.56 -20.09
C LEU A 1073 24.37 -0.55 -21.08
N SER A 1074 23.50 -1.56 -21.01
CA SER A 1074 22.31 -1.55 -21.86
C SER A 1074 21.36 -0.42 -21.47
N GLN A 1075 21.19 -0.18 -20.18
CA GLN A 1075 20.27 0.84 -19.71
C GLN A 1075 20.76 2.24 -20.05
N MET A 1076 22.05 2.37 -20.35
CA MET A 1076 22.60 3.61 -20.90
C MET A 1076 22.54 3.64 -22.43
N TYR A 1077 22.65 2.47 -23.07
CA TYR A 1077 22.59 2.39 -24.52
C TYR A 1077 21.26 2.92 -25.05
N GLY A 1078 20.18 2.53 -24.37
CA GLY A 1078 18.85 3.02 -24.75
C GLY A 1078 18.14 3.60 -23.55
N GLU A 1079 16.83 3.82 -23.65
CA GLU A 1079 16.06 4.38 -22.50
C GLU A 1079 14.92 3.41 -22.12
N ASP A 1080 14.68 2.37 -22.91
CA ASP A 1080 13.58 1.46 -22.63
C ASP A 1080 14.09 0.23 -21.87
N ASN A 1081 14.45 0.45 -20.61
CA ASN A 1081 15.01 -0.66 -19.80
C ASN A 1081 14.18 -0.77 -18.51
N ARG A 1082 12.85 -0.88 -18.63
CA ARG A 1082 11.95 -0.97 -17.46
C ARG A 1082 12.26 0.19 -16.50
N GLU A 1083 12.14 -0.05 -15.19
CA GLU A 1083 12.50 1.01 -14.20
C GLU A 1083 13.99 1.33 -14.37
N GLN A 1084 14.37 2.59 -14.17
CA GLN A 1084 15.78 2.96 -14.43
C GLN A 1084 16.52 3.20 -13.12
N SER A 1085 17.65 2.52 -12.92
CA SER A 1085 18.44 2.71 -11.72
C SER A 1085 19.05 4.11 -11.70
N GLU A 1086 19.51 4.51 -10.51
CA GLU A 1086 20.01 5.85 -10.31
C GLU A 1086 21.17 6.18 -11.25
N GLU A 1087 22.20 5.33 -11.25
CA GLU A 1087 23.32 5.55 -12.17
C GLU A 1087 22.88 5.38 -13.62
N GLY A 1088 22.00 4.40 -13.88
CA GLY A 1088 21.50 4.23 -15.23
C GLY A 1088 20.70 5.44 -15.72
N LEU A 1089 19.88 5.97 -14.82
CA LEU A 1089 19.08 7.18 -15.17
C LEU A 1089 20.07 8.31 -15.46
N SER A 1090 21.06 8.50 -14.58
CA SER A 1090 22.02 9.59 -14.78
C SER A 1090 22.71 9.46 -16.14
N LEU A 1091 23.12 8.25 -16.50
CA LEU A 1091 23.76 8.04 -17.79
C LEU A 1091 22.81 8.29 -18.95
N LEU A 1092 21.54 7.95 -18.74
CA LEU A 1092 20.51 8.21 -19.77
C LEU A 1092 20.42 9.69 -20.02
N VAL A 1093 20.24 10.44 -18.94
CA VAL A 1093 20.12 11.89 -19.04
C VAL A 1093 21.38 12.48 -19.67
N SER A 1094 22.54 11.90 -19.35
CA SER A 1094 23.79 12.34 -19.96
C SER A 1094 23.76 12.09 -21.47
N ARG A 1095 23.24 10.94 -21.89
CA ARG A 1095 23.13 10.66 -23.32
C ARG A 1095 22.19 11.64 -24.01
N ASN A 1096 21.07 11.96 -23.36
CA ASN A 1096 20.13 12.93 -23.93
C ASN A 1096 20.80 14.30 -24.09
N LEU A 1097 21.49 14.75 -23.04
CA LEU A 1097 22.18 16.04 -23.10
C LEU A 1097 23.26 16.02 -24.17
N LEU A 1098 23.98 14.91 -24.31
CA LEU A 1098 24.98 14.78 -25.35
C LEU A 1098 24.35 14.88 -26.73
N ARG A 1099 23.21 14.21 -26.92
CA ARG A 1099 22.53 14.27 -28.20
C ARG A 1099 22.01 15.67 -28.49
N LEU A 1100 21.82 16.48 -27.45
CA LEU A 1100 21.37 17.86 -27.67
C LEU A 1100 22.35 18.65 -28.51
N MET A 1101 23.64 18.60 -28.16
CA MET A 1101 24.65 19.40 -28.87
C MET A 1101 25.42 18.57 -29.90
N ASN A 1102 24.74 17.62 -30.54
CA ASN A 1102 25.34 16.78 -31.58
C ASN A 1102 26.54 15.99 -31.04
N GLY A 1103 26.38 15.37 -29.88
CA GLY A 1103 27.37 14.50 -29.30
C GLY A 1103 26.81 13.10 -29.11
N ASP A 1104 27.72 12.14 -28.95
CA ASP A 1104 27.31 10.75 -28.80
C ASP A 1104 28.30 10.02 -27.90
N ILE A 1105 27.85 8.89 -27.37
CA ILE A 1105 28.63 8.08 -26.43
C ILE A 1105 28.80 6.69 -27.02
N ARG A 1106 30.04 6.20 -27.00
CA ARG A 1106 30.35 4.85 -27.45
C ARG A 1106 31.11 4.12 -26.35
N HIS A 1107 30.81 2.84 -26.18
CA HIS A 1107 31.48 2.01 -25.19
C HIS A 1107 32.19 0.86 -25.90
N LEU A 1108 33.45 0.64 -25.53
CA LEU A 1108 34.23 -0.46 -26.09
C LEU A 1108 34.85 -1.28 -24.97
N ARG A 1109 34.84 -2.60 -25.14
CA ARG A 1109 35.39 -3.54 -24.17
C ARG A 1109 36.26 -4.54 -24.92
N GLU A 1110 37.55 -4.53 -24.62
CA GLU A 1110 38.52 -5.38 -25.32
C GLU A 1110 39.57 -5.86 -24.33
N ALA A 1111 39.54 -7.15 -24.02
CA ALA A 1111 40.53 -7.79 -23.14
C ALA A 1111 40.54 -7.15 -21.75
N GLY A 1112 39.39 -7.24 -21.09
CA GLY A 1112 39.28 -6.84 -19.70
C GLY A 1112 39.48 -5.36 -19.40
N MET A 1113 38.94 -4.49 -20.24
CA MET A 1113 38.95 -3.06 -19.96
C MET A 1113 37.74 -2.41 -20.62
N SER A 1114 37.31 -1.30 -20.04
CA SER A 1114 36.16 -0.55 -20.55
C SER A 1114 36.61 0.86 -20.90
N THR A 1115 36.30 1.30 -22.12
CA THR A 1115 36.63 2.65 -22.56
C THR A 1115 35.39 3.33 -23.10
N PHE A 1116 35.23 4.60 -22.72
CA PHE A 1116 34.11 5.44 -23.13
C PHE A 1116 34.63 6.52 -24.05
N ILE A 1117 33.99 6.67 -25.21
CA ILE A 1117 34.34 7.67 -26.21
C ILE A 1117 33.17 8.65 -26.29
N LEU A 1118 33.47 9.93 -26.07
CA LEU A 1118 32.49 10.99 -25.98
C LEU A 1118 32.75 11.99 -27.10
N THR A 1119 31.75 12.22 -27.94
CA THR A 1119 31.89 13.10 -29.10
C THR A 1119 30.98 14.31 -28.92
N ALA A 1120 31.55 15.51 -29.08
CA ALA A 1120 30.79 16.75 -28.99
C ALA A 1120 31.19 17.69 -30.11
N GLU A 1121 30.28 18.58 -30.48
CA GLU A 1121 30.51 19.60 -31.48
C GLU A 1121 30.46 20.97 -30.82
N LEU A 1122 31.52 21.76 -31.00
CA LEU A 1122 31.62 23.07 -30.38
C LEU A 1122 32.04 24.11 -31.41
N ALA A 1123 31.78 25.37 -31.10
CA ALA A 1123 32.16 26.48 -31.96
C ALA A 1123 33.44 27.12 -31.41
N ALA A 1124 34.48 27.15 -32.22
CA ALA A 1124 35.74 27.76 -31.80
C ALA A 1124 35.59 29.27 -31.70
N ALA A 1125 36.28 29.86 -30.72
CA ALA A 1125 36.22 31.30 -30.51
C ALA A 1125 37.00 32.05 -31.59
N LEU B 72 -19.35 -5.30 50.06
CA LEU B 72 -20.15 -4.95 48.89
C LEU B 72 -21.61 -4.71 49.28
N GLN B 73 -22.11 -5.52 50.21
CA GLN B 73 -23.51 -5.40 50.62
C GLN B 73 -23.76 -4.06 51.32
N HIS B 74 -22.78 -3.58 52.08
CA HIS B 74 -22.92 -2.27 52.71
C HIS B 74 -23.03 -1.16 51.67
N ILE B 75 -22.29 -1.27 50.57
CA ILE B 75 -22.39 -0.28 49.49
C ILE B 75 -23.79 -0.29 48.89
N GLN B 76 -24.35 -1.48 48.65
CA GLN B 76 -25.65 -1.58 48.02
C GLN B 76 -26.77 -1.13 48.95
N ARG B 77 -26.66 -1.44 50.24
CA ARG B 77 -27.73 -1.17 51.19
C ARG B 77 -27.53 0.12 51.99
N GLY B 78 -26.48 0.89 51.69
CA GLY B 78 -26.27 2.15 52.39
C GLY B 78 -27.14 3.26 51.82
N LYS B 79 -27.55 4.17 52.72
CA LYS B 79 -28.42 5.28 52.36
C LYS B 79 -27.72 6.58 52.79
N LEU B 80 -26.84 7.08 51.93
CA LEU B 80 -26.14 8.34 52.14
C LEU B 80 -25.86 8.97 50.78
N ILE B 81 -25.79 10.30 50.75
CA ILE B 81 -25.49 11.04 49.53
C ILE B 81 -24.61 12.23 49.87
N GLN B 82 -23.89 12.72 48.85
CA GLN B 82 -23.10 13.93 49.01
C GLN B 82 -24.02 15.15 49.05
N PRO B 83 -23.59 16.25 49.68
CA PRO B 83 -24.48 17.40 49.85
C PRO B 83 -24.46 18.38 48.68
N PHE B 84 -23.93 17.96 47.54
CA PHE B 84 -23.85 18.83 46.37
C PHE B 84 -25.05 18.71 45.44
N GLY B 85 -26.06 17.92 45.81
CA GLY B 85 -27.23 17.77 44.98
C GLY B 85 -28.39 17.20 45.79
N CYS B 86 -29.44 16.81 45.07
CA CYS B 86 -30.61 16.21 45.70
C CYS B 86 -31.03 14.96 44.93
N LEU B 87 -31.70 14.06 45.64
CA LEU B 87 -32.14 12.79 45.08
C LEU B 87 -33.62 12.59 45.38
N LEU B 88 -34.35 12.07 44.38
CA LEU B 88 -35.75 11.75 44.53
C LEU B 88 -36.01 10.35 43.99
N ALA B 89 -36.99 9.68 44.59
CA ALA B 89 -37.42 8.35 44.17
C ALA B 89 -38.87 8.42 43.72
N LEU B 90 -39.12 8.01 42.49
CA LEU B 90 -40.45 8.09 41.88
C LEU B 90 -40.95 6.70 41.52
N ASP B 91 -42.27 6.57 41.48
CA ASP B 91 -42.94 5.34 41.06
C ASP B 91 -43.30 5.45 39.59
N GLU B 92 -42.91 4.45 38.79
CA GLU B 92 -43.08 4.55 37.35
C GLU B 92 -44.55 4.63 36.97
N LYS B 93 -45.40 3.85 37.62
CA LYS B 93 -46.81 3.81 37.26
C LYS B 93 -47.56 5.05 37.72
N SER B 94 -47.10 5.72 38.77
CA SER B 94 -47.82 6.84 39.36
C SER B 94 -47.09 8.17 39.25
N PHE B 95 -45.78 8.17 38.98
CA PHE B 95 -44.98 9.40 38.92
C PHE B 95 -45.10 10.20 40.22
N ARG B 96 -45.06 9.49 41.35
CA ARG B 96 -45.21 10.10 42.66
C ARG B 96 -43.96 9.87 43.49
N VAL B 97 -43.64 10.87 44.33
CA VAL B 97 -42.43 10.81 45.14
C VAL B 97 -42.61 9.79 46.25
N ILE B 98 -41.62 8.92 46.41
CA ILE B 98 -41.59 7.92 47.48
C ILE B 98 -40.53 8.26 48.51
N ALA B 99 -39.30 8.52 48.09
CA ALA B 99 -38.21 8.90 48.96
C ALA B 99 -37.49 10.11 48.38
N PHE B 100 -36.99 10.96 49.26
CA PHE B 100 -36.34 12.19 48.85
C PHE B 100 -35.18 12.51 49.79
N SER B 101 -34.23 13.29 49.29
CA SER B 101 -33.10 13.73 50.08
C SER B 101 -33.56 14.64 51.21
N GLU B 102 -32.80 14.64 52.30
CA GLU B 102 -33.17 15.46 53.46
C GLU B 102 -33.05 16.95 53.15
N ASN B 103 -32.08 17.33 52.31
CA ASN B 103 -31.91 18.71 51.92
C ASN B 103 -32.71 19.08 50.67
N ALA B 104 -33.37 18.11 50.04
CA ALA B 104 -34.15 18.39 48.83
C ALA B 104 -35.29 19.37 49.08
N PRO B 105 -36.13 19.22 50.12
CA PRO B 105 -37.19 20.22 50.32
C PRO B 105 -36.67 21.63 50.54
N GLU B 106 -35.42 21.77 50.97
CA GLU B 106 -34.95 23.07 51.45
C GLU B 106 -34.54 23.95 50.28
N MET B 107 -33.91 23.38 49.24
CA MET B 107 -33.56 24.14 48.05
C MET B 107 -34.30 23.68 46.81
N LEU B 108 -35.38 22.90 46.95
CA LEU B 108 -36.32 22.69 45.85
C LEU B 108 -37.58 23.54 46.01
N THR B 109 -37.90 23.96 47.23
CA THR B 109 -39.04 24.83 47.48
C THR B 109 -38.63 26.15 48.12
N THR B 110 -37.37 26.56 47.98
CA THR B 110 -36.91 27.83 48.53
C THR B 110 -37.58 29.01 47.83
N LYS B 123 -45.01 22.31 49.94
CA LYS B 123 -43.93 21.50 50.47
C LYS B 123 -43.91 20.11 49.82
N LEU B 124 -42.72 19.64 49.47
CA LEU B 124 -42.59 18.32 48.88
C LEU B 124 -42.87 17.23 49.92
N GLY B 125 -43.61 16.21 49.51
CA GLY B 125 -43.95 15.12 50.40
C GLY B 125 -44.17 13.84 49.62
N ILE B 126 -44.47 12.78 50.35
CA ILE B 126 -44.71 11.47 49.73
C ILE B 126 -46.00 11.53 48.92
N GLY B 127 -45.92 11.06 47.67
CA GLY B 127 -47.06 11.05 46.79
C GLY B 127 -47.30 12.33 46.01
N THR B 128 -46.42 13.32 46.13
CA THR B 128 -46.58 14.56 45.40
C THR B 128 -46.33 14.35 43.91
N ASN B 129 -47.04 15.10 43.08
CA ASN B 129 -46.87 15.02 41.64
C ASN B 129 -45.75 15.97 41.20
N VAL B 130 -44.77 15.43 40.46
CA VAL B 130 -43.63 16.22 40.03
C VAL B 130 -44.02 17.28 39.01
N ARG B 131 -45.16 17.13 38.33
CA ARG B 131 -45.61 18.17 37.40
C ARG B 131 -45.98 19.44 38.14
N SER B 132 -46.52 19.31 39.36
CA SER B 132 -47.01 20.48 40.08
C SER B 132 -45.87 21.40 40.53
N LEU B 133 -44.72 20.84 40.86
CA LEU B 133 -43.63 21.62 41.45
C LEU B 133 -42.60 22.09 40.44
N PHE B 134 -42.81 21.87 39.15
CA PHE B 134 -41.83 22.26 38.14
C PHE B 134 -42.55 22.97 37.00
N THR B 135 -41.85 23.93 36.39
CA THR B 135 -42.42 24.72 35.32
C THR B 135 -42.70 23.87 34.09
N ASP B 136 -43.69 24.28 33.30
CA ASP B 136 -44.12 23.51 32.14
C ASP B 136 -43.00 23.26 31.13
N PRO B 137 -42.17 24.24 30.74
CA PRO B 137 -41.12 23.95 29.76
C PRO B 137 -40.16 22.85 30.20
N GLY B 138 -39.91 22.71 31.50
CA GLY B 138 -39.05 21.66 32.00
C GLY B 138 -39.82 20.41 32.41
N ALA B 139 -41.02 20.62 32.98
CA ALA B 139 -41.84 19.49 33.39
C ALA B 139 -42.24 18.63 32.20
N THR B 140 -42.55 19.26 31.06
CA THR B 140 -42.89 18.51 29.86
C THR B 140 -41.73 17.64 29.42
N ALA B 141 -40.51 18.20 29.41
CA ALA B 141 -39.34 17.42 29.03
C ALA B 141 -39.11 16.26 30.00
N LEU B 142 -39.26 16.51 31.30
CA LEU B 142 -39.06 15.45 32.28
C LEU B 142 -40.10 14.34 32.10
N GLN B 143 -41.36 14.71 31.89
CA GLN B 143 -42.42 13.72 31.72
C GLN B 143 -42.21 12.90 30.44
N LYS B 144 -41.78 13.57 29.36
CA LYS B 144 -41.48 12.84 28.13
C LYS B 144 -40.30 11.89 28.33
N ALA B 145 -39.27 12.32 29.07
CA ALA B 145 -38.12 11.46 29.31
C ALA B 145 -38.47 10.26 30.16
N LEU B 146 -39.40 10.42 31.12
CA LEU B 146 -39.78 9.30 31.97
C LEU B 146 -40.51 8.20 31.22
N GLY B 147 -40.97 8.45 30.00
CA GLY B 147 -41.78 7.48 29.27
C GLY B 147 -41.06 6.24 28.78
N PHE B 148 -40.17 6.40 27.80
CA PHE B 148 -39.54 5.25 27.16
C PHE B 148 -38.47 4.64 28.06
N ALA B 149 -38.17 3.36 27.80
CA ALA B 149 -37.34 2.58 28.71
C ALA B 149 -35.89 3.04 28.69
N ASP B 150 -35.29 3.08 27.49
CA ASP B 150 -33.87 3.45 27.37
C ASP B 150 -33.84 4.96 27.50
N VAL B 151 -33.67 5.44 28.72
CA VAL B 151 -33.87 6.86 29.02
C VAL B 151 -32.56 7.64 29.05
N SER B 152 -31.42 6.96 29.14
CA SER B 152 -30.12 7.61 29.21
C SER B 152 -29.70 8.28 27.91
N LEU B 153 -30.56 8.31 26.88
CA LEU B 153 -30.17 8.94 25.61
C LEU B 153 -30.10 10.46 25.74
N LEU B 154 -31.07 11.06 26.45
CA LEU B 154 -31.07 12.50 26.70
C LEU B 154 -31.09 12.68 28.22
N ASN B 155 -29.92 12.52 28.83
CA ASN B 155 -29.81 12.53 30.28
C ASN B 155 -29.84 13.95 30.86
N PRO B 156 -29.05 14.90 30.35
CA PRO B 156 -29.07 16.24 30.97
C PRO B 156 -30.35 16.99 30.62
N ILE B 157 -31.25 17.13 31.59
CA ILE B 157 -32.50 17.84 31.38
C ILE B 157 -32.46 19.13 32.18
N LEU B 158 -32.33 20.26 31.50
CA LEU B 158 -32.33 21.56 32.19
C LEU B 158 -33.75 21.85 32.63
N VAL B 159 -33.94 21.99 33.94
CA VAL B 159 -35.27 22.07 34.56
C VAL B 159 -35.32 23.31 35.45
N GLN B 160 -36.42 24.06 35.34
CA GLN B 160 -36.62 25.29 36.10
C GLN B 160 -37.58 25.04 37.24
N CYS B 161 -37.22 25.49 38.44
CA CYS B 161 -38.10 25.36 39.59
C CYS B 161 -39.17 26.44 39.56
N LYS B 162 -40.38 26.07 39.93
CA LYS B 162 -41.51 26.99 39.83
C LYS B 162 -41.43 28.10 40.87
N THR B 163 -41.00 27.77 42.08
CA THR B 163 -41.09 28.73 43.19
C THR B 163 -40.13 29.89 43.00
N SER B 164 -38.86 29.60 42.68
CA SER B 164 -37.84 30.63 42.63
C SER B 164 -37.13 30.74 41.28
N GLY B 165 -37.40 29.85 40.34
CA GLY B 165 -36.75 29.93 39.04
C GLY B 165 -35.26 29.68 39.06
N LYS B 166 -34.81 28.72 39.87
CA LYS B 166 -33.40 28.34 39.86
C LYS B 166 -33.16 27.18 38.91
N PRO B 167 -32.10 27.23 38.10
CA PRO B 167 -31.88 26.18 37.10
C PRO B 167 -31.25 24.94 37.72
N PHE B 168 -31.68 23.78 37.27
CA PHE B 168 -31.15 22.50 37.74
C PHE B 168 -30.89 21.58 36.56
N TYR B 169 -29.92 20.69 36.75
CA TYR B 169 -29.73 19.55 35.87
C TYR B 169 -30.46 18.36 36.47
N ALA B 170 -31.38 17.80 35.69
CA ALA B 170 -32.11 16.59 36.07
C ALA B 170 -31.53 15.42 35.31
N ILE B 171 -31.15 14.37 36.04
CA ILE B 171 -30.52 13.18 35.50
C ILE B 171 -31.25 11.97 36.08
N VAL B 172 -31.84 11.15 35.23
CA VAL B 172 -32.71 10.06 35.68
C VAL B 172 -32.06 8.73 35.34
N HIS B 173 -32.05 7.81 36.31
CA HIS B 173 -31.53 6.47 36.14
C HIS B 173 -32.62 5.44 36.40
N ARG B 174 -32.68 4.46 35.50
CA ARG B 174 -33.66 3.38 35.60
C ARG B 174 -33.29 2.40 36.71
N ALA B 175 -34.30 1.80 37.32
CA ALA B 175 -34.09 0.80 38.35
C ALA B 175 -35.37 -0.03 38.49
N THR B 176 -35.27 -1.12 39.25
CA THR B 176 -36.39 -2.04 39.42
C THR B 176 -37.42 -1.40 40.35
N GLY B 177 -38.24 -0.53 39.77
CA GLY B 177 -39.27 0.15 40.53
C GLY B 177 -38.82 1.37 41.30
N CYS B 178 -37.53 1.72 41.24
CA CYS B 178 -37.02 2.85 41.98
C CYS B 178 -37.08 4.15 41.17
N LEU B 179 -36.61 4.11 39.92
CA LEU B 179 -36.66 5.24 39.00
C LEU B 179 -36.02 6.49 39.63
N VAL B 180 -34.72 6.38 39.89
CA VAL B 180 -34.05 7.40 40.70
C VAL B 180 -33.83 8.65 39.86
N VAL B 181 -33.94 9.82 40.50
CA VAL B 181 -33.74 11.10 39.83
C VAL B 181 -32.78 11.93 40.67
N ASP B 182 -31.82 12.57 40.00
CA ASP B 182 -30.82 13.39 40.64
C ASP B 182 -30.91 14.80 40.11
N PHE B 183 -30.93 15.78 41.01
CA PHE B 183 -30.96 17.19 40.66
C PHE B 183 -29.66 17.83 41.12
N GLU B 184 -28.95 18.47 40.19
CA GLU B 184 -27.72 19.17 40.49
C GLU B 184 -27.90 20.66 40.22
N PRO B 185 -27.22 21.52 40.98
CA PRO B 185 -27.35 22.97 40.75
C PRO B 185 -26.42 23.43 39.64
N VAL B 186 -27.01 24.04 38.60
CA VAL B 186 -26.23 24.57 37.49
C VAL B 186 -25.38 25.74 37.98
N LYS B 187 -24.19 25.87 37.42
CA LYS B 187 -23.35 27.02 37.71
C LYS B 187 -23.86 28.22 36.94
N PRO B 188 -24.28 29.31 37.59
CA PRO B 188 -24.81 30.46 36.85
C PRO B 188 -23.80 31.09 35.91
N THR B 189 -22.50 30.92 36.17
CA THR B 189 -21.48 31.49 35.30
C THR B 189 -21.62 30.99 33.87
N GLU B 190 -22.17 29.79 33.69
CA GLU B 190 -22.46 29.26 32.36
C GLU B 190 -23.96 29.00 32.20
N PHE B 191 -24.79 29.88 32.77
CA PHE B 191 -26.23 29.74 32.58
C PHE B 191 -26.66 29.80 31.12
N PRO B 192 -26.07 30.66 30.23
CA PRO B 192 -26.43 30.62 28.80
C PRO B 192 -26.31 29.26 28.14
N ALA B 193 -25.77 28.25 28.85
CA ALA B 193 -25.60 26.92 28.29
C ALA B 193 -26.93 26.16 28.27
N THR B 194 -28.04 26.88 28.43
CA THR B 194 -29.36 26.27 28.35
C THR B 194 -29.53 25.54 27.03
N ALA B 195 -30.39 24.50 27.01
CA ALA B 195 -30.60 23.62 25.83
C ALA B 195 -29.42 22.65 25.77
N ALA B 196 -29.61 21.42 26.26
CA ALA B 196 -28.46 20.48 26.39
C ALA B 196 -28.55 19.30 25.44
N GLY B 197 -28.67 18.08 25.98
CA GLY B 197 -28.65 16.88 25.14
C GLY B 197 -27.26 16.26 25.18
N ALA B 198 -27.08 15.11 24.52
CA ALA B 198 -25.76 14.47 24.43
C ALA B 198 -25.01 14.98 23.19
N LEU B 199 -25.15 16.27 22.85
CA LEU B 199 -24.39 16.73 21.69
C LEU B 199 -23.64 18.04 21.92
N GLN B 200 -23.66 18.59 23.14
CA GLN B 200 -22.98 19.85 23.43
C GLN B 200 -21.71 19.58 24.22
N SER B 201 -20.65 20.35 23.91
CA SER B 201 -19.36 20.29 24.59
C SER B 201 -18.65 18.97 24.33
N TYR B 202 -19.28 18.08 23.57
CA TYR B 202 -18.59 16.98 22.92
C TYR B 202 -17.99 17.42 21.59
N LYS B 203 -18.41 18.58 21.10
CA LYS B 203 -17.61 19.27 20.10
C LYS B 203 -16.40 19.93 20.72
N LEU B 204 -16.35 20.01 22.05
CA LEU B 204 -15.17 20.47 22.80
C LEU B 204 -14.19 19.34 23.03
N ALA B 205 -14.67 18.10 23.12
CA ALA B 205 -13.81 16.93 23.12
C ALA B 205 -13.35 16.57 21.71
N ALA B 206 -13.77 17.33 20.70
CA ALA B 206 -13.39 17.05 19.33
C ALA B 206 -11.89 17.26 19.11
N LYS B 207 -11.30 18.27 19.76
CA LYS B 207 -9.88 18.50 19.62
C LYS B 207 -9.06 17.35 20.20
N ALA B 208 -9.42 16.92 21.41
CA ALA B 208 -8.69 15.83 22.06
C ALA B 208 -8.89 14.51 21.35
N ILE B 209 -9.90 14.39 20.50
CA ILE B 209 -10.11 13.19 19.70
C ILE B 209 -9.35 13.26 18.38
N SER B 210 -9.48 14.38 17.68
CA SER B 210 -8.82 14.58 16.40
C SER B 210 -7.32 14.67 16.54
N LYS B 211 -6.78 14.99 17.71
CA LYS B 211 -5.34 14.92 17.89
C LYS B 211 -4.89 13.58 18.43
N ILE B 212 -5.80 12.79 19.03
CA ILE B 212 -5.48 11.41 19.37
C ILE B 212 -5.38 10.55 18.12
N GLN B 213 -6.29 10.76 17.16
CA GLN B 213 -6.27 9.94 15.96
C GLN B 213 -5.01 10.12 15.12
N SER B 214 -4.33 11.27 15.24
CA SER B 214 -3.23 11.59 14.36
C SER B 214 -1.91 10.90 14.73
N LEU B 215 -1.81 10.32 15.92
CA LEU B 215 -0.58 9.65 16.31
C LEU B 215 -0.36 8.39 15.47
N PRO B 216 0.87 8.15 15.02
CA PRO B 216 1.20 6.82 14.49
C PRO B 216 1.17 5.78 15.59
N GLY B 217 0.82 4.56 15.22
CA GLY B 217 0.62 3.49 16.17
C GLY B 217 1.93 2.83 16.59
N GLY B 218 1.79 1.79 17.39
CA GLY B 218 2.92 1.00 17.85
C GLY B 218 3.58 1.49 19.12
N SER B 219 3.14 2.60 19.70
CA SER B 219 3.74 3.17 20.89
C SER B 219 2.66 3.40 21.95
N MET B 220 2.58 2.50 22.92
CA MET B 220 1.61 2.64 24.00
C MET B 220 1.91 3.87 24.86
N GLN B 221 3.19 4.13 25.11
CA GLN B 221 3.56 5.24 25.98
C GLN B 221 3.10 6.58 25.41
N ALA B 222 3.27 6.78 24.10
CA ALA B 222 2.84 8.03 23.48
C ALA B 222 1.32 8.20 23.58
N LEU B 223 0.57 7.12 23.35
CA LEU B 223 -0.89 7.19 23.47
C LEU B 223 -1.31 7.54 24.89
N CYS B 224 -0.68 6.90 25.88
CA CYS B 224 -1.01 7.21 27.27
C CYS B 224 -0.67 8.66 27.61
N ASN B 225 0.49 9.12 27.15
CA ASN B 225 0.90 10.50 27.39
C ASN B 225 -0.11 11.48 26.80
N THR B 226 -0.50 11.26 25.54
CA THR B 226 -1.46 12.15 24.91
C THR B 226 -2.80 12.13 25.64
N VAL B 227 -3.26 10.94 26.04
CA VAL B 227 -4.56 10.84 26.71
C VAL B 227 -4.54 11.58 28.03
N VAL B 228 -3.50 11.36 28.85
CA VAL B 228 -3.46 12.01 30.15
C VAL B 228 -3.29 13.52 30.00
N LYS B 229 -2.49 13.96 29.02
CA LYS B 229 -2.31 15.39 28.80
C LYS B 229 -3.61 16.06 28.38
N GLU B 230 -4.39 15.41 27.50
CA GLU B 230 -5.65 16.02 27.07
C GLU B 230 -6.68 16.00 28.19
N VAL B 231 -6.72 14.95 29.00
CA VAL B 231 -7.62 14.95 30.15
C VAL B 231 -7.23 16.07 31.11
N PHE B 232 -5.93 16.27 31.33
CA PHE B 232 -5.44 17.37 32.15
C PHE B 232 -5.93 18.71 31.61
N ASP B 233 -5.73 18.95 30.32
CA ASP B 233 -6.11 20.22 29.73
C ASP B 233 -7.61 20.44 29.80
N LEU B 234 -8.39 19.39 29.58
CA LEU B 234 -9.85 19.54 29.53
C LEU B 234 -10.44 19.76 30.91
N THR B 235 -9.98 19.00 31.91
CA THR B 235 -10.60 19.06 33.23
C THR B 235 -9.95 20.11 34.13
N GLY B 236 -8.63 20.24 34.10
CA GLY B 236 -7.95 21.17 34.98
C GLY B 236 -7.70 20.68 36.37
N TYR B 237 -7.66 19.36 36.57
CA TYR B 237 -7.35 18.80 37.87
C TYR B 237 -5.84 18.85 38.12
N ASP B 238 -5.46 18.63 39.37
CA ASP B 238 -4.05 18.72 39.73
C ASP B 238 -3.24 17.60 39.08
N ARG B 239 -3.57 16.35 39.39
CA ARG B 239 -2.85 15.20 38.86
C ARG B 239 -3.75 14.41 37.92
N VAL B 240 -3.18 13.94 36.82
CA VAL B 240 -3.87 13.05 35.89
C VAL B 240 -2.95 11.84 35.66
N MET B 241 -3.50 10.64 35.82
CA MET B 241 -2.71 9.42 35.72
C MET B 241 -3.36 8.46 34.73
N ALA B 242 -2.62 7.41 34.39
CA ALA B 242 -3.13 6.29 33.60
C ALA B 242 -2.81 5.02 34.37
N TYR B 243 -3.69 4.65 35.29
CA TYR B 243 -3.51 3.48 36.14
C TYR B 243 -3.60 2.22 35.28
N LYS B 244 -2.62 1.34 35.40
CA LYS B 244 -2.56 0.15 34.55
C LYS B 244 -2.60 -1.11 35.41
N PHE B 245 -3.38 -2.08 34.95
CA PHE B 245 -3.51 -3.37 35.60
C PHE B 245 -2.66 -4.39 34.87
N HIS B 246 -1.90 -5.17 35.63
CA HIS B 246 -1.02 -6.18 35.06
C HIS B 246 -1.67 -7.56 35.12
N GLU B 247 -0.92 -8.58 34.69
CA GLU B 247 -1.44 -9.94 34.72
C GLU B 247 -1.67 -10.43 36.13
N ASP B 248 -0.92 -9.86 37.09
CA ASP B 248 -1.14 -10.22 38.51
C ASP B 248 -1.97 -9.12 39.17
N GLU B 249 -2.95 -8.55 38.45
CA GLU B 249 -3.84 -7.50 38.99
C GLU B 249 -3.11 -6.60 40.01
N HIS B 250 -1.92 -6.12 39.68
CA HIS B 250 -1.20 -5.16 40.56
C HIS B 250 -1.07 -3.86 39.78
N GLY B 251 -1.24 -2.72 40.43
CA GLY B 251 -1.27 -1.49 39.68
C GLY B 251 0.10 -0.87 39.49
N GLU B 252 0.29 -0.25 38.33
CA GLU B 252 1.51 0.47 38.01
C GLU B 252 1.12 1.75 37.28
N VAL B 253 1.61 2.89 37.76
CA VAL B 253 1.30 4.16 37.15
C VAL B 253 2.07 4.28 35.84
N PHE B 254 1.39 3.99 34.73
CA PHE B 254 2.07 3.90 33.44
C PHE B 254 2.52 5.27 32.94
N ALA B 255 1.64 6.27 33.05
CA ALA B 255 1.98 7.63 32.63
C ALA B 255 1.18 8.60 33.48
N GLU B 256 1.67 9.84 33.57
CA GLU B 256 1.00 10.82 34.39
C GLU B 256 1.47 12.22 34.01
N ILE B 257 0.68 13.20 34.43
CA ILE B 257 1.03 14.61 34.31
C ILE B 257 0.48 15.32 35.53
N THR B 258 1.12 16.44 35.90
CA THR B 258 0.77 17.12 37.14
C THR B 258 1.11 18.59 37.03
N LYS B 259 0.47 19.38 37.89
CA LYS B 259 0.77 20.80 37.97
C LYS B 259 2.16 21.00 38.58
N PRO B 260 2.84 22.09 38.21
CA PRO B 260 4.14 22.38 38.82
C PRO B 260 4.01 22.57 40.33
N GLY B 261 5.01 22.08 41.07
CA GLY B 261 4.98 22.15 42.51
C GLY B 261 4.31 20.99 43.20
N ILE B 262 4.07 19.89 42.50
CA ILE B 262 3.41 18.71 43.06
C ILE B 262 4.32 17.51 42.89
N GLU B 263 4.38 16.66 43.91
CA GLU B 263 5.24 15.50 43.86
C GLU B 263 4.69 14.48 42.86
N PRO B 264 5.50 14.00 41.92
CA PRO B 264 5.01 13.00 40.96
C PRO B 264 4.93 11.62 41.60
N TYR B 265 4.29 10.70 40.86
CA TYR B 265 4.17 9.32 41.29
C TYR B 265 4.52 8.34 40.17
N LEU B 266 5.15 8.80 39.09
CA LEU B 266 5.45 7.95 37.95
C LEU B 266 6.41 6.84 38.35
N GLY B 267 6.15 5.63 37.83
CA GLY B 267 7.01 4.49 38.05
C GLY B 267 6.70 3.67 39.28
N LEU B 268 5.74 4.10 40.10
CA LEU B 268 5.41 3.36 41.31
C LEU B 268 4.70 2.06 40.97
N HIS B 269 4.50 1.23 41.99
CA HIS B 269 3.78 -0.02 41.88
C HIS B 269 2.95 -0.21 43.14
N TYR B 270 1.75 -0.74 42.98
CA TYR B 270 0.82 -0.87 44.10
C TYR B 270 0.25 -2.28 44.14
N PRO B 271 -0.04 -2.80 45.33
CA PRO B 271 -0.52 -4.18 45.45
C PRO B 271 -1.96 -4.32 44.99
N ALA B 272 -2.43 -5.57 44.97
CA ALA B 272 -3.76 -5.90 44.50
C ALA B 272 -4.84 -5.57 45.52
N THR B 273 -4.48 -5.25 46.77
CA THR B 273 -5.47 -4.98 47.80
C THR B 273 -5.97 -3.55 47.80
N ASP B 274 -5.35 -2.66 47.03
CA ASP B 274 -5.77 -1.26 47.02
C ASP B 274 -7.16 -1.10 46.42
N ILE B 275 -7.43 -1.77 45.31
CA ILE B 275 -8.71 -1.69 44.62
C ILE B 275 -9.38 -3.06 44.69
N PRO B 276 -10.34 -3.24 45.59
CA PRO B 276 -11.02 -4.52 45.70
C PRO B 276 -11.85 -4.83 44.46
N GLN B 277 -12.20 -6.11 44.32
CA GLN B 277 -12.98 -6.56 43.17
C GLN B 277 -14.33 -5.87 43.08
N ALA B 278 -14.88 -5.43 44.22
CA ALA B 278 -16.15 -4.70 44.20
C ALA B 278 -16.03 -3.41 43.41
N ALA B 279 -14.93 -2.68 43.60
CA ALA B 279 -14.73 -1.42 42.88
C ALA B 279 -14.65 -1.65 41.38
N ARG B 280 -13.93 -2.70 40.96
CA ARG B 280 -13.83 -3.00 39.53
C ARG B 280 -15.18 -3.45 38.97
N PHE B 281 -15.93 -4.26 39.73
CA PHE B 281 -17.26 -4.68 39.30
C PHE B 281 -18.18 -3.47 39.14
N LEU B 282 -18.06 -2.48 40.03
CA LEU B 282 -18.86 -1.27 39.90
C LEU B 282 -18.41 -0.43 38.71
N PHE B 283 -17.09 -0.32 38.50
CA PHE B 283 -16.59 0.47 37.38
C PHE B 283 -16.93 -0.16 36.04
N MET B 284 -17.17 -1.47 36.02
CA MET B 284 -17.74 -2.08 34.82
C MET B 284 -19.13 -1.54 34.54
N LYS B 285 -19.87 -1.18 35.58
CA LYS B 285 -21.25 -0.71 35.41
C LYS B 285 -21.33 0.81 35.34
N ASN B 286 -20.87 1.49 36.39
CA ASN B 286 -20.87 2.95 36.46
C ASN B 286 -19.48 3.43 36.06
N LYS B 287 -19.32 3.78 34.79
CA LYS B 287 -18.01 4.02 34.19
C LYS B 287 -17.36 5.32 34.65
N VAL B 288 -18.08 6.18 35.36
CA VAL B 288 -17.52 7.44 35.85
C VAL B 288 -17.91 7.58 37.32
N ARG B 289 -16.92 7.87 38.16
CA ARG B 289 -17.18 8.10 39.58
C ARG B 289 -16.54 9.43 39.99
N MET B 290 -17.32 10.27 40.66
CA MET B 290 -16.86 11.61 41.03
C MET B 290 -17.25 11.90 42.48
N ILE B 291 -16.30 12.45 43.22
CA ILE B 291 -16.50 12.84 44.62
C ILE B 291 -16.14 14.31 44.76
N CYS B 292 -17.00 15.08 45.43
CA CYS B 292 -16.79 16.51 45.53
C CYS B 292 -15.82 16.86 46.64
N ASP B 293 -16.17 16.53 47.88
CA ASP B 293 -15.36 16.88 49.05
C ASP B 293 -15.22 15.68 49.95
N CYS B 294 -14.00 15.41 50.41
CA CYS B 294 -13.75 14.28 51.29
C CYS B 294 -14.27 14.54 52.70
N ARG B 295 -14.21 15.79 53.17
CA ARG B 295 -14.60 16.14 54.53
C ARG B 295 -16.05 16.57 54.64
N ALA B 296 -16.78 16.65 53.52
CA ALA B 296 -18.18 17.02 53.57
C ALA B 296 -19.01 15.92 54.24
N ARG B 297 -19.97 16.33 55.05
CA ARG B 297 -20.81 15.38 55.77
C ARG B 297 -21.90 14.84 54.84
N SER B 298 -22.07 13.52 54.86
CA SER B 298 -23.12 12.89 54.05
C SER B 298 -24.50 13.22 54.62
N VAL B 299 -25.49 13.21 53.74
CA VAL B 299 -26.87 13.54 54.10
C VAL B 299 -27.70 12.27 53.99
N LYS B 300 -28.38 11.92 55.09
CA LYS B 300 -29.20 10.72 55.10
C LYS B 300 -30.48 10.93 54.28
N ILE B 301 -31.07 9.81 53.87
CA ILE B 301 -32.28 9.82 53.06
C ILE B 301 -33.37 9.07 53.81
N ILE B 302 -34.52 9.72 53.98
CA ILE B 302 -35.68 9.08 54.57
C ILE B 302 -36.52 8.45 53.45
N GLU B 303 -37.31 7.46 53.82
CA GLU B 303 -38.08 6.69 52.85
C GLU B 303 -39.47 6.43 53.40
N ASP B 304 -40.35 5.93 52.52
CA ASP B 304 -41.68 5.53 52.95
C ASP B 304 -41.61 4.30 53.85
N GLU B 305 -42.42 4.30 54.91
CA GLU B 305 -42.45 3.19 55.84
C GLU B 305 -43.08 1.93 55.24
N ALA B 306 -43.80 2.05 54.13
CA ALA B 306 -44.43 0.92 53.47
C ALA B 306 -43.53 0.26 52.44
N LEU B 307 -42.28 0.69 52.32
CA LEU B 307 -41.37 0.14 51.32
C LEU B 307 -40.81 -1.19 51.83
N SER B 308 -41.25 -2.29 51.22
CA SER B 308 -40.67 -3.60 51.52
C SER B 308 -39.34 -3.80 50.82
N ILE B 309 -39.03 -3.01 49.79
CA ILE B 309 -37.78 -3.10 49.05
C ILE B 309 -37.04 -1.78 49.19
N ASP B 310 -35.81 -1.84 49.67
CA ASP B 310 -34.99 -0.64 49.79
C ASP B 310 -34.57 -0.13 48.42
N ILE B 311 -34.43 1.19 48.32
CA ILE B 311 -34.05 1.83 47.06
C ILE B 311 -32.53 1.81 46.96
N SER B 312 -32.01 1.05 46.00
CA SER B 312 -30.58 0.97 45.79
C SER B 312 -30.08 2.21 45.05
N LEU B 313 -29.02 2.82 45.57
CA LEU B 313 -28.41 4.00 44.97
C LEU B 313 -27.16 3.66 44.17
N CYS B 314 -27.03 2.41 43.71
CA CYS B 314 -25.85 2.02 42.95
C CYS B 314 -25.75 2.79 41.64
N GLY B 315 -26.88 2.96 40.94
CA GLY B 315 -26.85 3.67 39.67
C GLY B 315 -26.53 5.15 39.83
N SER B 316 -27.02 5.76 40.91
CA SER B 316 -26.88 7.20 41.09
C SER B 316 -25.42 7.60 41.22
N THR B 317 -25.11 8.81 40.75
CA THR B 317 -23.77 9.37 40.83
C THR B 317 -23.59 10.27 42.06
N LEU B 318 -24.60 10.34 42.94
CA LEU B 318 -24.53 11.12 44.16
C LEU B 318 -24.24 10.26 45.37
N ARG B 319 -23.64 9.09 45.17
CA ARG B 319 -23.41 8.17 46.28
C ARG B 319 -22.25 8.64 47.15
N ALA B 320 -22.39 8.45 48.45
CA ALA B 320 -21.39 8.91 49.40
C ALA B 320 -20.14 8.04 49.31
N PRO B 321 -18.98 8.57 49.71
CA PRO B 321 -17.77 7.74 49.73
C PRO B 321 -17.85 6.66 50.79
N HIS B 322 -17.09 5.59 50.56
CA HIS B 322 -17.17 4.40 51.40
C HIS B 322 -16.14 4.50 52.53
N SER B 323 -16.36 3.67 53.57
CA SER B 323 -15.70 3.87 54.86
C SER B 323 -14.18 3.73 54.82
N CYS B 324 -13.61 3.11 53.78
CA CYS B 324 -12.16 2.95 53.68
C CYS B 324 -11.55 3.63 52.48
N HIS B 325 -12.31 3.77 51.38
CA HIS B 325 -11.86 4.60 50.27
C HIS B 325 -11.54 6.01 50.75
N LEU B 326 -12.40 6.53 51.64
CA LEU B 326 -12.20 7.86 52.22
C LEU B 326 -10.83 7.96 52.90
N GLN B 327 -10.52 7.00 53.78
CA GLN B 327 -9.24 7.02 54.48
C GLN B 327 -8.06 6.84 53.52
N TYR B 328 -8.19 5.95 52.54
CA TYR B 328 -7.09 5.74 51.61
C TYR B 328 -6.80 7.01 50.82
N MET B 329 -7.83 7.68 50.32
CA MET B 329 -7.59 8.93 49.61
C MET B 329 -7.15 10.05 50.55
N GLU B 330 -7.48 9.94 51.83
CA GLU B 330 -6.95 10.88 52.81
C GLU B 330 -5.45 10.70 52.99
N ASN B 331 -4.97 9.46 52.92
CA ASN B 331 -3.54 9.23 53.07
C ASN B 331 -2.75 9.72 51.86
N MET B 332 -3.38 9.80 50.69
CA MET B 332 -2.71 10.26 49.47
C MET B 332 -2.72 11.78 49.33
N ASN B 333 -3.26 12.49 50.32
CA ASN B 333 -3.46 13.95 50.29
C ASN B 333 -4.22 14.36 49.01
N SER B 334 -5.42 13.81 48.90
CA SER B 334 -6.31 14.10 47.78
C SER B 334 -7.74 14.19 48.30
N ILE B 335 -8.54 15.02 47.64
CA ILE B 335 -9.89 15.28 48.10
C ILE B 335 -10.89 14.92 47.00
N ALA B 336 -10.80 15.61 45.86
CA ALA B 336 -11.80 15.47 44.80
C ALA B 336 -11.23 14.67 43.63
N SER B 337 -11.44 13.36 43.71
CA SER B 337 -11.01 12.47 42.64
C SER B 337 -12.12 12.24 41.64
N LEU B 338 -11.73 12.06 40.37
CA LEU B 338 -12.65 11.71 39.30
C LEU B 338 -12.05 10.54 38.54
N VAL B 339 -12.75 9.42 38.51
CA VAL B 339 -12.19 8.15 38.05
C VAL B 339 -13.02 7.62 36.89
N MET B 340 -12.34 7.24 35.81
CA MET B 340 -12.95 6.65 34.63
C MET B 340 -12.35 5.28 34.40
N ALA B 341 -13.13 4.38 33.81
CA ALA B 341 -12.69 3.01 33.56
C ALA B 341 -12.49 2.80 32.08
N VAL B 342 -11.39 2.13 31.71
CA VAL B 342 -11.12 1.76 30.33
C VAL B 342 -11.47 0.28 30.17
N VAL B 343 -12.35 -0.01 29.21
CA VAL B 343 -12.86 -1.35 28.99
C VAL B 343 -12.30 -1.86 27.68
N VAL B 344 -11.56 -2.98 27.75
CA VAL B 344 -10.88 -3.57 26.60
C VAL B 344 -11.28 -5.03 26.50
N ASN B 345 -11.51 -5.50 25.28
CA ASN B 345 -11.89 -6.89 25.08
C ASN B 345 -10.77 -7.81 25.55
N GLU B 346 -11.15 -8.98 26.09
CA GLU B 346 -10.20 -9.81 26.80
C GLU B 346 -9.17 -10.45 25.88
N ASN B 347 -9.44 -10.54 24.59
CA ASN B 347 -8.52 -11.16 23.63
C ASN B 347 -8.22 -12.61 24.00
N GLN B 362 -20.22 -11.22 20.88
CA GLN B 362 -19.87 -10.31 21.98
C GLN B 362 -18.67 -10.83 22.75
N LYS B 363 -17.50 -10.29 22.43
CA LYS B 363 -16.27 -10.72 23.09
C LYS B 363 -16.26 -10.29 24.55
N ARG B 364 -15.66 -11.12 25.40
CA ARG B 364 -15.48 -10.75 26.80
C ARG B 364 -14.53 -9.58 26.93
N LYS B 365 -14.83 -8.67 27.85
CA LYS B 365 -14.12 -7.41 27.98
C LYS B 365 -13.59 -7.25 29.40
N LYS B 366 -12.37 -6.74 29.51
CA LYS B 366 -11.69 -6.57 30.78
C LYS B 366 -11.21 -5.12 30.94
N LEU B 367 -10.89 -4.75 32.17
CA LEU B 367 -10.41 -3.41 32.49
C LEU B 367 -8.91 -3.33 32.20
N TRP B 368 -8.54 -2.54 31.20
CA TRP B 368 -7.14 -2.22 31.01
C TRP B 368 -6.62 -1.33 32.13
N GLY B 369 -7.49 -0.54 32.74
CA GLY B 369 -7.10 0.30 33.83
C GLY B 369 -8.08 1.43 34.05
N LEU B 370 -7.65 2.41 34.84
CA LEU B 370 -8.44 3.57 35.16
C LEU B 370 -7.69 4.84 34.79
N ILE B 371 -8.44 5.90 34.52
CA ILE B 371 -7.93 7.26 34.43
C ILE B 371 -8.38 7.98 35.69
N VAL B 372 -7.42 8.36 36.53
CA VAL B 372 -7.69 8.92 37.84
C VAL B 372 -7.19 10.35 37.88
N CYS B 373 -8.10 11.29 38.15
CA CYS B 373 -7.76 12.69 38.34
C CYS B 373 -7.93 13.05 39.81
N HIS B 374 -6.99 13.82 40.33
CA HIS B 374 -6.96 14.14 41.76
C HIS B 374 -6.88 15.66 41.94
N HIS B 375 -7.08 16.09 43.18
CA HIS B 375 -7.02 17.51 43.52
C HIS B 375 -6.78 17.65 45.02
N GLU B 376 -6.37 18.85 45.42
CA GLU B 376 -6.09 19.15 46.81
C GLU B 376 -7.24 19.87 47.50
N SER B 377 -8.02 20.66 46.77
CA SER B 377 -9.14 21.41 47.30
C SER B 377 -10.42 20.92 46.66
N PRO B 378 -11.56 21.11 47.32
CA PRO B 378 -12.83 20.63 46.73
C PRO B 378 -13.08 21.24 45.36
N ARG B 379 -13.60 20.41 44.46
CA ARG B 379 -13.81 20.80 43.07
C ARG B 379 -15.13 20.21 42.58
N TYR B 380 -15.71 20.85 41.57
CA TYR B 380 -16.96 20.39 40.99
C TYR B 380 -16.86 20.46 39.47
N VAL B 381 -17.55 19.54 38.81
CA VAL B 381 -17.53 19.43 37.35
C VAL B 381 -18.96 19.29 36.83
N PRO B 382 -19.35 20.04 35.81
CA PRO B 382 -20.68 19.85 35.22
C PRO B 382 -20.78 18.55 34.43
N PHE B 383 -22.01 18.08 34.28
CA PHE B 383 -22.27 16.81 33.61
C PHE B 383 -21.72 16.72 32.19
N PRO B 384 -21.86 17.73 31.31
CA PRO B 384 -21.33 17.58 29.95
C PRO B 384 -19.83 17.27 29.91
N LEU B 385 -19.05 17.85 30.81
CA LEU B 385 -17.62 17.56 30.84
C LEU B 385 -17.37 16.10 31.23
N ARG B 386 -18.16 15.58 32.18
CA ARG B 386 -18.02 14.17 32.56
C ARG B 386 -18.35 13.25 31.38
N TYR B 387 -19.42 13.57 30.65
CA TYR B 387 -19.76 12.76 29.48
C TYR B 387 -18.67 12.83 28.42
N ALA B 388 -18.11 14.01 28.18
CA ALA B 388 -17.04 14.14 27.19
C ALA B 388 -15.82 13.32 27.59
N CYS B 389 -15.47 13.34 28.88
CA CYS B 389 -14.34 12.56 29.35
C CYS B 389 -14.59 11.06 29.20
N GLU B 390 -15.83 10.62 29.47
CA GLU B 390 -16.16 9.21 29.26
C GLU B 390 -16.00 8.80 27.80
N PHE B 391 -16.47 9.66 26.88
CA PHE B 391 -16.32 9.35 25.47
C PHE B 391 -14.84 9.30 25.07
N LEU B 392 -14.03 10.19 25.65
CA LEU B 392 -12.59 10.16 25.41
C LEU B 392 -11.97 8.86 25.89
N ALA B 393 -12.42 8.37 27.05
CA ALA B 393 -11.94 7.07 27.52
C ALA B 393 -12.31 5.95 26.55
N GLN B 394 -13.52 6.02 25.99
CA GLN B 394 -13.96 5.01 25.05
C GLN B 394 -13.06 4.97 23.81
N VAL B 395 -12.77 6.14 23.23
CA VAL B 395 -11.92 6.14 22.04
C VAL B 395 -10.49 5.71 22.39
N PHE B 396 -10.02 6.06 23.59
CA PHE B 396 -8.73 5.55 24.04
C PHE B 396 -8.71 4.03 24.07
N ALA B 397 -9.79 3.41 24.56
CA ALA B 397 -9.86 1.95 24.57
C ALA B 397 -9.83 1.38 23.15
N VAL B 398 -10.53 2.04 22.22
CA VAL B 398 -10.52 1.59 20.82
C VAL B 398 -9.09 1.59 20.28
N HIS B 399 -8.34 2.67 20.54
CA HIS B 399 -6.96 2.71 20.04
C HIS B 399 -6.08 1.67 20.74
N VAL B 400 -6.35 1.37 22.00
CA VAL B 400 -5.62 0.30 22.68
C VAL B 400 -5.85 -1.03 21.98
N ASN B 401 -7.09 -1.30 21.58
CA ASN B 401 -7.38 -2.52 20.82
C ASN B 401 -6.60 -2.55 19.52
N LYS B 402 -6.53 -1.42 18.82
CA LYS B 402 -5.76 -1.37 17.57
C LYS B 402 -4.29 -1.68 17.81
N GLU B 403 -3.73 -1.16 18.91
CA GLU B 403 -2.34 -1.47 19.24
C GLU B 403 -2.14 -2.96 19.49
N PHE B 404 -3.10 -3.59 20.18
CA PHE B 404 -3.01 -5.03 20.38
C PHE B 404 -2.96 -5.78 19.05
N GLU B 405 -3.83 -5.41 18.10
CA GLU B 405 -3.83 -6.08 16.81
C GLU B 405 -2.51 -5.88 16.07
N LEU B 406 -1.96 -4.67 16.12
CA LEU B 406 -0.69 -4.41 15.46
C LEU B 406 0.42 -5.26 16.06
N GLU B 407 0.46 -5.38 17.40
CA GLU B 407 1.46 -6.23 18.03
C GLU B 407 1.31 -7.67 17.60
N LYS B 408 0.07 -8.16 17.49
CA LYS B 408 -0.13 -9.54 17.05
C LYS B 408 0.41 -9.76 15.65
N GLN B 409 0.15 -8.82 14.73
CA GLN B 409 0.68 -8.98 13.38
C GLN B 409 2.20 -8.97 13.36
N ILE B 410 2.81 -8.08 14.15
CA ILE B 410 4.27 -8.01 14.21
C ILE B 410 4.84 -9.32 14.72
N ARG B 411 4.21 -9.91 15.73
CA ARG B 411 4.65 -11.21 16.22
C ARG B 411 4.45 -12.30 15.17
N GLU B 412 3.40 -12.18 14.36
CA GLU B 412 3.11 -13.24 13.39
C GLU B 412 4.13 -13.28 12.26
N LYS B 413 4.62 -12.12 11.82
CA LYS B 413 5.55 -12.12 10.68
C LYS B 413 6.84 -12.89 10.97
N SER B 414 7.23 -12.97 12.24
CA SER B 414 8.49 -13.65 12.59
C SER B 414 8.41 -15.15 12.37
N ILE B 415 7.20 -15.72 12.31
CA ILE B 415 7.06 -17.13 11.96
C ILE B 415 7.52 -17.36 10.52
N LEU B 416 6.99 -16.55 9.60
CA LEU B 416 7.35 -16.67 8.19
C LEU B 416 8.83 -16.39 7.98
N ARG B 417 9.40 -15.42 8.72
CA ARG B 417 10.80 -15.10 8.50
C ARG B 417 11.71 -16.29 8.81
N MET B 418 11.49 -16.95 9.94
CA MET B 418 12.40 -18.05 10.24
C MET B 418 12.03 -19.30 9.46
N GLN B 419 10.79 -19.44 9.02
CA GLN B 419 10.47 -20.51 8.07
C GLN B 419 11.25 -20.34 6.78
N THR B 420 11.36 -19.10 6.28
CA THR B 420 12.19 -18.85 5.11
C THR B 420 13.65 -19.14 5.39
N MET B 421 14.12 -18.77 6.59
CA MET B 421 15.50 -19.09 6.96
C MET B 421 15.74 -20.59 6.95
N LEU B 422 14.81 -21.36 7.53
CA LEU B 422 14.94 -22.81 7.56
C LEU B 422 14.93 -23.40 6.16
N SER B 423 14.06 -22.90 5.29
CA SER B 423 14.02 -23.39 3.92
C SER B 423 15.33 -23.09 3.20
N ASP B 424 15.90 -21.90 3.43
CA ASP B 424 17.18 -21.57 2.82
C ASP B 424 18.29 -22.47 3.35
N MET B 425 18.24 -22.80 4.64
CA MET B 425 19.25 -23.67 5.25
C MET B 425 19.13 -25.10 4.76
N LEU B 426 17.92 -25.55 4.46
CA LEU B 426 17.71 -26.88 3.91
C LEU B 426 17.95 -26.96 2.41
N PHE B 427 17.85 -25.84 1.70
CA PHE B 427 18.06 -25.85 0.25
C PHE B 427 19.49 -26.28 -0.09
N LYS B 428 20.47 -25.75 0.64
CA LYS B 428 21.84 -26.21 0.55
C LYS B 428 22.12 -27.20 1.67
N GLU B 429 23.07 -28.09 1.44
CA GLU B 429 23.42 -29.08 2.45
C GLU B 429 24.14 -28.41 3.60
N SER B 430 23.49 -28.36 4.77
CA SER B 430 24.01 -27.63 5.93
C SER B 430 24.75 -28.62 6.82
N SER B 431 26.07 -28.53 6.83
CA SER B 431 26.90 -29.34 7.70
C SER B 431 27.05 -28.66 9.06
N PRO B 432 27.33 -29.41 10.12
CA PRO B 432 27.61 -28.77 11.42
C PRO B 432 28.77 -27.81 11.38
N LEU B 433 29.73 -28.01 10.46
CA LEU B 433 30.79 -27.02 10.28
C LEU B 433 30.29 -25.81 9.50
N SER B 434 29.47 -26.04 8.47
CA SER B 434 29.05 -24.94 7.60
C SER B 434 28.06 -24.01 8.29
N ILE B 435 27.31 -24.51 9.27
CA ILE B 435 26.29 -23.68 9.91
C ILE B 435 26.95 -22.59 10.77
N VAL B 436 28.04 -22.93 11.47
CA VAL B 436 28.66 -21.98 12.38
C VAL B 436 29.37 -20.86 11.60
N SER B 437 29.93 -21.19 10.43
CA SER B 437 30.75 -20.23 9.70
C SER B 437 29.94 -19.32 8.80
N GLY B 438 28.94 -19.86 8.11
CA GLY B 438 28.21 -19.09 7.12
C GLY B 438 27.33 -18.02 7.73
N SER B 439 26.75 -17.21 6.84
CA SER B 439 25.87 -16.13 7.27
C SER B 439 24.64 -16.62 8.03
N PRO B 440 23.89 -17.63 7.56
CA PRO B 440 22.78 -18.12 8.40
C PRO B 440 23.29 -19.01 9.52
N ASN B 441 23.88 -18.38 10.53
CA ASN B 441 24.53 -19.11 11.62
C ASN B 441 23.50 -19.48 12.70
N ILE B 442 23.98 -19.89 13.86
CA ILE B 442 23.12 -20.21 14.99
C ILE B 442 23.02 -19.00 15.90
N MET B 443 23.42 -17.84 15.39
CA MET B 443 23.32 -16.59 16.13
C MET B 443 22.11 -15.77 15.72
N ASP B 444 21.40 -16.16 14.66
CA ASP B 444 20.20 -15.45 14.23
C ASP B 444 18.98 -16.36 14.15
N LEU B 445 19.11 -17.64 14.54
CA LEU B 445 17.93 -18.50 14.60
C LEU B 445 16.95 -18.00 15.67
N VAL B 446 17.46 -17.63 16.84
CA VAL B 446 16.68 -17.04 17.90
C VAL B 446 17.47 -15.87 18.47
N LYS B 447 16.75 -14.95 19.12
CA LYS B 447 17.37 -13.77 19.71
C LYS B 447 18.14 -14.20 20.96
N CYS B 448 19.44 -14.36 20.83
CA CYS B 448 20.29 -14.88 21.89
C CYS B 448 21.54 -14.03 22.01
N ASP B 449 22.19 -14.10 23.18
CA ASP B 449 23.40 -13.34 23.45
C ASP B 449 24.68 -14.06 23.04
N GLY B 450 24.59 -15.34 22.69
CA GLY B 450 25.78 -16.09 22.29
C GLY B 450 25.40 -17.51 21.96
N ALA B 451 26.34 -18.21 21.34
CA ALA B 451 26.07 -19.57 20.87
C ALA B 451 27.35 -20.40 20.92
N ALA B 452 27.17 -21.72 20.95
CA ALA B 452 28.29 -22.63 21.05
C ALA B 452 27.91 -23.96 20.41
N LEU B 453 28.92 -24.75 20.06
CA LEU B 453 28.73 -26.02 19.40
C LEU B 453 29.85 -26.97 19.79
N LEU B 454 29.50 -28.20 20.20
CA LEU B 454 30.48 -29.21 20.56
C LEU B 454 30.26 -30.42 19.66
N TYR B 455 31.21 -30.69 18.78
CA TYR B 455 31.10 -31.87 17.93
C TYR B 455 32.48 -32.27 17.45
N GLY B 456 32.62 -33.55 17.12
CA GLY B 456 33.92 -34.08 16.74
C GLY B 456 34.98 -33.89 17.79
N ASP B 457 34.59 -33.84 19.06
CA ASP B 457 35.49 -33.54 20.18
C ASP B 457 36.19 -32.20 19.98
N LYS B 458 35.50 -31.22 19.41
CA LYS B 458 36.01 -29.86 19.32
C LYS B 458 34.87 -28.88 19.54
N VAL B 459 35.23 -27.70 20.04
CA VAL B 459 34.28 -26.70 20.53
C VAL B 459 34.44 -25.42 19.72
N TRP B 460 33.31 -24.89 19.26
CA TRP B 460 33.26 -23.60 18.58
C TRP B 460 32.32 -22.67 19.34
N ARG B 461 32.64 -21.38 19.34
CA ARG B 461 31.89 -20.39 20.10
C ARG B 461 31.63 -19.16 19.24
N LEU B 462 30.63 -18.39 19.64
CA LEU B 462 30.34 -17.10 19.02
C LEU B 462 30.03 -16.08 20.12
N GLN B 463 30.46 -14.85 19.89
CA GLN B 463 30.21 -13.73 20.81
C GLN B 463 30.67 -14.06 22.22
N THR B 464 29.72 -14.31 23.13
CA THR B 464 30.01 -14.62 24.52
C THR B 464 29.61 -16.06 24.81
N ALA B 465 30.53 -16.82 25.40
CA ALA B 465 30.28 -18.21 25.72
C ALA B 465 31.33 -18.65 26.74
N PRO B 466 31.01 -19.65 27.56
CA PRO B 466 32.01 -20.16 28.52
C PRO B 466 33.19 -20.81 27.80
N THR B 467 34.31 -20.86 28.50
CA THR B 467 35.54 -21.37 27.93
C THR B 467 35.43 -22.88 27.67
N GLU B 468 36.47 -23.43 27.04
CA GLU B 468 36.48 -24.85 26.68
C GLU B 468 36.43 -25.75 27.90
N SER B 469 36.94 -25.31 29.04
CA SER B 469 37.01 -26.17 30.21
C SER B 469 35.62 -26.45 30.78
N GLN B 470 34.90 -25.40 31.17
CA GLN B 470 33.63 -25.59 31.85
C GLN B 470 32.50 -26.00 30.93
N ILE B 471 32.62 -25.78 29.62
CA ILE B 471 31.57 -26.24 28.71
C ILE B 471 31.51 -27.76 28.68
N ARG B 472 32.66 -28.42 28.78
CA ARG B 472 32.67 -29.88 28.85
C ARG B 472 32.08 -30.37 30.16
N ASP B 473 32.30 -29.64 31.27
CA ASP B 473 31.65 -29.98 32.52
C ASP B 473 30.14 -29.79 32.44
N ILE B 474 29.69 -28.76 31.73
CA ILE B 474 28.25 -28.57 31.51
C ILE B 474 27.68 -29.74 30.74
N ALA B 475 28.38 -30.16 29.68
CA ALA B 475 27.94 -31.32 28.91
C ALA B 475 27.90 -32.57 29.77
N PHE B 476 28.91 -32.76 30.62
CA PHE B 476 28.96 -33.90 31.52
C PHE B 476 27.77 -33.90 32.47
N TRP B 477 27.47 -32.74 33.05
CA TRP B 477 26.35 -32.63 33.98
C TRP B 477 25.02 -32.93 33.28
N LEU B 478 24.85 -32.39 32.07
CA LEU B 478 23.64 -32.68 31.30
C LEU B 478 23.53 -34.17 31.00
N SER B 479 24.66 -34.80 30.66
CA SER B 479 24.64 -36.23 30.36
C SER B 479 24.26 -37.06 31.58
N GLU B 480 24.81 -36.72 32.75
CA GLU B 480 24.56 -37.56 33.92
C GLU B 480 23.16 -37.34 34.48
N VAL B 481 22.77 -36.07 34.70
CA VAL B 481 21.51 -35.81 35.37
C VAL B 481 20.33 -36.10 34.46
N HIS B 482 20.39 -35.60 33.22
CA HIS B 482 19.30 -35.75 32.26
C HIS B 482 19.78 -36.67 31.14
N GLY B 483 19.62 -37.98 31.33
CA GLY B 483 20.07 -38.95 30.36
C GLY B 483 19.02 -39.36 29.35
N ASP B 484 17.85 -39.78 29.83
CA ASP B 484 16.81 -40.26 28.91
C ASP B 484 16.21 -39.11 28.11
N SER B 485 15.85 -38.02 28.79
CA SER B 485 15.23 -36.87 28.13
C SER B 485 16.32 -35.94 27.61
N THR B 486 16.08 -35.40 26.40
CA THR B 486 17.02 -34.50 25.77
C THR B 486 16.32 -33.24 25.28
N GLY B 487 17.05 -32.14 25.25
CA GLY B 487 16.46 -30.85 24.98
C GLY B 487 16.16 -30.12 26.26
N LEU B 488 16.94 -29.09 26.58
CA LEU B 488 16.81 -28.38 27.84
C LEU B 488 16.74 -26.88 27.57
N SER B 489 15.92 -26.18 28.35
CA SER B 489 15.81 -24.73 28.26
C SER B 489 15.62 -24.19 29.66
N THR B 490 16.38 -23.16 30.01
CA THR B 490 16.24 -22.52 31.31
C THR B 490 16.81 -21.11 31.23
N ASP B 491 16.37 -20.26 32.15
CA ASP B 491 16.86 -18.89 32.24
C ASP B 491 17.76 -18.67 33.45
N SER B 492 18.09 -19.72 34.18
CA SER B 492 18.96 -19.60 35.36
C SER B 492 19.57 -20.95 35.66
N LEU B 493 20.90 -21.06 35.53
CA LEU B 493 21.57 -22.31 35.90
C LEU B 493 21.46 -22.59 37.39
N GLN B 494 21.39 -21.54 38.22
CA GLN B 494 21.27 -21.72 39.65
C GLN B 494 19.93 -22.36 40.01
N ASP B 495 18.84 -21.95 39.34
CA ASP B 495 17.54 -22.54 39.62
C ASP B 495 17.52 -24.03 39.31
N ALA B 496 18.15 -24.43 38.21
CA ALA B 496 18.27 -25.85 37.90
C ALA B 496 19.11 -26.57 38.96
N GLY B 497 20.18 -25.94 39.42
CA GLY B 497 21.02 -26.52 40.45
C GLY B 497 22.41 -26.89 39.99
N TYR B 498 22.96 -26.13 39.06
CA TYR B 498 24.32 -26.39 38.59
C TYR B 498 25.31 -26.05 39.69
N PRO B 499 26.18 -26.98 40.09
CA PRO B 499 27.13 -26.68 41.18
C PRO B 499 28.14 -25.59 40.82
N GLY B 500 28.83 -25.73 39.70
CA GLY B 500 29.86 -24.78 39.33
C GLY B 500 29.39 -23.66 38.44
N ALA B 501 29.08 -22.50 39.02
CA ALA B 501 28.63 -21.35 38.25
C ALA B 501 29.37 -20.07 38.56
N ALA B 502 30.21 -20.04 39.60
CA ALA B 502 30.98 -18.84 39.91
C ALA B 502 31.97 -18.52 38.79
N SER B 503 32.58 -19.55 38.21
CA SER B 503 33.53 -19.34 37.12
C SER B 503 32.86 -18.72 35.90
N LEU B 504 31.59 -19.03 35.66
CA LEU B 504 30.89 -18.47 34.51
C LEU B 504 30.67 -16.97 34.68
N GLY B 505 30.39 -16.53 35.91
CA GLY B 505 30.15 -15.13 36.19
C GLY B 505 28.68 -14.79 36.20
N ASP B 506 28.39 -13.53 36.54
CA ASP B 506 27.02 -13.06 36.60
C ASP B 506 26.35 -13.12 35.23
N MET B 507 27.07 -12.74 34.18
CA MET B 507 26.56 -12.86 32.82
C MET B 507 26.51 -14.33 32.41
N ILE B 508 25.85 -14.60 31.28
CA ILE B 508 25.68 -16.00 30.78
C ILE B 508 24.88 -16.83 31.79
N CYS B 509 23.59 -16.50 31.93
CA CYS B 509 22.76 -17.18 32.92
C CYS B 509 21.71 -18.09 32.30
N GLY B 510 21.14 -17.72 31.16
CA GLY B 510 20.16 -18.58 30.51
C GLY B 510 20.83 -19.53 29.52
N MET B 511 20.41 -20.79 29.56
CA MET B 511 21.01 -21.84 28.75
C MET B 511 19.93 -22.60 28.01
N ALA B 512 20.13 -22.79 26.70
CA ALA B 512 19.32 -23.68 25.89
C ALA B 512 20.24 -24.68 25.21
N VAL B 513 19.88 -25.95 25.23
CA VAL B 513 20.74 -26.98 24.66
C VAL B 513 19.96 -27.72 23.57
N ALA B 514 20.70 -28.46 22.76
CA ALA B 514 20.12 -29.28 21.70
C ALA B 514 21.04 -30.45 21.43
N LYS B 515 20.46 -31.61 21.14
CA LYS B 515 21.23 -32.84 20.93
C LYS B 515 20.82 -33.47 19.61
N ILE B 516 21.69 -33.34 18.58
CA ILE B 516 21.46 -34.09 17.35
C ILE B 516 21.69 -35.58 17.59
N THR B 517 22.79 -35.93 18.25
CA THR B 517 23.07 -37.31 18.65
C THR B 517 23.67 -37.29 20.05
N SER B 518 24.26 -38.41 20.45
CA SER B 518 24.75 -38.57 21.82
C SER B 518 25.88 -37.59 22.13
N LYS B 519 26.83 -37.42 21.21
CA LYS B 519 28.01 -36.62 21.50
C LYS B 519 27.87 -35.16 21.05
N ASP B 520 27.59 -34.94 19.77
CA ASP B 520 27.53 -33.59 19.22
C ASP B 520 26.27 -32.86 19.67
N ILE B 521 26.45 -31.67 20.25
CA ILE B 521 25.36 -30.90 20.84
C ILE B 521 25.56 -29.41 20.58
N LEU B 522 24.46 -28.66 20.71
CA LEU B 522 24.40 -27.23 20.42
C LEU B 522 23.99 -26.46 21.66
N PHE B 523 24.49 -25.23 21.79
CA PHE B 523 24.26 -24.37 22.95
C PHE B 523 23.83 -22.98 22.52
N TRP B 524 22.87 -22.41 23.24
CA TRP B 524 22.52 -21.00 23.16
C TRP B 524 22.64 -20.41 24.56
N PHE B 525 23.28 -19.24 24.67
CA PHE B 525 23.58 -18.62 25.95
C PHE B 525 23.03 -17.20 25.98
N ARG B 526 22.29 -16.88 27.03
CA ARG B 526 21.69 -15.57 27.21
C ARG B 526 22.13 -14.99 28.55
N SER B 527 22.16 -13.66 28.62
CA SER B 527 22.56 -12.94 29.83
C SER B 527 21.33 -12.44 30.57
N HIS B 528 21.36 -12.55 31.90
CA HIS B 528 20.24 -12.10 32.70
C HIS B 528 20.10 -10.59 32.66
N THR B 529 18.86 -10.12 32.69
CA THR B 529 18.57 -8.69 32.65
C THR B 529 18.35 -8.15 34.07
N ALA B 530 18.30 -6.83 34.18
CA ALA B 530 18.12 -6.15 35.45
C ALA B 530 16.67 -5.69 35.59
N ALA B 531 16.03 -6.08 36.68
CA ALA B 531 14.65 -5.70 36.98
C ALA B 531 14.63 -4.83 38.23
N GLU B 532 13.91 -3.71 38.15
CA GLU B 532 13.86 -2.74 39.25
C GLU B 532 12.45 -2.17 39.32
N ILE B 533 11.77 -2.43 40.44
CA ILE B 533 10.40 -1.96 40.65
C ILE B 533 10.34 -1.22 41.98
N LYS B 534 9.64 -0.08 41.97
CA LYS B 534 9.42 0.72 43.17
C LYS B 534 8.06 0.38 43.74
N TRP B 535 8.01 0.04 45.03
CA TRP B 535 6.74 -0.32 45.64
C TRP B 535 6.11 0.86 46.38
N GLY B 536 6.81 1.41 47.37
CA GLY B 536 6.30 2.58 48.06
C GLY B 536 4.97 2.38 48.77
N GLY B 537 4.82 1.27 49.49
CA GLY B 537 3.59 0.99 50.19
C GLY B 537 3.48 1.70 51.53
N ALA B 559 8.52 3.63 51.40
CA ALA B 559 9.10 3.36 50.10
C ALA B 559 10.39 2.55 50.23
N PHE B 560 10.40 1.36 49.64
CA PHE B 560 11.55 0.48 49.70
C PHE B 560 11.90 0.00 48.29
N LEU B 561 13.16 -0.40 48.13
CA LEU B 561 13.69 -0.84 46.84
C LEU B 561 13.73 -2.36 46.79
N GLU B 562 13.28 -2.92 45.67
CA GLU B 562 13.34 -4.36 45.42
C GLU B 562 14.14 -4.62 44.16
N VAL B 563 15.13 -5.50 44.26
CA VAL B 563 16.02 -5.83 43.15
C VAL B 563 16.00 -7.34 42.94
N VAL B 564 15.86 -7.76 41.69
CA VAL B 564 15.88 -9.17 41.30
C VAL B 564 16.98 -9.35 40.28
N LYS B 565 17.87 -10.32 40.51
CA LYS B 565 19.03 -10.55 39.68
C LYS B 565 19.08 -12.01 39.25
N MET B 566 19.98 -12.30 38.31
CA MET B 566 20.30 -13.65 37.85
C MET B 566 19.12 -14.35 37.19
N LYS B 567 18.15 -13.58 36.67
CA LYS B 567 17.01 -14.13 35.94
C LYS B 567 17.08 -13.65 34.49
N SER B 568 17.08 -14.58 33.55
CA SER B 568 17.11 -14.27 32.13
C SER B 568 15.69 -14.29 31.56
N LEU B 569 15.57 -13.86 30.31
CA LEU B 569 14.28 -13.82 29.66
C LEU B 569 13.73 -15.24 29.47
N PRO B 570 12.41 -15.42 29.55
CA PRO B 570 11.84 -16.75 29.34
C PRO B 570 12.00 -17.23 27.91
N TRP B 571 12.07 -18.54 27.75
CA TRP B 571 12.18 -19.18 26.43
C TRP B 571 10.78 -19.56 25.98
N SER B 572 10.26 -18.85 24.98
CA SER B 572 8.94 -19.15 24.46
C SER B 572 8.92 -20.52 23.80
N ASP B 573 7.75 -21.15 23.83
CA ASP B 573 7.59 -22.45 23.16
C ASP B 573 7.86 -22.34 21.66
N TYR B 574 7.58 -21.18 21.08
CA TYR B 574 7.99 -20.88 19.72
C TYR B 574 9.51 -21.00 19.54
N GLU B 575 10.26 -20.42 20.47
CA GLU B 575 11.72 -20.41 20.35
C GLU B 575 12.31 -21.79 20.57
N MET B 576 11.55 -22.69 21.19
CA MET B 576 11.98 -24.09 21.31
C MET B 576 11.52 -24.91 20.11
N ASP B 577 10.39 -24.55 19.50
CA ASP B 577 9.98 -25.21 18.27
C ASP B 577 10.99 -24.95 17.15
N ALA B 578 11.53 -23.72 17.09
CA ALA B 578 12.57 -23.42 16.12
C ALA B 578 13.79 -24.31 16.32
N ILE B 579 14.22 -24.46 17.57
CA ILE B 579 15.40 -25.29 17.87
C ILE B 579 15.10 -26.75 17.55
N HIS B 580 13.88 -27.20 17.79
CA HIS B 580 13.51 -28.57 17.44
C HIS B 580 13.55 -28.79 15.92
N SER B 581 13.09 -27.81 15.15
CA SER B 581 13.18 -27.91 13.70
C SER B 581 14.63 -27.97 13.23
N LEU B 582 15.50 -27.14 13.83
CA LEU B 582 16.91 -27.20 13.49
C LEU B 582 17.50 -28.57 13.87
N GLN B 583 17.07 -29.10 15.02
CA GLN B 583 17.47 -30.44 15.44
C GLN B 583 17.16 -31.46 14.35
N LEU B 584 15.92 -31.46 13.88
CA LEU B 584 15.51 -32.42 12.86
C LEU B 584 16.29 -32.22 11.57
N ILE B 585 16.47 -30.97 11.14
CA ILE B 585 17.16 -30.71 9.88
C ILE B 585 18.59 -31.23 9.93
N LEU B 586 19.31 -30.88 11.00
CA LEU B 586 20.71 -31.30 11.10
C LEU B 586 20.82 -32.81 11.25
N ARG B 587 19.95 -33.43 12.05
CA ARG B 587 20.02 -34.88 12.22
C ARG B 587 19.72 -35.61 10.91
N GLY B 588 18.72 -35.14 10.17
CA GLY B 588 18.41 -35.77 8.89
C GLY B 588 19.53 -35.59 7.88
N THR B 589 20.14 -34.40 7.83
CA THR B 589 21.25 -34.18 6.90
C THR B 589 22.44 -35.06 7.25
N LEU B 590 22.75 -35.19 8.55
CA LEU B 590 23.88 -36.03 8.95
C LEU B 590 23.63 -37.50 8.64
N ASN B 591 22.36 -37.92 8.60
CA ASN B 591 22.04 -39.31 8.28
C ASN B 591 22.28 -39.62 6.81
N VAL B 743 18.10 -39.95 21.12
CA VAL B 743 18.11 -39.70 19.68
C VAL B 743 16.71 -39.88 19.10
N MET B 744 15.96 -40.83 19.63
CA MET B 744 14.59 -41.11 19.21
C MET B 744 13.62 -40.77 20.34
N ASP B 745 12.46 -40.23 19.97
CA ASP B 745 11.39 -39.89 20.91
C ASP B 745 11.89 -38.92 21.98
N LYS B 746 12.34 -37.77 21.51
CA LYS B 746 12.92 -36.75 22.39
C LYS B 746 11.82 -35.89 23.03
N PHE B 747 12.09 -35.44 24.25
CA PHE B 747 11.18 -34.59 25.00
C PHE B 747 11.98 -33.52 25.73
N THR B 748 11.56 -32.26 25.59
CA THR B 748 12.28 -31.13 26.17
C THR B 748 11.49 -30.57 27.37
N ARG B 749 12.18 -29.75 28.16
CA ARG B 749 11.61 -29.21 29.39
C ARG B 749 11.71 -27.70 29.43
N VAL B 750 10.66 -27.05 29.94
CA VAL B 750 10.67 -25.60 30.11
C VAL B 750 11.61 -25.21 31.23
N GLU B 751 11.67 -26.01 32.30
CA GLU B 751 12.44 -25.70 33.51
C GLU B 751 12.04 -24.34 34.07
N GLY B 752 10.73 -24.06 34.06
CA GLY B 752 10.25 -22.81 34.63
C GLY B 752 10.48 -22.73 36.13
N ASP B 753 10.28 -23.84 36.83
CA ASP B 753 10.57 -23.95 38.25
C ASP B 753 11.57 -25.09 38.45
N TYR B 754 11.81 -25.44 39.72
CA TYR B 754 12.73 -26.54 40.00
C TYR B 754 12.18 -27.86 39.49
N ARG B 755 10.87 -28.02 39.51
CA ARG B 755 10.24 -29.21 38.94
C ARG B 755 10.37 -29.19 37.42
N ALA B 756 10.54 -30.37 36.84
CA ALA B 756 10.73 -30.53 35.40
C ALA B 756 9.44 -31.02 34.76
N ILE B 757 8.96 -30.29 33.76
CA ILE B 757 7.76 -30.63 33.01
C ILE B 757 8.15 -30.88 31.56
N ILE B 758 7.34 -31.68 30.88
CA ILE B 758 7.67 -32.22 29.57
C ILE B 758 6.96 -31.40 28.50
N HIS B 759 7.70 -31.03 27.46
CA HIS B 759 7.13 -30.30 26.33
C HIS B 759 6.30 -31.24 25.44
N ASN B 760 5.59 -30.61 24.50
CA ASN B 760 5.06 -31.28 23.32
C ASN B 760 5.43 -30.44 22.11
N PRO B 761 6.72 -30.36 21.78
CA PRO B 761 7.17 -29.39 20.77
C PRO B 761 6.93 -29.93 19.36
N ASN B 762 6.01 -29.29 18.64
CA ASN B 762 5.75 -29.66 17.25
C ASN B 762 6.65 -28.86 16.34
N PRO B 763 7.37 -29.50 15.41
CA PRO B 763 8.24 -28.76 14.51
C PRO B 763 7.45 -28.04 13.43
N LEU B 764 8.10 -27.06 12.83
CA LEU B 764 7.52 -26.31 11.71
C LEU B 764 8.57 -26.17 10.62
N ILE B 765 8.39 -26.92 9.53
CA ILE B 765 9.22 -26.81 8.35
C ILE B 765 8.26 -26.60 7.18
N PRO B 766 8.46 -25.56 6.36
CA PRO B 766 7.47 -25.25 5.33
C PRO B 766 7.36 -26.40 4.34
N PRO B 767 6.16 -26.62 3.80
CA PRO B 767 6.02 -27.63 2.75
C PRO B 767 6.97 -27.37 1.59
N ILE B 768 7.64 -28.44 1.14
CA ILE B 768 8.72 -28.34 0.17
C ILE B 768 8.51 -29.42 -0.89
N PHE B 769 8.66 -29.04 -2.15
CA PHE B 769 8.62 -30.00 -3.24
C PHE B 769 9.53 -29.50 -4.36
N GLY B 770 9.93 -30.42 -5.23
CA GLY B 770 10.84 -30.06 -6.31
C GLY B 770 10.62 -30.91 -7.54
N ALA B 771 11.18 -30.42 -8.64
CA ALA B 771 11.19 -31.13 -9.90
C ALA B 771 12.59 -31.08 -10.50
N ASP B 772 12.95 -32.12 -11.24
CA ASP B 772 14.27 -32.17 -11.86
C ASP B 772 14.26 -31.39 -13.17
N GLN B 773 15.33 -31.50 -13.95
CA GLN B 773 15.46 -30.70 -15.16
C GLN B 773 14.45 -31.09 -16.23
N PHE B 774 13.99 -32.34 -16.24
CA PHE B 774 13.03 -32.81 -17.23
C PHE B 774 11.58 -32.60 -16.82
N GLY B 775 11.35 -32.04 -15.63
CA GLY B 775 9.99 -31.76 -15.18
C GLY B 775 9.37 -32.81 -14.30
N TRP B 776 10.03 -33.94 -14.06
CA TRP B 776 9.49 -34.98 -13.21
C TRP B 776 9.53 -34.55 -11.75
N CYS B 777 8.48 -34.88 -11.01
CA CYS B 777 8.45 -34.58 -9.58
C CYS B 777 9.47 -35.45 -8.84
N SER B 778 10.17 -34.84 -7.88
CA SER B 778 11.24 -35.55 -7.20
C SER B 778 11.24 -35.38 -5.69
N GLU B 779 10.49 -34.43 -5.12
CA GLU B 779 10.51 -34.21 -3.68
C GLU B 779 9.09 -33.99 -3.19
N TRP B 780 8.75 -34.63 -2.06
CA TRP B 780 7.43 -34.46 -1.45
C TRP B 780 7.59 -34.80 0.03
N ASN B 781 7.66 -33.77 0.88
CA ASN B 781 7.95 -33.98 2.29
C ASN B 781 6.65 -34.03 3.10
N ALA B 782 6.81 -34.19 4.42
CA ALA B 782 5.65 -34.44 5.29
C ALA B 782 4.71 -33.24 5.34
N ALA B 783 5.25 -32.03 5.35
CA ALA B 783 4.41 -30.84 5.44
C ALA B 783 3.51 -30.72 4.21
N MET B 784 4.05 -30.98 3.02
CA MET B 784 3.20 -31.02 1.83
C MET B 784 2.21 -32.16 1.88
N THR B 785 2.61 -33.31 2.44
CA THR B 785 1.70 -34.43 2.59
C THR B 785 0.50 -34.04 3.45
N LYS B 786 0.73 -33.26 4.51
CA LYS B 786 -0.39 -32.76 5.31
C LYS B 786 -1.19 -31.71 4.56
N LEU B 787 -0.52 -30.82 3.84
CA LEU B 787 -1.20 -29.69 3.20
C LEU B 787 -2.14 -30.16 2.09
N THR B 788 -1.66 -31.06 1.22
CA THR B 788 -2.45 -31.52 0.10
C THR B 788 -3.18 -32.83 0.37
N GLY B 789 -2.63 -33.70 1.21
CA GLY B 789 -3.24 -34.98 1.50
C GLY B 789 -2.67 -36.14 0.71
N TRP B 790 -2.00 -35.89 -0.40
CA TRP B 790 -1.44 -36.93 -1.23
C TRP B 790 -0.12 -37.42 -0.65
N HIS B 791 -0.04 -38.72 -0.39
CA HIS B 791 1.20 -39.30 0.09
C HIS B 791 2.28 -39.24 -0.98
N ARG B 792 3.54 -39.24 -0.54
CA ARG B 792 4.66 -39.04 -1.46
C ARG B 792 4.69 -40.11 -2.54
N ASP B 793 4.40 -41.36 -2.18
CA ASP B 793 4.52 -42.45 -3.14
C ASP B 793 3.53 -42.33 -4.29
N GLU B 794 2.46 -41.56 -4.12
CA GLU B 794 1.42 -41.44 -5.14
C GLU B 794 1.66 -40.28 -6.10
N VAL B 795 2.71 -39.48 -5.90
CA VAL B 795 2.89 -38.26 -6.68
C VAL B 795 4.26 -38.28 -7.36
N ILE B 796 5.22 -38.99 -6.77
CA ILE B 796 6.57 -38.99 -7.30
C ILE B 796 6.62 -39.70 -8.65
N ASP B 797 7.68 -39.41 -9.41
CA ASP B 797 7.88 -39.97 -10.75
C ASP B 797 6.70 -39.66 -11.67
N ARG B 798 6.21 -38.42 -11.59
CA ARG B 798 5.14 -37.95 -12.45
C ARG B 798 5.45 -36.53 -12.88
N MET B 799 4.85 -36.10 -13.99
CA MET B 799 5.08 -34.76 -14.50
C MET B 799 4.49 -33.74 -13.54
N LEU B 800 5.30 -32.75 -13.16
CA LEU B 800 4.84 -31.75 -12.20
C LEU B 800 3.76 -30.86 -12.81
N LEU B 801 3.86 -30.54 -14.08
CA LEU B 801 2.91 -29.68 -14.78
C LEU B 801 2.15 -30.52 -15.80
N GLY B 802 0.96 -30.97 -15.42
CA GLY B 802 0.13 -31.75 -16.32
C GLY B 802 -0.43 -33.00 -15.69
N GLU B 803 0.32 -33.63 -14.79
CA GLU B 803 -0.13 -34.84 -14.10
C GLU B 803 -0.34 -34.65 -12.61
N VAL B 804 0.33 -33.68 -11.98
CA VAL B 804 0.14 -33.38 -10.57
C VAL B 804 -0.62 -32.08 -10.38
N PHE B 805 -0.13 -30.99 -10.99
CA PHE B 805 -0.80 -29.70 -10.94
C PHE B 805 -1.36 -29.41 -12.33
N ASP B 806 -2.68 -29.52 -12.44
CA ASP B 806 -3.34 -29.26 -13.72
C ASP B 806 -4.79 -28.86 -13.44
N SER B 807 -5.35 -28.08 -14.35
CA SER B 807 -6.72 -27.60 -14.21
C SER B 807 -7.75 -28.53 -14.85
N SER B 808 -7.33 -29.63 -15.44
CA SER B 808 -8.25 -30.54 -16.11
C SER B 808 -8.33 -31.91 -15.43
N ASN B 809 -7.21 -32.60 -15.27
CA ASN B 809 -7.22 -33.94 -14.69
C ASN B 809 -5.87 -34.16 -14.00
N ALA B 810 -5.84 -33.98 -12.68
CA ALA B 810 -4.62 -34.17 -11.92
C ALA B 810 -4.98 -34.35 -10.45
N SER B 811 -3.94 -34.57 -9.64
CA SER B 811 -4.15 -34.78 -8.21
C SER B 811 -4.66 -33.51 -7.53
N CYS B 812 -4.06 -32.37 -7.84
CA CYS B 812 -4.41 -31.09 -7.22
C CYS B 812 -4.87 -30.14 -8.32
N LEU B 813 -6.18 -30.08 -8.54
CA LEU B 813 -6.74 -29.20 -9.56
C LEU B 813 -6.49 -27.74 -9.20
N LEU B 814 -6.25 -26.92 -10.22
CA LEU B 814 -6.08 -25.49 -10.04
C LEU B 814 -7.40 -24.78 -10.28
N LYS B 815 -7.41 -23.45 -10.09
CA LYS B 815 -8.65 -22.69 -10.20
C LYS B 815 -9.16 -22.65 -11.64
N SER B 816 -8.28 -22.33 -12.58
CA SER B 816 -8.67 -22.20 -13.98
C SER B 816 -7.41 -22.28 -14.83
N LYS B 817 -7.62 -22.26 -16.16
CA LYS B 817 -6.50 -22.37 -17.09
C LYS B 817 -5.53 -21.21 -16.96
N ASP B 818 -6.02 -20.02 -16.59
CA ASP B 818 -5.14 -18.88 -16.41
C ASP B 818 -4.14 -19.12 -15.28
N ALA B 819 -4.62 -19.71 -14.18
CA ALA B 819 -3.72 -20.03 -13.07
C ALA B 819 -2.67 -21.06 -13.48
N PHE B 820 -3.07 -22.07 -14.25
CA PHE B 820 -2.11 -23.06 -14.71
C PHE B 820 -1.06 -22.43 -15.63
N VAL B 821 -1.49 -21.52 -16.51
CA VAL B 821 -0.55 -20.83 -17.38
C VAL B 821 0.43 -19.99 -16.56
N ARG B 822 -0.10 -19.28 -15.56
CA ARG B 822 0.77 -18.47 -14.70
C ARG B 822 1.76 -19.33 -13.92
N LEU B 823 1.31 -20.50 -13.44
CA LEU B 823 2.20 -21.41 -12.74
C LEU B 823 3.29 -21.94 -13.65
N CYS B 824 2.93 -22.28 -14.89
CA CYS B 824 3.94 -22.72 -15.86
C CYS B 824 4.94 -21.61 -16.13
N ILE B 825 4.46 -20.38 -16.29
CA ILE B 825 5.35 -19.24 -16.49
C ILE B 825 6.31 -19.10 -15.32
N ILE B 826 5.79 -19.21 -14.09
CA ILE B 826 6.61 -19.04 -12.90
C ILE B 826 7.69 -20.12 -12.84
N ILE B 827 7.29 -21.38 -13.03
CA ILE B 827 8.25 -22.49 -12.95
C ILE B 827 9.32 -22.36 -14.02
N ASN B 828 8.92 -22.05 -15.26
CA ASN B 828 9.88 -21.98 -16.34
C ASN B 828 10.80 -20.77 -16.19
N SER B 829 10.27 -19.64 -15.71
CA SER B 829 11.10 -18.47 -15.45
C SER B 829 12.12 -18.75 -14.36
N ALA B 830 11.70 -19.47 -13.31
CA ALA B 830 12.63 -19.84 -12.26
C ALA B 830 13.71 -20.79 -12.79
N LEU B 831 13.33 -21.70 -13.69
CA LEU B 831 14.33 -22.54 -14.34
C LEU B 831 15.22 -21.76 -15.29
N ALA B 832 14.78 -20.58 -15.74
CA ALA B 832 15.57 -19.77 -16.67
C ALA B 832 16.58 -18.87 -15.97
N GLY B 833 16.43 -18.63 -14.67
CA GLY B 833 17.41 -17.83 -13.96
C GLY B 833 16.85 -16.84 -12.96
N GLU B 834 15.65 -16.32 -13.21
CA GLU B 834 15.02 -15.35 -12.33
C GLU B 834 14.07 -16.07 -11.39
N GLU B 835 14.26 -15.89 -10.08
CA GLU B 835 13.55 -16.64 -9.06
C GLU B 835 12.45 -15.80 -8.44
N ALA B 836 11.30 -16.42 -8.21
CA ALA B 836 10.18 -15.76 -7.55
C ALA B 836 10.41 -15.70 -6.04
N GLU B 837 9.74 -14.74 -5.40
CA GLU B 837 9.88 -14.53 -3.96
C GLU B 837 8.61 -14.86 -3.19
N LYS B 838 7.48 -14.28 -3.56
CA LYS B 838 6.19 -14.65 -2.95
C LYS B 838 5.11 -14.43 -4.00
N ALA B 839 4.75 -15.52 -4.69
CA ALA B 839 3.71 -15.45 -5.72
C ALA B 839 2.43 -16.09 -5.19
N PRO B 840 1.31 -15.38 -5.16
CA PRO B 840 0.08 -15.98 -4.64
C PRO B 840 -0.48 -17.02 -5.60
N ILE B 841 -0.77 -18.21 -5.07
CA ILE B 841 -1.39 -19.27 -5.84
C ILE B 841 -2.51 -19.90 -5.02
N GLY B 842 -3.31 -20.76 -5.66
CA GLY B 842 -4.36 -21.46 -4.97
C GLY B 842 -4.76 -22.74 -5.69
N PHE B 843 -5.17 -23.76 -4.94
CA PHE B 843 -5.48 -25.05 -5.55
C PHE B 843 -6.41 -25.84 -4.64
N PHE B 844 -6.97 -26.91 -5.20
CA PHE B 844 -7.86 -27.80 -4.47
C PHE B 844 -7.11 -29.05 -4.04
N ASP B 845 -7.22 -29.38 -2.76
CA ASP B 845 -6.53 -30.56 -2.22
C ASP B 845 -7.33 -31.81 -2.53
N ARG B 846 -6.96 -32.93 -1.89
CA ARG B 846 -7.64 -34.19 -2.12
C ARG B 846 -9.10 -34.14 -1.68
N ASP B 847 -9.42 -33.31 -0.69
CA ASP B 847 -10.77 -33.26 -0.13
C ASP B 847 -11.63 -32.16 -0.75
N GLY B 848 -11.14 -31.47 -1.76
CA GLY B 848 -11.93 -30.46 -2.44
C GLY B 848 -12.00 -29.11 -1.76
N LYS B 849 -11.14 -28.86 -0.78
CA LYS B 849 -11.13 -27.58 -0.08
C LYS B 849 -10.12 -26.65 -0.73
N TYR B 850 -10.56 -25.44 -1.06
CA TYR B 850 -9.69 -24.46 -1.70
C TYR B 850 -8.62 -23.98 -0.71
N ILE B 851 -7.37 -23.96 -1.16
CA ILE B 851 -6.24 -23.52 -0.34
C ILE B 851 -5.53 -22.41 -1.09
N GLU B 852 -5.33 -21.29 -0.40
CA GLU B 852 -4.61 -20.14 -0.92
C GLU B 852 -3.29 -20.01 -0.19
N CYS B 853 -2.22 -19.77 -0.93
CA CYS B 853 -0.89 -19.73 -0.33
C CYS B 853 0.03 -18.86 -1.16
N LEU B 854 1.25 -18.69 -0.68
CA LEU B 854 2.31 -17.98 -1.38
C LEU B 854 3.44 -18.95 -1.68
N LEU B 855 3.81 -19.04 -2.96
CA LEU B 855 4.81 -19.99 -3.44
C LEU B 855 6.06 -19.24 -3.90
N SER B 856 7.21 -19.82 -3.61
CA SER B 856 8.51 -19.27 -3.98
C SER B 856 9.38 -20.39 -4.54
N VAL B 857 10.03 -20.13 -5.66
CA VAL B 857 10.85 -21.11 -6.35
C VAL B 857 12.30 -20.65 -6.34
N ASN B 858 13.20 -21.56 -5.98
CA ASN B 858 14.64 -21.31 -6.04
C ASN B 858 15.27 -22.29 -7.02
N ARG B 859 16.08 -21.77 -7.93
CA ARG B 859 16.74 -22.62 -8.90
C ARG B 859 17.78 -23.50 -8.21
N LYS B 860 17.94 -24.73 -8.71
CA LYS B 860 18.90 -25.68 -8.17
C LYS B 860 19.99 -25.92 -9.22
N VAL B 861 21.23 -25.61 -8.86
CA VAL B 861 22.35 -25.71 -9.79
C VAL B 861 23.35 -26.72 -9.24
N ASN B 862 24.27 -27.14 -10.11
CA ASN B 862 25.30 -28.11 -9.75
C ASN B 862 26.65 -27.43 -9.69
N ALA B 863 27.67 -28.22 -9.32
CA ALA B 863 29.03 -27.70 -9.26
C ALA B 863 29.54 -27.29 -10.64
N ASP B 864 29.25 -28.09 -11.66
CA ASP B 864 29.69 -27.81 -13.02
C ASP B 864 28.93 -26.67 -13.68
N GLY B 865 27.84 -26.20 -13.08
CA GLY B 865 27.06 -25.12 -13.64
C GLY B 865 25.86 -25.54 -14.45
N VAL B 866 25.44 -26.81 -14.35
CA VAL B 866 24.28 -27.31 -15.06
C VAL B 866 23.09 -27.34 -14.11
N VAL B 867 21.97 -26.75 -14.55
CA VAL B 867 20.79 -26.68 -13.70
C VAL B 867 20.19 -28.08 -13.57
N THR B 868 19.94 -28.49 -12.33
CA THR B 868 19.36 -29.80 -12.06
C THR B 868 17.85 -29.77 -11.90
N GLY B 869 17.28 -28.65 -11.45
CA GLY B 869 15.85 -28.55 -11.29
C GLY B 869 15.47 -27.35 -10.45
N VAL B 870 14.27 -27.42 -9.89
CA VAL B 870 13.72 -26.36 -9.05
C VAL B 870 13.57 -26.89 -7.63
N PHE B 871 13.30 -25.97 -6.71
CA PHE B 871 13.13 -26.29 -5.29
C PHE B 871 12.15 -25.27 -4.73
N CYS B 872 10.86 -25.63 -4.68
CA CYS B 872 9.80 -24.73 -4.27
C CYS B 872 9.38 -25.04 -2.84
N PHE B 873 9.04 -23.99 -2.10
CA PHE B 873 8.51 -24.14 -0.75
C PHE B 873 7.36 -23.16 -0.54
N ILE B 874 6.44 -23.54 0.32
CA ILE B 874 5.18 -22.82 0.52
C ILE B 874 4.97 -22.56 2.01
N HIS B 875 4.60 -21.33 2.35
CA HIS B 875 4.14 -21.00 3.69
C HIS B 875 2.81 -20.25 3.57
N VAL B 876 1.84 -20.63 4.40
CA VAL B 876 0.49 -20.11 4.30
C VAL B 876 0.29 -19.10 5.44
N PRO B 877 0.18 -17.81 5.16
CA PRO B 877 -0.12 -16.84 6.22
C PRO B 877 -1.62 -16.75 6.49
N SER B 878 -1.94 -16.05 7.57
CA SER B 878 -3.33 -15.85 7.95
C SER B 878 -4.03 -14.90 7.00
N ASP B 879 -5.37 -14.95 6.99
CA ASP B 879 -6.15 -14.15 6.05
C ASP B 879 -5.90 -12.66 6.26
N ASP B 880 -5.86 -12.20 7.50
CA ASP B 880 -5.58 -10.80 7.76
C ASP B 880 -4.19 -10.41 7.26
N LEU B 881 -3.19 -11.26 7.52
CA LEU B 881 -1.86 -11.00 7.00
C LEU B 881 -1.79 -11.22 5.50
N GLN B 882 -2.58 -12.16 4.97
CA GLN B 882 -2.60 -12.37 3.53
C GLN B 882 -3.10 -11.13 2.80
N HIS B 883 -4.10 -10.45 3.36
CA HIS B 883 -4.57 -9.21 2.75
C HIS B 883 -3.64 -8.05 3.07
N ALA B 884 -3.56 -7.67 4.34
CA ALA B 884 -2.84 -6.46 4.71
C ALA B 884 -1.33 -6.64 4.52
N LEU B 885 -0.71 -5.63 3.93
CA LEU B 885 0.75 -5.56 3.77
C LEU B 885 1.29 -6.68 2.90
N HIS B 886 0.40 -7.45 2.25
CA HIS B 886 0.83 -8.55 1.40
C HIS B 886 0.15 -8.49 0.05
N VAL B 887 -1.06 -7.92 0.00
CA VAL B 887 -1.75 -7.66 -1.25
C VAL B 887 -2.06 -6.18 -1.42
N GLN B 888 -2.48 -5.51 -0.35
CA GLN B 888 -2.67 -4.07 -0.39
C GLN B 888 -1.36 -3.34 -0.66
N GLN B 889 -0.27 -3.78 -0.02
CA GLN B 889 1.00 -3.08 -0.05
C GLN B 889 2.02 -3.85 -0.87
N ALA B 890 2.54 -3.21 -1.92
CA ALA B 890 3.68 -3.72 -2.69
C ALA B 890 4.45 -2.49 -3.16
N SER B 891 5.46 -2.10 -2.37
CA SER B 891 6.07 -0.77 -2.45
C SER B 891 4.98 0.30 -2.41
N GLU B 892 4.16 0.23 -1.36
CA GLU B 892 2.95 1.05 -1.24
C GLU B 892 2.04 0.87 -2.46
N GLN B 893 1.93 -0.38 -2.93
CA GLN B 893 1.22 -0.70 -4.16
C GLN B 893 1.72 0.15 -5.32
N THR B 894 3.05 0.25 -5.42
CA THR B 894 3.73 1.01 -6.47
C THR B 894 3.26 2.46 -6.49
N ALA B 895 3.50 3.16 -5.38
CA ALA B 895 3.26 4.60 -5.30
C ALA B 895 4.45 5.32 -5.94
N LEU B 896 4.64 5.05 -7.22
CA LEU B 896 5.78 5.49 -7.99
C LEU B 896 5.62 6.90 -8.54
N ARG B 897 4.65 7.67 -8.02
CA ARG B 897 4.42 9.02 -8.51
C ARG B 897 5.65 9.89 -8.32
N ARG B 898 6.19 9.94 -7.10
CA ARG B 898 7.36 10.77 -6.84
C ARG B 898 8.65 10.13 -7.33
N LEU B 899 8.69 8.80 -7.45
CA LEU B 899 9.93 8.07 -7.70
C LEU B 899 10.74 8.62 -8.87
N LYS B 900 10.12 9.41 -9.76
CA LYS B 900 10.86 10.09 -10.82
C LYS B 900 11.07 11.58 -10.51
N ALA B 901 10.07 12.23 -9.92
CA ALA B 901 10.10 13.68 -9.73
C ALA B 901 11.09 14.02 -8.62
N PHE B 902 12.25 14.59 -9.01
CA PHE B 902 13.26 15.09 -8.10
C PHE B 902 13.87 14.03 -7.19
N SER B 903 13.49 12.75 -7.37
CA SER B 903 14.23 11.69 -6.72
C SER B 903 15.63 11.56 -7.29
N TYR B 904 15.79 11.86 -8.58
CA TYR B 904 17.11 11.91 -9.20
C TYR B 904 17.94 13.05 -8.64
N MET B 905 17.29 14.12 -8.17
CA MET B 905 18.03 15.25 -7.61
C MET B 905 18.80 14.85 -6.37
N ARG B 906 18.19 14.02 -5.51
CA ARG B 906 18.86 13.60 -4.27
C ARG B 906 20.17 12.90 -4.58
N HIS B 907 20.18 12.05 -5.61
CA HIS B 907 21.42 11.42 -6.05
C HIS B 907 22.37 12.43 -6.67
N ALA B 908 21.87 13.26 -7.59
CA ALA B 908 22.74 14.10 -8.41
C ALA B 908 23.38 15.24 -7.64
N ILE B 909 22.81 15.67 -6.51
CA ILE B 909 23.40 16.77 -5.77
C ILE B 909 24.59 16.35 -4.92
N ASP B 910 24.81 15.05 -4.76
CA ASP B 910 25.88 14.58 -3.84
C ASP B 910 27.26 14.86 -4.43
N LYS B 911 27.43 14.60 -5.72
CA LYS B 911 28.75 14.74 -6.34
C LYS B 911 29.29 16.18 -6.27
N PRO B 912 28.53 17.21 -6.63
CA PRO B 912 29.07 18.57 -6.46
C PRO B 912 29.40 18.91 -5.02
N LEU B 913 28.66 18.36 -4.06
CA LEU B 913 29.01 18.57 -2.66
C LEU B 913 30.41 18.02 -2.36
N SER B 914 30.71 16.81 -2.85
CA SER B 914 32.05 16.27 -2.72
C SER B 914 33.08 17.12 -3.42
N GLY B 915 32.73 17.65 -4.59
CA GLY B 915 33.66 18.52 -5.30
C GLY B 915 34.06 19.73 -4.48
N MET B 916 33.08 20.41 -3.88
CA MET B 916 33.45 21.57 -3.07
C MET B 916 34.03 21.20 -1.71
N LEU B 917 33.75 20.02 -1.16
CA LEU B 917 34.53 19.59 0.01
C LEU B 917 36.00 19.43 -0.34
N TYR B 918 36.29 18.82 -1.49
CA TYR B 918 37.69 18.69 -1.91
C TYR B 918 38.29 20.06 -2.17
N SER B 919 37.52 20.96 -2.77
CA SER B 919 38.01 22.32 -3.02
C SER B 919 38.33 23.03 -1.71
N ARG B 920 37.47 22.90 -0.70
CA ARG B 920 37.71 23.55 0.58
C ARG B 920 38.90 22.93 1.30
N GLU B 921 39.09 21.62 1.17
CA GLU B 921 40.26 20.97 1.75
C GLU B 921 41.54 21.52 1.12
N THR B 922 41.54 21.65 -0.21
CA THR B 922 42.71 22.22 -0.89
C THR B 922 42.93 23.67 -0.49
N LEU B 923 41.84 24.43 -0.33
CA LEU B 923 41.94 25.82 0.10
C LEU B 923 42.57 25.93 1.48
N LYS B 924 42.10 25.11 2.43
CA LYS B 924 42.65 25.15 3.79
C LYS B 924 44.04 24.55 3.87
N GLY B 925 44.44 23.83 2.82
CA GLY B 925 45.81 23.28 2.79
C GLY B 925 46.84 24.38 2.67
N THR B 926 46.53 25.41 1.87
CA THR B 926 47.45 26.52 1.66
C THR B 926 47.46 27.46 2.87
N ASP B 927 48.55 28.24 2.95
CA ASP B 927 48.76 29.13 4.12
C ASP B 927 47.84 30.35 4.09
N LEU B 928 46.94 30.45 5.06
CA LEU B 928 46.05 31.59 5.20
C LEU B 928 46.09 32.10 6.63
N ASP B 929 45.83 33.40 6.77
CA ASP B 929 45.87 34.03 8.12
C ASP B 929 44.52 33.84 8.81
N GLU B 930 44.33 34.54 9.93
CA GLU B 930 43.12 34.35 10.74
C GLU B 930 41.86 34.72 9.98
N GLU B 931 41.92 35.79 9.18
CA GLU B 931 40.72 36.32 8.55
C GLU B 931 40.10 35.31 7.59
N GLN B 932 40.93 34.67 6.75
CA GLN B 932 40.41 33.65 5.85
C GLN B 932 40.13 32.34 6.57
N MET B 933 40.89 32.04 7.62
CA MET B 933 40.66 30.80 8.37
C MET B 933 39.28 30.80 9.01
N ARG B 934 38.88 31.94 9.58
CA ARG B 934 37.55 32.03 10.19
C ARG B 934 36.45 31.81 9.15
N GLN B 935 36.62 32.40 7.95
CA GLN B 935 35.62 32.22 6.90
C GLN B 935 35.58 30.79 6.41
N VAL B 936 36.73 30.14 6.31
CA VAL B 936 36.76 28.72 5.93
C VAL B 936 36.06 27.87 6.99
N ARG B 937 36.27 28.20 8.27
CA ARG B 937 35.57 27.49 9.33
C ARG B 937 34.06 27.69 9.24
N VAL B 938 33.63 28.92 8.93
CA VAL B 938 32.21 29.19 8.76
C VAL B 938 31.63 28.36 7.61
N ALA B 939 32.39 28.29 6.53
CA ALA B 939 31.94 27.49 5.37
C ALA B 939 31.77 26.04 5.82
N ASP B 940 32.80 25.49 6.45
CA ASP B 940 32.75 24.09 6.87
C ASP B 940 31.59 23.86 7.83
N ASN B 941 31.29 24.84 8.69
CA ASN B 941 30.19 24.71 9.64
C ASN B 941 28.86 24.63 8.92
N CYS B 942 28.62 25.53 7.97
CA CYS B 942 27.34 25.48 7.26
C CYS B 942 27.26 24.25 6.37
N HIS B 943 28.38 23.80 5.81
CA HIS B 943 28.36 22.56 5.04
C HIS B 943 28.04 21.36 5.93
N ARG B 944 28.56 21.33 7.16
CA ARG B 944 28.20 20.28 8.10
C ARG B 944 26.72 20.34 8.45
N GLN B 945 26.18 21.54 8.61
CA GLN B 945 24.74 21.68 8.85
C GLN B 945 23.94 21.11 7.68
N LEU B 946 24.38 21.40 6.45
CA LEU B 946 23.72 20.88 5.25
C LEU B 946 23.75 19.35 5.20
N ASN B 947 24.92 18.76 5.45
CA ASN B 947 25.02 17.31 5.48
C ASN B 947 24.15 16.72 6.59
N LYS B 948 24.11 17.37 7.75
CA LYS B 948 23.30 16.86 8.85
C LYS B 948 21.82 16.89 8.51
N ILE B 949 21.34 17.94 7.85
CA ILE B 949 19.91 18.01 7.56
C ILE B 949 19.54 16.98 6.50
N LEU B 950 20.38 16.81 5.46
CA LEU B 950 20.08 15.73 4.51
C LEU B 950 20.29 14.34 5.10
N ALA B 951 21.02 14.22 6.22
CA ALA B 951 21.16 12.92 6.86
C ALA B 951 19.82 12.40 7.37
N ASP B 952 18.92 13.30 7.75
CA ASP B 952 17.61 12.90 8.27
C ASP B 952 16.67 12.38 7.19
N LEU B 953 17.05 12.46 5.93
CA LEU B 953 16.19 12.06 4.81
C LEU B 953 16.14 10.55 4.61
N ASP B 954 16.75 9.77 5.48
CA ASP B 954 16.68 8.32 5.37
C ASP B 954 15.25 7.84 5.61
N GLN B 955 14.91 6.72 4.96
CA GLN B 955 13.57 6.16 5.09
C GLN B 955 13.25 5.77 6.53
N ASP B 956 14.28 5.46 7.32
CA ASP B 956 14.06 5.10 8.72
C ASP B 956 13.43 6.26 9.49
N ASN B 957 13.76 7.50 9.12
CA ASN B 957 13.16 8.68 9.69
C ASN B 957 12.04 9.25 8.83
N ILE B 958 11.75 8.62 7.69
CA ILE B 958 10.66 9.07 6.82
C ILE B 958 9.37 8.29 7.09
N THR B 959 9.48 6.98 7.35
CA THR B 959 8.30 6.19 7.67
C THR B 959 7.61 6.72 8.92
N ASP B 960 8.40 7.05 9.95
CA ASP B 960 7.92 7.76 11.12
C ASP B 960 8.73 9.04 11.23
N LYS B 961 8.07 10.19 11.09
CA LYS B 961 8.79 11.47 11.07
C LYS B 961 9.49 11.72 12.39
N SER B 962 8.78 11.56 13.50
CA SER B 962 9.35 11.74 14.83
C SER B 962 9.76 10.38 15.42
N SER B 963 10.61 9.68 14.69
CA SER B 963 11.10 8.38 15.14
C SER B 963 12.44 8.50 15.85
N CYS B 964 13.44 9.04 15.15
CA CYS B 964 14.77 9.22 15.72
C CYS B 964 14.91 10.64 16.26
N LEU B 965 15.27 10.76 17.54
CA LEU B 965 15.40 12.04 18.20
C LEU B 965 16.69 12.11 19.01
N ASP B 966 17.77 11.60 18.45
CA ASP B 966 19.07 11.63 19.10
C ASP B 966 19.90 12.80 18.58
N LEU B 967 20.95 13.12 19.32
CA LEU B 967 21.80 14.26 19.02
C LEU B 967 23.27 13.85 19.09
N ASP B 968 24.12 14.65 18.45
CA ASP B 968 25.56 14.40 18.38
C ASP B 968 26.24 15.23 19.46
N MET B 969 26.87 14.55 20.41
CA MET B 969 27.60 15.23 21.47
C MET B 969 28.95 15.73 20.95
N ALA B 970 29.24 17.00 21.19
CA ALA B 970 30.49 17.58 20.73
C ALA B 970 30.80 18.83 21.54
N GLU B 971 32.07 19.21 21.54
CA GLU B 971 32.53 20.42 22.22
C GLU B 971 32.67 21.54 21.20
N PHE B 972 32.10 22.70 21.49
CA PHE B 972 32.09 23.77 20.51
C PHE B 972 31.99 25.12 21.21
N VAL B 973 32.38 26.16 20.48
CA VAL B 973 32.28 27.55 20.94
C VAL B 973 31.07 28.19 20.29
N LEU B 974 30.25 28.88 21.10
CA LEU B 974 29.03 29.48 20.59
C LEU B 974 29.29 30.65 19.66
N GLN B 975 30.48 31.27 19.73
CA GLN B 975 30.77 32.40 18.88
C GLN B 975 30.74 32.02 17.40
N ASP B 976 31.31 30.87 17.06
CA ASP B 976 31.26 30.40 15.68
C ASP B 976 29.82 30.16 15.23
N VAL B 977 29.00 29.60 16.12
CA VAL B 977 27.60 29.36 15.78
C VAL B 977 26.89 30.67 15.49
N VAL B 978 27.10 31.67 16.33
CA VAL B 978 26.44 32.97 16.13
C VAL B 978 26.94 33.62 14.84
N VAL B 979 28.25 33.55 14.58
CA VAL B 979 28.81 34.16 13.38
C VAL B 979 28.23 33.51 12.13
N SER B 980 28.16 32.18 12.11
CA SER B 980 27.57 31.50 10.96
C SER B 980 26.09 31.78 10.83
N ALA B 981 25.37 31.91 11.95
CA ALA B 981 23.95 32.27 11.89
C ALA B 981 23.77 33.64 11.24
N VAL B 982 24.63 34.60 11.60
CA VAL B 982 24.57 35.91 10.95
C VAL B 982 24.89 35.79 9.47
N SER B 983 25.92 35.02 9.13
CA SER B 983 26.38 34.94 7.74
C SER B 983 25.36 34.26 6.83
N GLN B 984 24.59 33.31 7.36
CA GLN B 984 23.63 32.59 6.53
C GLN B 984 22.47 33.46 6.04
N VAL B 985 22.31 34.66 6.59
CA VAL B 985 21.20 35.53 6.19
C VAL B 985 21.70 36.92 5.87
N LEU B 986 23.00 37.16 6.08
CA LEU B 986 23.55 38.48 5.81
C LEU B 986 23.49 38.83 4.32
N ILE B 987 23.42 37.83 3.43
CA ILE B 987 23.21 38.13 2.01
C ILE B 987 21.87 38.83 1.80
N GLY B 988 20.80 38.26 2.35
CA GLY B 988 19.51 38.91 2.28
C GLY B 988 19.49 40.24 3.03
N CYS B 989 20.23 40.32 4.13
CA CYS B 989 20.32 41.58 4.87
C CYS B 989 20.92 42.68 4.00
N GLN B 990 21.99 42.36 3.27
CA GLN B 990 22.56 43.32 2.33
C GLN B 990 21.59 43.62 1.20
N GLY B 991 20.85 42.60 0.76
CA GLY B 991 19.87 42.79 -0.33
C GLY B 991 18.84 43.82 0.06
N LYS B 992 18.29 43.72 1.27
CA LYS B 992 17.31 44.68 1.76
C LYS B 992 17.92 45.83 2.55
N GLY B 993 19.25 45.87 2.65
CA GLY B 993 19.91 46.99 3.31
C GLY B 993 19.57 47.15 4.78
N ILE B 994 19.52 46.05 5.52
CA ILE B 994 19.25 46.08 6.95
C ILE B 994 20.54 45.78 7.69
N ARG B 995 20.58 46.19 8.96
CA ARG B 995 21.77 46.07 9.79
C ARG B 995 21.50 45.09 10.93
N VAL B 996 22.46 44.20 11.17
CA VAL B 996 22.40 43.19 12.22
C VAL B 996 23.48 43.49 13.24
N ALA B 997 23.08 43.62 14.50
CA ALA B 997 23.99 43.92 15.60
C ALA B 997 23.91 42.79 16.62
N CYS B 998 25.06 42.25 17.01
CA CYS B 998 25.14 41.18 18.01
C CYS B 998 25.79 41.76 19.26
N ASN B 999 24.96 42.08 20.26
CA ASN B 999 25.44 42.63 21.53
C ASN B 999 25.66 41.47 22.49
N LEU B 1000 26.82 40.84 22.35
CA LEU B 1000 27.17 39.66 23.12
C LEU B 1000 28.45 39.93 23.92
N PRO B 1001 28.48 39.57 25.20
CA PRO B 1001 29.74 39.69 25.97
C PRO B 1001 30.82 38.80 25.37
N GLU B 1002 32.05 39.30 25.35
CA GLU B 1002 33.14 38.57 24.73
C GLU B 1002 33.58 37.38 25.56
N ARG B 1003 33.71 37.56 26.88
CA ARG B 1003 34.19 36.48 27.73
C ARG B 1003 33.20 35.31 27.76
N SER B 1004 31.90 35.60 27.85
CA SER B 1004 30.91 34.53 27.90
C SER B 1004 30.77 33.83 26.55
N MET B 1005 30.94 34.58 25.45
CA MET B 1005 30.72 34.00 24.12
C MET B 1005 31.84 33.04 23.74
N LYS B 1006 33.02 33.18 24.34
CA LYS B 1006 34.17 32.36 23.98
C LYS B 1006 34.29 31.09 24.80
N GLN B 1007 33.43 30.88 25.79
CA GLN B 1007 33.52 29.70 26.63
C GLN B 1007 32.96 28.48 25.90
N LYS B 1008 33.70 27.38 25.91
CA LYS B 1008 33.27 26.17 25.24
C LYS B 1008 32.10 25.53 25.96
N VAL B 1009 31.27 24.81 25.20
CA VAL B 1009 30.12 24.10 25.74
C VAL B 1009 30.04 22.71 25.09
N TYR B 1010 29.32 21.82 25.77
CA TYR B 1010 29.14 20.44 25.33
C TYR B 1010 27.69 20.26 24.91
N GLY B 1011 27.49 19.82 23.68
CA GLY B 1011 26.15 19.65 23.12
C GLY B 1011 26.21 19.51 21.61
N ASP B 1012 25.10 19.89 20.97
CA ASP B 1012 24.97 19.85 19.51
C ASP B 1012 24.69 21.27 19.03
N GLY B 1013 25.76 21.97 18.65
CA GLY B 1013 25.62 23.34 18.18
C GLY B 1013 24.99 23.45 16.81
N ILE B 1014 24.98 22.36 16.03
CA ILE B 1014 24.46 22.43 14.67
C ILE B 1014 22.94 22.59 14.67
N ARG B 1015 22.24 21.89 15.58
CA ARG B 1015 20.80 22.00 15.62
C ARG B 1015 20.35 23.37 16.10
N LEU B 1016 20.98 23.88 17.16
CA LEU B 1016 20.72 25.24 17.60
C LEU B 1016 21.06 26.25 16.52
N GLN B 1017 22.12 25.96 15.75
CA GLN B 1017 22.48 26.80 14.60
C GLN B 1017 21.34 26.85 13.59
N GLN B 1018 20.78 25.68 13.27
CA GLN B 1018 19.67 25.62 12.33
C GLN B 1018 18.47 26.41 12.85
N ILE B 1019 18.16 26.26 14.14
CA ILE B 1019 17.00 26.95 14.72
C ILE B 1019 17.20 28.46 14.67
N LEU B 1020 18.33 28.94 15.18
CA LEU B 1020 18.61 30.39 15.14
C LEU B 1020 18.48 30.86 13.70
N SER B 1021 19.23 30.23 12.80
CA SER B 1021 19.26 30.70 11.42
C SER B 1021 17.85 30.77 10.84
N ASP B 1022 16.99 29.81 11.20
CA ASP B 1022 15.60 29.87 10.75
C ASP B 1022 14.90 31.11 11.29
N PHE B 1023 15.10 31.40 12.58
CA PHE B 1023 14.48 32.60 13.16
C PHE B 1023 15.01 33.88 12.52
N LEU B 1024 16.32 33.95 12.28
CA LEU B 1024 16.87 35.12 11.59
C LEU B 1024 16.32 35.25 10.18
N PHE B 1025 16.15 34.12 9.47
CA PHE B 1025 15.57 34.19 8.13
C PHE B 1025 14.15 34.73 8.18
N VAL B 1026 13.35 34.25 9.13
CA VAL B 1026 11.98 34.76 9.27
C VAL B 1026 11.99 36.25 9.55
N SER B 1027 12.82 36.69 10.51
CA SER B 1027 12.85 38.10 10.88
C SER B 1027 13.31 38.97 9.72
N VAL B 1028 14.33 38.52 8.97
CA VAL B 1028 14.85 39.30 7.86
C VAL B 1028 13.81 39.39 6.74
N LYS B 1029 13.13 38.29 6.45
CA LYS B 1029 12.12 38.33 5.40
C LYS B 1029 10.96 39.25 5.78
N PHE B 1030 10.54 39.22 7.04
CA PHE B 1030 9.36 39.97 7.43
C PHE B 1030 9.64 41.44 7.75
N SER B 1031 10.91 41.82 7.91
CA SER B 1031 11.24 43.21 8.20
C SER B 1031 11.60 43.94 6.92
N PRO B 1032 10.94 45.04 6.59
CA PRO B 1032 11.26 45.76 5.34
C PRO B 1032 12.58 46.51 5.41
N ALA B 1033 12.89 47.27 4.35
CA ALA B 1033 14.16 47.96 4.26
C ALA B 1033 14.27 49.04 5.34
N GLY B 1034 15.51 49.34 5.72
CA GLY B 1034 15.79 50.30 6.76
C GLY B 1034 15.63 49.78 8.16
N GLY B 1035 15.32 48.49 8.33
CA GLY B 1035 15.12 47.91 9.64
C GLY B 1035 16.41 47.50 10.32
N SER B 1036 16.28 47.04 11.56
CA SER B 1036 17.41 46.59 12.35
C SER B 1036 17.08 45.26 13.01
N VAL B 1037 18.11 44.42 13.16
CA VAL B 1037 18.00 43.16 13.89
C VAL B 1037 19.05 43.19 14.99
N ASP B 1038 18.64 42.91 16.23
CA ASP B 1038 19.59 42.88 17.34
C ASP B 1038 19.49 41.55 18.06
N ILE B 1039 20.64 40.94 18.29
CA ILE B 1039 20.76 39.63 18.93
C ILE B 1039 21.55 39.81 20.23
N SER B 1040 20.94 39.40 21.34
CA SER B 1040 21.57 39.50 22.65
C SER B 1040 21.64 38.11 23.28
N SER B 1041 22.70 37.89 24.04
CA SER B 1041 22.98 36.60 24.65
C SER B 1041 23.01 36.72 26.16
N LYS B 1042 22.58 35.67 26.84
CA LYS B 1042 22.59 35.58 28.30
C LYS B 1042 23.09 34.21 28.71
N LEU B 1043 24.10 34.18 29.58
CA LEU B 1043 24.67 32.94 30.08
C LEU B 1043 24.48 32.90 31.60
N THR B 1044 23.77 31.87 32.08
CA THR B 1044 23.48 31.72 33.49
C THR B 1044 24.14 30.44 34.00
N LYS B 1045 24.79 30.54 35.16
CA LYS B 1045 25.47 29.40 35.75
C LYS B 1045 24.86 29.05 37.12
N LEU B 1054 26.01 22.92 34.72
CA LEU B 1054 24.95 23.24 33.76
C LEU B 1054 24.92 24.72 33.43
N ILE B 1055 24.76 25.05 32.16
CA ILE B 1055 24.74 26.41 31.67
C ILE B 1055 23.39 26.66 31.00
N ASP B 1056 22.70 27.70 31.45
CA ASP B 1056 21.45 28.13 30.83
C ASP B 1056 21.77 29.20 29.80
N PHE B 1057 21.45 28.94 28.53
CA PHE B 1057 21.74 29.85 27.43
C PHE B 1057 20.43 30.47 26.95
N GLU B 1058 20.36 31.79 27.00
CA GLU B 1058 19.18 32.54 26.56
C GLU B 1058 19.59 33.42 25.39
N LEU B 1059 18.79 33.42 24.33
CA LEU B 1059 19.06 34.23 23.15
C LEU B 1059 17.83 35.06 22.83
N ARG B 1060 18.00 36.38 22.74
CA ARG B 1060 16.92 37.30 22.44
C ARG B 1060 17.17 37.93 21.08
N ILE B 1061 16.23 37.77 20.17
CA ILE B 1061 16.32 38.36 18.83
C ILE B 1061 15.18 39.37 18.70
N LYS B 1062 15.52 40.63 18.49
CA LYS B 1062 14.52 41.68 18.39
C LYS B 1062 14.60 42.38 17.04
N HIS B 1063 13.44 42.65 16.46
CA HIS B 1063 13.33 43.33 15.18
C HIS B 1063 12.09 44.21 15.16
N GLN B 1064 12.01 45.00 14.09
CA GLN B 1064 10.91 45.96 13.97
C GLN B 1064 10.09 45.64 12.72
N GLY B 1065 8.85 46.14 12.67
CA GLY B 1065 7.97 45.93 11.55
C GLY B 1065 6.63 45.41 12.02
N ALA B 1066 5.85 44.89 11.07
CA ALA B 1066 4.55 44.31 11.37
C ALA B 1066 4.67 43.01 12.15
N GLY B 1067 5.86 42.41 12.22
CA GLY B 1067 6.04 41.18 12.95
C GLY B 1067 5.56 39.96 12.18
N VAL B 1068 5.65 38.82 12.83
CA VAL B 1068 5.18 37.56 12.22
C VAL B 1068 3.67 37.62 12.09
N PRO B 1069 3.11 37.36 10.90
CA PRO B 1069 1.65 37.41 10.74
C PRO B 1069 0.96 36.36 11.59
N ALA B 1070 -0.29 36.67 11.96
CA ALA B 1070 -1.03 35.80 12.87
C ALA B 1070 -1.26 34.41 12.28
N GLU B 1071 -1.51 34.33 10.97
CA GLU B 1071 -1.78 33.03 10.36
C GLU B 1071 -0.58 32.10 10.48
N ILE B 1072 0.63 32.64 10.26
CA ILE B 1072 1.83 31.82 10.35
C ILE B 1072 2.09 31.42 11.81
N LEU B 1073 1.82 32.32 12.75
CA LEU B 1073 2.00 32.01 14.16
C LEU B 1073 1.07 30.88 14.59
N SER B 1074 -0.20 30.97 14.20
CA SER B 1074 -1.13 29.89 14.50
C SER B 1074 -0.75 28.60 13.81
N GLN B 1075 -0.26 28.69 12.57
CA GLN B 1075 0.19 27.51 11.85
C GLN B 1075 1.34 26.82 12.57
N MET B 1076 2.32 27.60 13.04
CA MET B 1076 3.49 27.06 13.72
C MET B 1076 3.20 26.67 15.17
N TYR B 1077 2.05 27.06 15.73
CA TYR B 1077 1.65 26.57 17.04
C TYR B 1077 0.87 25.27 17.00
N GLY B 1078 0.70 24.70 15.79
CA GLY B 1078 -0.01 23.41 15.65
C GLY B 1078 0.75 22.48 14.72
N GLU B 1079 1.43 21.47 15.26
CA GLU B 1079 2.27 20.55 14.44
C GLU B 1079 1.41 19.71 13.50
N ASP B 1080 0.23 19.28 13.95
CA ASP B 1080 -0.60 18.40 13.14
C ASP B 1080 -1.21 19.12 11.93
N ASN B 1081 -1.15 20.45 11.90
CA ASN B 1081 -1.71 21.20 10.78
C ASN B 1081 -0.95 20.91 9.49
N ARG B 1082 -1.61 20.24 8.55
CA ARG B 1082 -0.96 19.92 7.24
C ARG B 1082 -0.87 21.19 6.40
N GLU B 1083 -1.63 22.24 6.74
CA GLU B 1083 -1.62 23.52 5.99
C GLU B 1083 -0.30 24.25 6.29
N GLN B 1084 0.59 23.58 7.01
CA GLN B 1084 1.88 24.20 7.41
C GLN B 1084 2.62 24.85 6.24
N SER B 1085 2.68 26.19 6.20
CA SER B 1085 3.52 26.86 5.22
C SER B 1085 4.98 26.47 5.45
N GLU B 1086 5.82 26.83 4.48
CA GLU B 1086 7.24 26.52 4.57
C GLU B 1086 7.85 27.12 5.84
N GLU B 1087 7.57 28.39 6.11
CA GLU B 1087 8.03 29.01 7.34
C GLU B 1087 7.41 28.33 8.56
N GLY B 1088 6.11 28.04 8.51
CA GLY B 1088 5.47 27.40 9.64
C GLY B 1088 6.00 26.01 9.91
N LEU B 1089 6.13 25.21 8.86
CA LEU B 1089 6.71 23.86 9.04
C LEU B 1089 8.10 24.01 9.64
N SER B 1090 8.92 24.88 9.05
CA SER B 1090 10.30 25.03 9.52
C SER B 1090 10.35 25.43 11.00
N LEU B 1091 9.50 26.37 11.41
CA LEU B 1091 9.49 26.78 12.81
C LEU B 1091 8.98 25.66 13.71
N LEU B 1092 8.05 24.87 13.20
CA LEU B 1092 7.55 23.72 14.01
C LEU B 1092 8.72 22.75 14.24
N VAL B 1093 9.48 22.47 13.18
CA VAL B 1093 10.65 21.59 13.33
C VAL B 1093 11.66 22.21 14.29
N SER B 1094 11.80 23.54 14.25
CA SER B 1094 12.71 24.22 15.18
C SER B 1094 12.28 23.99 16.62
N ARG B 1095 11.00 24.14 16.92
CA ARG B 1095 10.52 23.85 18.27
C ARG B 1095 10.67 22.38 18.63
N ASN B 1096 10.42 21.48 17.68
CA ASN B 1096 10.56 20.06 17.97
C ASN B 1096 12.00 19.72 18.34
N LEU B 1097 12.97 20.31 17.63
CA LEU B 1097 14.36 20.14 18.01
C LEU B 1097 14.68 20.80 19.34
N LEU B 1098 14.11 21.98 19.59
CA LEU B 1098 14.40 22.72 20.82
C LEU B 1098 13.93 21.96 22.05
N ARG B 1099 12.79 21.27 21.95
CA ARG B 1099 12.23 20.56 23.09
C ARG B 1099 13.12 19.41 23.55
N LEU B 1100 14.08 18.99 22.73
CA LEU B 1100 14.94 17.87 23.11
C LEU B 1100 15.84 18.23 24.29
N MET B 1101 16.41 19.43 24.30
CA MET B 1101 17.25 19.89 25.39
C MET B 1101 16.48 20.71 26.42
N ASN B 1102 15.17 20.48 26.53
CA ASN B 1102 14.31 21.20 27.47
C ASN B 1102 14.37 22.70 27.24
N GLY B 1103 14.00 23.11 26.02
CA GLY B 1103 13.96 24.50 25.63
C GLY B 1103 12.54 24.95 25.32
N ASP B 1104 12.40 26.27 25.14
CA ASP B 1104 11.10 26.86 24.83
C ASP B 1104 11.33 28.16 24.07
N ILE B 1105 10.38 28.48 23.20
CA ILE B 1105 10.39 29.70 22.42
C ILE B 1105 9.30 30.63 22.95
N ARG B 1106 9.66 31.87 23.24
CA ARG B 1106 8.74 32.85 23.78
C ARG B 1106 8.67 34.04 22.84
N HIS B 1107 7.48 34.32 22.31
CA HIS B 1107 7.27 35.41 21.37
C HIS B 1107 6.56 36.55 22.07
N LEU B 1108 7.09 37.77 21.93
CA LEU B 1108 6.50 38.96 22.52
C LEU B 1108 6.39 40.06 21.48
N ARG B 1109 5.30 40.81 21.54
CA ARG B 1109 5.09 41.96 20.67
C ARG B 1109 4.85 43.18 21.56
N GLU B 1110 5.79 44.11 21.56
CA GLU B 1110 5.73 45.28 22.43
C GLU B 1110 5.95 46.54 21.59
N ALA B 1111 4.94 47.40 21.56
CA ALA B 1111 4.99 48.66 20.79
C ALA B 1111 5.26 48.41 19.31
N GLY B 1112 4.85 47.25 18.81
CA GLY B 1112 5.12 46.86 17.44
C GLY B 1112 6.42 46.14 17.20
N MET B 1113 7.36 46.22 18.14
CA MET B 1113 8.61 45.47 18.03
C MET B 1113 8.36 44.01 18.39
N SER B 1114 9.03 43.11 17.67
CA SER B 1114 8.88 41.68 17.87
C SER B 1114 10.14 41.12 18.51
N THR B 1115 9.97 40.35 19.58
CA THR B 1115 11.06 39.76 20.34
C THR B 1115 10.87 38.26 20.43
N PHE B 1116 11.93 37.51 20.16
CA PHE B 1116 11.94 36.05 20.28
C PHE B 1116 12.96 35.67 21.35
N ILE B 1117 12.52 34.83 22.29
CA ILE B 1117 13.35 34.38 23.40
C ILE B 1117 13.56 32.88 23.26
N LEU B 1118 14.81 32.46 23.22
CA LEU B 1118 15.19 31.07 23.07
C LEU B 1118 15.91 30.61 24.33
N THR B 1119 15.48 29.49 24.90
CA THR B 1119 16.07 28.92 26.10
C THR B 1119 16.70 27.58 25.76
N ALA B 1120 17.90 27.34 26.30
CA ALA B 1120 18.59 26.09 26.06
C ALA B 1120 19.44 25.72 27.26
N GLU B 1121 19.74 24.43 27.39
CA GLU B 1121 20.58 23.91 28.45
C GLU B 1121 21.79 23.25 27.82
N LEU B 1122 22.98 23.62 28.30
CA LEU B 1122 24.24 23.08 27.77
C LEU B 1122 25.12 22.62 28.90
N ALA B 1123 26.01 21.68 28.60
CA ALA B 1123 26.98 21.18 29.57
C ALA B 1123 28.28 21.98 29.43
N ALA B 1124 28.75 22.53 30.54
CA ALA B 1124 29.97 23.32 30.53
C ALA B 1124 31.17 22.44 30.23
N ALA B 1125 32.13 23.00 29.50
CA ALA B 1125 33.35 22.26 29.14
C ALA B 1125 34.23 22.03 30.37
CAH O6E C . -16.33 -23.77 -49.56
CAC O6E C . -15.37 -22.65 -49.88
CBJ O6E C . -15.24 -21.58 -48.77
CBD O6E C . -14.66 -20.27 -49.31
CAT O6E C . -15.67 -19.34 -49.90
CAX O6E C . -13.94 -19.74 -48.09
OBQ O6E C . -13.67 -18.57 -47.83
NBP O6E C . -13.60 -20.82 -47.30
CBN O6E C . -14.25 -21.97 -47.70
CAQ O6E C . -14.03 -23.22 -47.18
CAY O6E C . -13.13 -23.57 -46.19
NAN O6E C . -12.27 -22.72 -45.53
CBE O6E C . -12.92 -24.88 -45.63
CAU O6E C . -13.66 -26.12 -46.04
CBK O6E C . -11.95 -24.77 -44.66
CAD O6E C . -11.40 -25.88 -43.81
CAI O6E C . -10.12 -26.52 -44.35
CAM O6E C . -9.54 -27.64 -43.50
OBG O6E C . -9.42 -28.77 -44.01
OBA O6E C . -9.22 -27.36 -42.32
CBO O6E C . -11.54 -23.41 -44.60
CAO O6E C . -10.57 -22.87 -43.77
CAV O6E C . -10.07 -21.60 -43.60
NAE O6E C . -10.46 -20.50 -44.31
CBB O6E C . -9.03 -21.24 -42.66
CAA O6E C . -8.65 -22.00 -41.43
CAF O6E C . -7.65 -23.13 -41.67
CAL O6E C . -6.23 -22.70 -41.96
OBF O6E C . -5.74 -21.78 -41.27
OAZ O6E C . -5.60 -23.30 -42.86
CBH O6E C . -8.54 -20.06 -43.13
CAR O6E C . -7.22 -19.45 -42.78
CBL O6E C . -9.56 -19.52 -44.02
CAP O6E C . -9.73 -18.18 -44.40
CAW O6E C . -8.89 -17.08 -44.48
CBC O6E C . -9.29 -15.71 -44.60
CAS O6E C . -10.69 -15.24 -44.80
NAJ O6E C . -7.50 -17.10 -44.59
CBM O6E C . -7.03 -15.86 -44.90
OAK O6E C . -5.96 -15.58 -45.41
CBI O6E C . -8.12 -14.92 -44.51
CAB O6E C . -8.03 -13.59 -44.11
CAG O6E C . -6.93 -12.90 -44.02
CAH O6E D . -8.98 -0.37 54.16
CAC O6E D . -9.44 0.21 52.83
CBJ O6E D . -8.53 -0.14 51.64
CBD O6E D . -7.14 0.53 51.66
CAT O6E D . -6.02 -0.23 52.32
CAX O6E D . -6.92 0.80 50.20
OBQ O6E D . -5.86 0.81 49.59
NBP O6E D . -8.17 0.99 49.62
CBN O6E D . -9.15 0.38 50.37
CAQ O6E D . -10.46 0.23 50.01
CAY O6E D . -11.09 0.71 48.88
NAN O6E D . -10.53 1.49 47.89
CBE O6E D . -12.47 0.53 48.53
CAU O6E D . -13.47 -0.26 49.33
CBK O6E D . -12.70 1.17 47.34
CAD O6E D . -13.99 1.24 46.58
CAI O6E D . -14.86 2.42 47.00
CAM O6E D . -16.20 2.54 46.29
OBG O6E D . -17.01 1.61 46.40
OBA O6E D . -16.42 3.59 45.63
CBO O6E D . -11.47 1.79 46.93
CAO O6E D . -11.26 2.53 45.78
CAV O6E D . -10.20 3.14 45.16
NAE O6E D . -8.91 3.15 45.60
CBB O6E D . -10.32 3.88 43.92
CAA O6E D . -11.60 4.33 43.28
CAF O6E D . -12.05 5.73 43.66
CAL O6E D . -13.48 6.01 43.27
OBF O6E D . -13.87 7.21 43.27
OAZ O6E D . -14.22 5.06 42.98
CBH O6E D . -9.05 4.05 43.49
CAR O6E D . -8.64 4.43 42.09
CBL O6E D . -8.17 3.73 44.60
CAP O6E D . -6.79 3.89 44.67
CAW O6E D . -5.83 4.58 43.94
CBC O6E D . -4.41 4.40 44.05
CAS O6E D . -3.74 3.15 44.53
NAJ O6E D . -6.01 5.63 43.04
CBM O6E D . -4.88 6.38 42.96
OAK O6E D . -4.80 7.49 42.45
CBI O6E D . -3.80 5.59 43.62
CAB O6E D . -2.46 5.93 43.80
CAG O6E D . -1.88 7.02 43.41
#